data_6K8S
#
_entry.id   6K8S
#
_cell.length_a   110.340
_cell.length_b   116.687
_cell.length_c   134.113
_cell.angle_alpha   90.000
_cell.angle_beta   90.000
_cell.angle_gamma   90.000
#
_symmetry.space_group_name_H-M   'P 21 21 21'
#
loop_
_entity.id
_entity.type
_entity.pdbx_description
1 polymer 'NAD-dependent epimerase/dehydratase:Short-chain dehydrogenase/reductase SDR'
2 non-polymer GLYCEROL
3 non-polymer 'SULFATE ION'
4 water water
#
_entity_poly.entity_id   1
_entity_poly.type   'polypeptide(L)'
_entity_poly.pdbx_seq_one_letter_code
;MGSSHHHHHHSSGLVPRGSHMGEATGARKAMPGFSENITGLHLGKVALITGGSAGIGGQVARLLALAGGKVMMVARRESE
LAVARARIVSELEDIGFAGVERRVQTLANVDVSNFESLKGAVDATLKAFGRIDYLINNAGVAGAEDMVVDMGVDAWDYTL
DANLVSNYFLMHHVAPLMKAQGSGYILNVSSYFGGEKYLAVAYPNRADYAVSKAGQRAMVESMARYLGPEVQFNAIAPGP
VDGDRLSGTGGKPGLFERRGKLILENKRLNAVHAAAIKAIRRGVRVEAVLARLARNDTVKMSHDTNNPRELRELALACAR
EGDGTCTWDQYLLTPQIAAALVSRLRQAGLFLDAPEWSERPVTEDGDWLLRVPPEDAPFLPADKIAAEAKKVGGGVLSKL
YLGKMPTEHDVAQATVFFLADRAVSGETFMPSGGLSVERSTTERELFGSPKQERLDQMRGKTVWIIGEHLVDYLAETARA
FIEDCHAANVVLITRTAEGFDAVEAQLDEDVAQSLTSLVVSSDIEAAMDEALSQWGRPTTILSTPFTALPGKLFEAQDPL
TPDEFREVVADNLTHHFRVSRRASLYDDCQLVLTSPDVAMGDKSPAFALANFIKTTLHAFTATLAVENERLVHDVPVNQI
NLTRRVQSEEPRDLDEHLEEVRRFARAVLLVGAPLPDAEDSRYRARIYRGMSMTV
;
_entity_poly.pdbx_strand_id   A,B
#
loop_
_chem_comp.id
_chem_comp.type
_chem_comp.name
_chem_comp.formula
GOL non-polymer GLYCEROL 'C3 H8 O3'
SO4 non-polymer 'SULFATE ION' 'O4 S -2'
#
# COMPACT_ATOMS: atom_id res chain seq x y z
N PHE A 34 12.81 30.49 -26.55
CA PHE A 34 13.00 30.14 -25.11
C PHE A 34 11.67 29.71 -24.50
N SER A 35 10.63 30.53 -24.69
CA SER A 35 9.26 30.39 -24.12
C SER A 35 8.84 28.92 -24.09
N GLU A 36 8.83 28.29 -25.27
CA GLU A 36 8.23 26.94 -25.39
C GLU A 36 9.16 25.90 -26.00
N ASN A 37 10.46 26.02 -25.78
CA ASN A 37 11.34 24.95 -26.30
C ASN A 37 11.52 23.90 -25.19
N ILE A 38 10.95 22.71 -25.38
CA ILE A 38 11.19 21.58 -24.44
C ILE A 38 11.59 20.37 -25.28
N THR A 39 12.34 20.60 -26.36
CA THR A 39 12.76 19.49 -27.25
C THR A 39 13.73 18.56 -26.52
N GLY A 40 14.49 19.08 -25.58
CA GLY A 40 15.45 18.22 -24.86
C GLY A 40 14.75 17.01 -24.28
N LEU A 41 13.43 17.12 -24.05
CA LEU A 41 12.67 16.02 -23.42
C LEU A 41 12.59 14.79 -24.33
N HIS A 42 12.21 14.95 -25.60
CA HIS A 42 11.89 13.73 -26.42
C HIS A 42 12.51 13.71 -27.83
N LEU A 43 13.52 14.53 -28.09
CA LEU A 43 14.04 14.70 -29.46
C LEU A 43 14.40 13.35 -30.05
N GLY A 44 13.76 13.00 -31.17
CA GLY A 44 14.05 11.79 -31.91
C GLY A 44 13.38 10.55 -31.36
N LYS A 45 12.71 10.62 -30.19
CA LYS A 45 12.11 9.41 -29.59
C LYS A 45 10.86 9.07 -30.39
N VAL A 46 10.67 7.80 -30.69
CA VAL A 46 9.53 7.30 -31.49
C VAL A 46 8.44 6.69 -30.60
N ALA A 47 7.22 7.20 -30.70
CA ALA A 47 6.09 6.68 -29.89
C ALA A 47 5.01 6.10 -30.80
N LEU A 48 4.49 4.97 -30.37
CA LEU A 48 3.21 4.38 -30.85
C LEU A 48 2.13 4.64 -29.80
N ILE A 49 1.09 5.35 -30.20
CA ILE A 49 -0.04 5.70 -29.31
C ILE A 49 -1.33 5.11 -29.88
N THR A 50 -1.95 4.20 -29.14
CA THR A 50 -3.28 3.65 -29.46
C THR A 50 -4.36 4.63 -29.03
N GLY A 51 -5.47 4.66 -29.77
CA GLY A 51 -6.50 5.69 -29.56
C GLY A 51 -5.89 7.09 -29.67
N GLY A 52 -5.02 7.31 -30.64
CA GLY A 52 -4.16 8.50 -30.70
C GLY A 52 -4.84 9.68 -31.38
N SER A 53 -6.12 9.60 -31.70
CA SER A 53 -6.83 10.60 -32.55
C SER A 53 -7.64 11.60 -31.71
N ALA A 54 -7.83 11.34 -30.42
CA ALA A 54 -8.79 12.08 -29.59
C ALA A 54 -8.42 11.89 -28.12
N GLY A 55 -9.05 12.69 -27.28
CA GLY A 55 -8.90 12.58 -25.82
C GLY A 55 -7.44 12.69 -25.40
N ILE A 56 -7.12 12.06 -24.30
CA ILE A 56 -5.73 12.06 -23.78
C ILE A 56 -4.74 11.60 -24.85
N GLY A 57 -5.04 10.52 -25.57
CA GLY A 57 -4.13 9.95 -26.57
C GLY A 57 -3.71 11.01 -27.60
N GLY A 58 -4.66 11.74 -28.14
CA GLY A 58 -4.39 12.78 -29.13
C GLY A 58 -3.52 13.88 -28.54
N GLN A 59 -3.71 14.19 -27.28
CA GLN A 59 -2.96 15.30 -26.66
C GLN A 59 -1.54 14.80 -26.36
N VAL A 60 -1.38 13.53 -25.99
CA VAL A 60 -0.02 12.94 -25.82
C VAL A 60 0.72 12.99 -27.16
N ALA A 61 0.09 12.56 -28.26
CA ALA A 61 0.71 12.64 -29.60
C ALA A 61 1.19 14.07 -29.87
N ARG A 62 0.32 15.04 -29.65
CA ARG A 62 0.59 16.46 -29.94
C ARG A 62 1.78 16.92 -29.09
N LEU A 63 1.74 16.64 -27.79
CA LEU A 63 2.78 17.18 -26.87
C LEU A 63 4.12 16.45 -27.05
N LEU A 64 4.13 15.13 -27.33
CA LEU A 64 5.38 14.42 -27.68
C LEU A 64 5.98 15.05 -28.94
N ALA A 65 5.19 15.37 -29.94
CA ALA A 65 5.70 15.96 -31.21
C ALA A 65 6.32 17.33 -30.90
N LEU A 66 5.65 18.16 -30.11
CA LEU A 66 6.14 19.53 -29.77
C LEU A 66 7.44 19.43 -28.95
N ALA A 67 7.65 18.30 -28.26
CA ALA A 67 8.85 17.99 -27.45
C ALA A 67 9.91 17.26 -28.28
N GLY A 68 9.73 17.24 -29.60
CA GLY A 68 10.74 16.76 -30.55
C GLY A 68 10.59 15.30 -30.89
N GLY A 69 9.54 14.64 -30.39
CA GLY A 69 9.33 13.21 -30.64
C GLY A 69 8.69 12.97 -32.00
N LYS A 70 8.80 11.74 -32.47
CA LYS A 70 8.12 11.26 -33.70
C LYS A 70 6.97 10.38 -33.23
N VAL A 71 5.81 10.49 -33.84
CA VAL A 71 4.64 9.74 -33.32
C VAL A 71 3.98 8.99 -34.46
N MET A 72 3.59 7.75 -34.18
CA MET A 72 2.63 6.97 -34.95
C MET A 72 1.33 6.95 -34.14
N MET A 73 0.33 7.68 -34.61
CA MET A 73 -1.00 7.80 -33.99
C MET A 73 -1.88 6.76 -34.65
N VAL A 74 -2.46 5.88 -33.86
CA VAL A 74 -3.35 4.84 -34.47
C VAL A 74 -4.72 4.90 -33.83
N ALA A 75 -5.75 4.60 -34.60
CA ALA A 75 -7.14 4.70 -34.15
C ALA A 75 -8.03 4.13 -35.25
N ARG A 76 -9.34 4.07 -35.01
CA ARG A 76 -10.28 3.47 -35.98
C ARG A 76 -10.45 4.40 -37.19
N ARG A 77 -10.75 5.67 -36.97
CA ARG A 77 -11.31 6.52 -38.07
C ARG A 77 -10.21 7.34 -38.74
N GLU A 78 -9.98 7.07 -40.03
CA GLU A 78 -9.08 7.93 -40.85
C GLU A 78 -9.44 9.42 -40.68
N SER A 79 -10.71 9.81 -40.73
CA SER A 79 -11.11 11.25 -40.77
C SER A 79 -10.61 11.94 -39.50
N GLU A 80 -10.76 11.28 -38.35
CA GLU A 80 -10.34 11.86 -37.06
C GLU A 80 -8.81 11.93 -36.94
N LEU A 81 -8.11 10.88 -37.36
CA LEU A 81 -6.64 10.85 -37.39
C LEU A 81 -6.12 12.01 -38.24
N ALA A 82 -6.72 12.22 -39.42
CA ALA A 82 -6.20 13.25 -40.37
C ALA A 82 -6.30 14.64 -39.73
N VAL A 83 -7.41 14.97 -39.04
CA VAL A 83 -7.62 16.28 -38.37
C VAL A 83 -6.53 16.42 -37.29
N ALA A 84 -6.39 15.41 -36.44
CA ALA A 84 -5.41 15.44 -35.33
C ALA A 84 -3.99 15.65 -35.89
N ARG A 85 -3.57 14.83 -36.87
CA ARG A 85 -2.23 14.92 -37.51
C ARG A 85 -2.05 16.31 -38.11
N ALA A 86 -3.06 16.83 -38.82
CA ALA A 86 -2.91 18.12 -39.54
C ALA A 86 -2.68 19.25 -38.54
N ARG A 87 -3.45 19.26 -37.43
CA ARG A 87 -3.30 20.26 -36.36
C ARG A 87 -1.91 20.19 -35.73
N ILE A 88 -1.38 18.98 -35.52
CA ILE A 88 -0.04 18.84 -34.92
C ILE A 88 1.00 19.37 -35.90
N VAL A 89 0.95 18.94 -37.15
CA VAL A 89 1.92 19.32 -38.22
C VAL A 89 1.89 20.85 -38.36
N SER A 90 0.71 21.47 -38.36
CA SER A 90 0.58 22.96 -38.38
C SER A 90 1.34 23.60 -37.21
N GLU A 91 1.11 23.15 -35.97
CA GLU A 91 1.77 23.74 -34.77
C GLU A 91 3.28 23.51 -34.82
N LEU A 92 3.74 22.37 -35.34
CA LEU A 92 5.19 22.10 -35.47
C LEU A 92 5.77 23.14 -36.44
N GLU A 93 5.16 23.32 -37.62
CA GLU A 93 5.61 24.33 -38.64
C GLU A 93 5.80 25.68 -37.93
N ASP A 94 4.77 26.13 -37.23
CA ASP A 94 4.69 27.41 -36.47
C ASP A 94 5.90 27.58 -35.54
N ILE A 95 6.09 26.69 -34.56
CA ILE A 95 7.19 26.85 -33.54
C ILE A 95 8.55 26.58 -34.20
N GLY A 96 8.59 26.17 -35.47
CA GLY A 96 9.79 26.27 -36.32
C GLY A 96 10.51 24.97 -36.56
N PHE A 97 9.83 23.81 -36.50
CA PHE A 97 10.43 22.51 -36.91
C PHE A 97 10.57 22.48 -38.44
N ALA A 98 11.48 21.63 -38.94
CA ALA A 98 11.76 21.32 -40.36
C ALA A 98 11.69 19.81 -40.57
N GLY A 99 11.32 19.37 -41.78
CA GLY A 99 11.04 17.96 -42.10
C GLY A 99 9.89 17.46 -41.24
N VAL A 100 8.87 18.28 -41.05
CA VAL A 100 7.75 18.08 -40.09
C VAL A 100 6.79 16.98 -40.58
N GLU A 101 6.59 16.85 -41.89
CA GLU A 101 5.68 15.83 -42.47
C GLU A 101 6.06 14.46 -41.89
N ARG A 102 7.34 14.12 -41.89
CA ARG A 102 7.78 12.72 -41.67
C ARG A 102 7.74 12.41 -40.17
N ARG A 103 7.47 13.39 -39.31
CA ARG A 103 7.57 13.28 -37.82
C ARG A 103 6.27 12.78 -37.20
N VAL A 104 5.14 13.00 -37.88
CA VAL A 104 3.82 12.66 -37.35
C VAL A 104 3.15 11.78 -38.38
N GLN A 105 2.88 10.53 -38.05
CA GLN A 105 2.25 9.59 -39.00
C GLN A 105 1.04 8.95 -38.33
N THR A 106 0.17 8.35 -39.15
CA THR A 106 -1.11 7.80 -38.68
C THR A 106 -1.32 6.42 -39.28
N LEU A 107 -2.11 5.60 -38.61
CA LEU A 107 -2.67 4.39 -39.23
C LEU A 107 -4.08 4.20 -38.69
N ALA A 108 -4.99 4.10 -39.63
CA ALA A 108 -6.44 3.92 -39.38
C ALA A 108 -6.83 2.44 -39.32
N ASN A 109 -8.09 2.17 -38.98
CA ASN A 109 -8.65 0.81 -38.82
C ASN A 109 -7.89 0.02 -37.76
N VAL A 110 -7.37 0.67 -36.72
CA VAL A 110 -6.63 -0.04 -35.61
C VAL A 110 -7.52 0.08 -34.40
N ASP A 111 -7.95 -1.07 -33.96
CA ASP A 111 -9.03 -1.29 -33.00
C ASP A 111 -8.46 -2.31 -31.99
N VAL A 112 -8.48 -1.99 -30.70
CA VAL A 112 -7.95 -2.88 -29.64
C VAL A 112 -8.76 -4.17 -29.52
N SER A 113 -9.94 -4.25 -30.10
CA SER A 113 -10.67 -5.54 -30.22
C SER A 113 -10.28 -6.30 -31.51
N ASN A 114 -9.28 -5.83 -32.26
CA ASN A 114 -8.74 -6.54 -33.46
C ASN A 114 -7.23 -6.66 -33.31
N PHE A 115 -6.76 -7.78 -32.77
CA PHE A 115 -5.32 -7.89 -32.43
C PHE A 115 -4.48 -7.84 -33.70
N GLU A 116 -4.91 -8.42 -34.82
CA GLU A 116 -4.20 -8.32 -36.13
C GLU A 116 -3.92 -6.84 -36.48
N SER A 117 -4.89 -5.95 -36.25
CA SER A 117 -4.74 -4.50 -36.53
C SER A 117 -3.69 -3.89 -35.59
N LEU A 118 -3.53 -4.42 -34.37
CA LEU A 118 -2.49 -3.89 -33.42
C LEU A 118 -1.11 -4.27 -33.93
N LYS A 119 -0.97 -5.49 -34.44
CA LYS A 119 0.32 -5.94 -34.99
C LYS A 119 0.65 -5.04 -36.19
N GLY A 120 -0.35 -4.70 -37.00
CA GLY A 120 -0.13 -3.79 -38.13
C GLY A 120 0.38 -2.43 -37.68
N ALA A 121 -0.06 -1.94 -36.51
CA ALA A 121 0.37 -0.64 -35.97
C ALA A 121 1.84 -0.74 -35.57
N VAL A 122 2.29 -1.87 -35.02
CA VAL A 122 3.73 -2.08 -34.72
C VAL A 122 4.51 -2.06 -36.04
N ASP A 123 4.08 -2.83 -37.03
CA ASP A 123 4.77 -2.90 -38.34
C ASP A 123 4.86 -1.50 -38.95
N ALA A 124 3.79 -0.71 -38.89
CA ALA A 124 3.71 0.63 -39.52
C ALA A 124 4.73 1.53 -38.84
N THR A 125 4.85 1.41 -37.51
CA THR A 125 5.76 2.27 -36.73
C THR A 125 7.19 1.96 -37.16
N LEU A 126 7.50 0.67 -37.32
CA LEU A 126 8.89 0.22 -37.73
C LEU A 126 9.18 0.68 -39.17
N LYS A 127 8.21 0.56 -40.06
CA LYS A 127 8.39 0.98 -41.47
C LYS A 127 8.63 2.50 -41.54
N ALA A 128 7.89 3.31 -40.77
CA ALA A 128 7.95 4.79 -40.78
C ALA A 128 9.22 5.28 -40.11
N PHE A 129 9.66 4.66 -38.99
CA PHE A 129 10.66 5.35 -38.12
C PHE A 129 11.89 4.47 -37.85
N GLY A 130 11.86 3.19 -38.16
CA GLY A 130 13.01 2.29 -38.00
C GLY A 130 13.11 1.68 -36.61
N ARG A 131 12.24 2.09 -35.69
CA ARG A 131 12.38 1.63 -34.28
C ARG A 131 11.13 2.03 -33.52
N ILE A 132 10.97 1.51 -32.30
CA ILE A 132 9.94 2.07 -31.39
C ILE A 132 10.62 2.31 -30.04
N ASP A 133 10.51 3.50 -29.49
CA ASP A 133 11.03 3.85 -28.14
C ASP A 133 9.92 3.71 -27.10
N TYR A 134 8.76 4.30 -27.34
CA TYR A 134 7.63 4.35 -26.39
C TYR A 134 6.40 3.66 -26.98
N LEU A 135 5.77 2.83 -26.16
CA LEU A 135 4.44 2.26 -26.43
C LEU A 135 3.51 2.89 -25.41
N ILE A 136 2.52 3.63 -25.87
CA ILE A 136 1.50 4.24 -25.01
C ILE A 136 0.20 3.49 -25.19
N ASN A 137 -0.08 2.60 -24.24
CA ASN A 137 -1.28 1.71 -24.27
C ASN A 137 -2.46 2.53 -23.75
N ASN A 138 -3.02 3.36 -24.62
CA ASN A 138 -4.05 4.37 -24.26
C ASN A 138 -5.48 3.90 -24.59
N ALA A 139 -5.72 3.25 -25.73
CA ALA A 139 -7.10 2.97 -26.18
C ALA A 139 -7.79 2.09 -25.16
N GLY A 140 -9.09 2.26 -24.99
CA GLY A 140 -9.86 1.40 -24.06
C GLY A 140 -11.34 1.64 -24.28
N VAL A 141 -12.16 0.84 -23.65
CA VAL A 141 -13.64 0.90 -23.75
C VAL A 141 -14.18 1.00 -22.32
N ALA A 142 -15.38 1.55 -22.19
CA ALA A 142 -16.07 1.74 -20.89
C ALA A 142 -16.60 0.37 -20.41
N GLY A 143 -16.93 -0.55 -21.33
CA GLY A 143 -17.36 -1.91 -20.98
C GLY A 143 -18.86 -2.01 -20.79
N ALA A 144 -19.31 -3.02 -20.05
CA ALA A 144 -20.72 -3.49 -20.06
C ALA A 144 -21.64 -2.53 -19.29
N GLU A 145 -21.17 -1.88 -18.22
CA GLU A 145 -21.98 -0.94 -17.40
C GLU A 145 -23.24 -1.68 -16.94
N ASP A 146 -23.04 -2.80 -16.29
CA ASP A 146 -24.07 -3.69 -15.70
C ASP A 146 -23.51 -4.21 -14.38
N MET A 147 -24.40 -4.51 -13.43
CA MET A 147 -24.04 -5.31 -12.25
C MET A 147 -23.53 -6.67 -12.73
N VAL A 148 -22.68 -7.28 -11.93
CA VAL A 148 -22.14 -8.61 -12.30
C VAL A 148 -23.28 -9.60 -12.53
N VAL A 149 -24.30 -9.63 -11.68
CA VAL A 149 -25.41 -10.62 -11.84
C VAL A 149 -26.19 -10.39 -13.14
N ASP A 150 -26.05 -9.24 -13.77
CA ASP A 150 -26.80 -8.93 -15.02
C ASP A 150 -25.87 -8.96 -16.23
N MET A 151 -24.56 -9.03 -16.01
CA MET A 151 -23.55 -8.89 -17.08
C MET A 151 -23.42 -10.22 -17.85
N GLY A 152 -23.43 -10.16 -19.17
CA GLY A 152 -23.12 -11.37 -19.97
C GLY A 152 -21.63 -11.69 -19.99
N VAL A 153 -21.29 -12.95 -20.23
CA VAL A 153 -19.87 -13.37 -20.36
C VAL A 153 -19.23 -12.72 -21.59
N ASP A 154 -19.98 -12.56 -22.70
CA ASP A 154 -19.45 -11.94 -23.95
C ASP A 154 -19.06 -10.48 -23.69
N ALA A 155 -19.88 -9.74 -22.95
CA ALA A 155 -19.65 -8.32 -22.61
C ALA A 155 -18.38 -8.20 -21.74
N TRP A 156 -18.26 -9.03 -20.71
CA TRP A 156 -17.06 -9.14 -19.84
C TRP A 156 -15.84 -9.44 -20.70
N ASP A 157 -15.91 -10.44 -21.57
CA ASP A 157 -14.74 -10.83 -22.38
C ASP A 157 -14.34 -9.68 -23.29
N TYR A 158 -15.33 -8.99 -23.88
CA TYR A 158 -15.08 -7.86 -24.79
C TYR A 158 -14.24 -6.79 -24.07
N THR A 159 -14.62 -6.44 -22.84
CA THR A 159 -13.91 -5.43 -22.03
C THR A 159 -12.49 -5.91 -21.72
N LEU A 160 -12.35 -7.13 -21.23
CA LEU A 160 -11.01 -7.60 -20.80
C LEU A 160 -10.11 -7.74 -22.02
N ASP A 161 -10.62 -8.18 -23.15
CA ASP A 161 -9.78 -8.30 -24.37
C ASP A 161 -9.35 -6.90 -24.82
N ALA A 162 -10.26 -5.93 -24.84
CA ALA A 162 -10.01 -4.58 -25.38
C ALA A 162 -9.06 -3.82 -24.48
N ASN A 163 -9.34 -3.87 -23.18
CA ASN A 163 -8.61 -3.03 -22.19
C ASN A 163 -7.35 -3.66 -21.60
N LEU A 164 -7.30 -4.99 -21.49
CA LEU A 164 -6.16 -5.63 -20.78
C LEU A 164 -5.35 -6.53 -21.71
N VAL A 165 -6.01 -7.48 -22.34
CA VAL A 165 -5.29 -8.45 -23.21
C VAL A 165 -4.62 -7.73 -24.37
N SER A 166 -5.23 -6.67 -24.92
CA SER A 166 -4.66 -5.83 -26.01
C SER A 166 -3.32 -5.25 -25.57
N ASN A 167 -3.23 -4.89 -24.29
CA ASN A 167 -2.00 -4.25 -23.79
C ASN A 167 -0.91 -5.31 -23.76
N TYR A 168 -1.28 -6.52 -23.35
CA TYR A 168 -0.30 -7.62 -23.28
C TYR A 168 0.15 -8.00 -24.70
N PHE A 169 -0.80 -8.03 -25.62
CA PHE A 169 -0.51 -8.29 -27.04
C PHE A 169 0.59 -7.35 -27.54
N LEU A 170 0.41 -6.07 -27.33
CA LEU A 170 1.40 -5.06 -27.78
C LEU A 170 2.69 -5.18 -27.00
N MET A 171 2.64 -5.43 -25.69
CA MET A 171 3.89 -5.62 -24.90
C MET A 171 4.69 -6.80 -25.46
N HIS A 172 4.03 -7.90 -25.73
CA HIS A 172 4.62 -9.15 -26.30
C HIS A 172 5.39 -8.88 -27.59
N HIS A 173 4.84 -8.09 -28.52
CA HIS A 173 5.48 -7.73 -29.80
C HIS A 173 6.58 -6.66 -29.61
N VAL A 174 6.41 -5.65 -28.74
CA VAL A 174 7.38 -4.51 -28.72
C VAL A 174 8.52 -4.79 -27.75
N ALA A 175 8.30 -5.54 -26.69
CA ALA A 175 9.35 -5.71 -25.66
C ALA A 175 10.64 -6.25 -26.28
N PRO A 176 10.60 -7.27 -27.16
CA PRO A 176 11.83 -7.83 -27.72
C PRO A 176 12.57 -6.79 -28.58
N LEU A 177 11.82 -5.95 -29.28
CA LEU A 177 12.44 -4.87 -30.12
C LEU A 177 13.20 -3.93 -29.19
N MET A 178 12.53 -3.54 -28.11
CA MET A 178 13.12 -2.54 -27.20
C MET A 178 14.35 -3.15 -26.51
N LYS A 179 14.23 -4.40 -26.09
CA LYS A 179 15.33 -5.06 -25.37
C LYS A 179 16.53 -5.13 -26.33
N ALA A 180 16.29 -5.43 -27.61
CA ALA A 180 17.37 -5.59 -28.61
C ALA A 180 18.06 -4.23 -28.84
N GLN A 181 17.35 -3.11 -28.83
CA GLN A 181 18.01 -1.79 -29.02
C GLN A 181 18.57 -1.25 -27.70
N GLY A 182 18.26 -1.86 -26.57
CA GLY A 182 18.88 -1.53 -25.28
C GLY A 182 18.06 -0.56 -24.47
N SER A 183 16.90 -0.11 -24.95
CA SER A 183 16.07 0.87 -24.20
C SER A 183 14.65 0.86 -24.71
N GLY A 184 13.72 1.21 -23.83
CA GLY A 184 12.33 1.51 -24.26
C GLY A 184 11.48 1.86 -23.06
N TYR A 185 10.28 2.29 -23.37
CA TYR A 185 9.30 2.68 -22.33
C TYR A 185 7.92 2.17 -22.74
N ILE A 186 7.28 1.42 -21.86
CA ILE A 186 5.86 1.02 -22.04
C ILE A 186 5.05 1.72 -20.96
N LEU A 187 4.00 2.41 -21.37
CA LEU A 187 3.14 3.14 -20.42
C LEU A 187 1.70 2.72 -20.60
N ASN A 188 1.12 2.10 -19.59
CA ASN A 188 -0.29 1.67 -19.60
C ASN A 188 -1.16 2.81 -19.06
N VAL A 189 -2.19 3.13 -19.81
CA VAL A 189 -3.11 4.18 -19.32
C VAL A 189 -4.22 3.44 -18.57
N SER A 190 -4.07 3.39 -17.26
CA SER A 190 -5.04 2.75 -16.33
C SER A 190 -6.03 3.80 -15.86
N SER A 191 -6.66 3.53 -14.73
CA SER A 191 -7.64 4.47 -14.16
C SER A 191 -7.54 4.43 -12.65
N TYR A 192 -7.81 5.58 -12.04
CA TYR A 192 -7.93 5.67 -10.57
C TYR A 192 -8.82 4.53 -10.08
N PHE A 193 -9.85 4.24 -10.83
CA PHE A 193 -10.88 3.22 -10.45
C PHE A 193 -10.39 1.79 -10.72
N GLY A 194 -9.13 1.63 -11.13
CA GLY A 194 -8.46 0.33 -11.05
C GLY A 194 -7.76 0.12 -9.73
N GLY A 195 -7.78 1.12 -8.85
CA GLY A 195 -7.15 1.02 -7.53
C GLY A 195 -5.71 1.48 -7.51
N GLU A 196 -5.03 1.16 -6.42
CA GLU A 196 -3.59 1.44 -6.27
C GLU A 196 -2.93 0.31 -5.50
N LYS A 197 -1.61 0.32 -5.48
CA LYS A 197 -0.89 -0.82 -4.92
C LYS A 197 -1.34 -1.04 -3.47
N TYR A 198 -1.69 -2.28 -3.13
CA TYR A 198 -2.13 -2.70 -1.77
C TYR A 198 -3.53 -2.17 -1.45
N LEU A 199 -4.22 -1.41 -2.32
CA LEU A 199 -5.53 -0.83 -1.94
C LEU A 199 -6.51 -0.92 -3.11
N ALA A 200 -7.38 -1.90 -3.08
CA ALA A 200 -8.41 -2.08 -4.12
C ALA A 200 -9.49 -1.00 -3.95
N VAL A 201 -10.22 -0.70 -5.02
CA VAL A 201 -11.38 0.20 -4.91
C VAL A 201 -12.56 -0.48 -5.59
N ALA A 202 -13.73 -0.39 -4.96
CA ALA A 202 -14.99 -0.86 -5.56
C ALA A 202 -15.39 0.13 -6.68
N TYR A 203 -15.89 -0.36 -7.78
CA TYR A 203 -16.43 0.50 -8.84
C TYR A 203 -17.74 -0.14 -9.30
N PRO A 204 -18.83 0.01 -8.51
CA PRO A 204 -20.04 -0.76 -8.77
C PRO A 204 -20.66 -0.46 -10.16
N ASN A 205 -21.16 -1.53 -10.79
N ASN A 205 -21.20 -1.48 -10.82
CA ASN A 205 -21.76 -1.57 -12.14
CA ASN A 205 -21.77 -1.41 -12.19
C ASN A 205 -20.66 -1.48 -13.21
C ASN A 205 -20.67 -1.47 -13.23
N ARG A 206 -19.39 -1.54 -12.81
CA ARG A 206 -18.25 -1.45 -13.76
C ARG A 206 -17.19 -2.52 -13.48
N ALA A 207 -17.58 -3.67 -12.95
CA ALA A 207 -16.60 -4.69 -12.49
C ALA A 207 -15.68 -5.11 -13.63
N ASP A 208 -16.18 -5.19 -14.86
CA ASP A 208 -15.36 -5.59 -16.02
C ASP A 208 -14.28 -4.53 -16.25
N TYR A 209 -14.72 -3.29 -16.29
CA TYR A 209 -13.82 -2.14 -16.49
C TYR A 209 -12.79 -2.08 -15.34
N ALA A 210 -13.25 -2.17 -14.12
CA ALA A 210 -12.38 -2.06 -12.92
C ALA A 210 -11.30 -3.12 -12.96
N VAL A 211 -11.67 -4.37 -13.19
CA VAL A 211 -10.71 -5.49 -13.36
C VAL A 211 -9.73 -5.20 -14.48
N SER A 212 -10.19 -4.69 -15.63
CA SER A 212 -9.27 -4.43 -16.76
C SER A 212 -8.26 -3.35 -16.37
N LYS A 213 -8.70 -2.30 -15.68
CA LYS A 213 -7.84 -1.16 -15.29
C LYS A 213 -6.87 -1.62 -14.19
N ALA A 214 -7.36 -2.40 -13.24
CA ALA A 214 -6.53 -2.97 -12.18
C ALA A 214 -5.47 -3.89 -12.82
N GLY A 215 -5.86 -4.66 -13.81
CA GLY A 215 -4.89 -5.52 -14.55
C GLY A 215 -3.79 -4.74 -15.21
N GLN A 216 -4.10 -3.62 -15.86
CA GLN A 216 -3.06 -2.75 -16.47
C GLN A 216 -2.01 -2.34 -15.46
N ARG A 217 -2.45 -1.97 -14.27
CA ARG A 217 -1.55 -1.55 -13.18
C ARG A 217 -0.79 -2.77 -12.66
N ALA A 218 -1.50 -3.89 -12.40
CA ALA A 218 -0.93 -5.14 -11.84
C ALA A 218 0.17 -5.67 -12.78
N MET A 219 0.02 -5.48 -14.09
CA MET A 219 1.11 -5.88 -15.00
C MET A 219 2.37 -5.05 -14.69
N VAL A 220 2.20 -3.75 -14.48
CA VAL A 220 3.34 -2.86 -14.16
C VAL A 220 4.02 -3.32 -12.86
N GLU A 221 3.23 -3.59 -11.85
CA GLU A 221 3.72 -3.95 -10.50
C GLU A 221 4.45 -5.28 -10.57
N SER A 222 3.92 -6.29 -11.29
CA SER A 222 4.46 -7.67 -11.20
C SER A 222 5.39 -8.00 -12.36
N MET A 223 5.32 -7.30 -13.50
CA MET A 223 6.14 -7.62 -14.71
C MET A 223 7.29 -6.66 -14.97
N ALA A 224 7.36 -5.47 -14.38
CA ALA A 224 8.45 -4.52 -14.64
C ALA A 224 9.80 -5.20 -14.43
N ARG A 225 9.93 -6.09 -13.46
CA ARG A 225 11.20 -6.79 -13.20
C ARG A 225 11.69 -7.48 -14.47
N TYR A 226 10.79 -8.07 -15.23
CA TYR A 226 11.13 -8.88 -16.43
C TYR A 226 11.29 -8.01 -17.66
N LEU A 227 10.77 -6.77 -17.71
CA LEU A 227 11.01 -5.86 -18.85
C LEU A 227 12.32 -5.10 -18.66
N GLY A 228 12.76 -4.94 -17.42
CA GLY A 228 14.09 -4.41 -17.15
C GLY A 228 15.14 -5.47 -17.50
N PRO A 229 16.41 -5.05 -17.58
CA PRO A 229 16.79 -3.66 -17.31
C PRO A 229 16.60 -2.63 -18.41
N GLU A 230 16.24 -3.04 -19.62
CA GLU A 230 16.22 -2.13 -20.80
C GLU A 230 14.97 -1.24 -20.79
N VAL A 231 13.82 -1.79 -20.41
CA VAL A 231 12.51 -1.17 -20.64
C VAL A 231 11.93 -0.70 -19.30
N GLN A 232 11.58 0.56 -19.27
CA GLN A 232 10.78 1.15 -18.18
C GLN A 232 9.35 0.74 -18.39
N PHE A 233 8.66 0.38 -17.33
CA PHE A 233 7.24 -0.04 -17.46
C PHE A 233 6.47 0.57 -16.30
N ASN A 234 5.60 1.51 -16.63
CA ASN A 234 4.81 2.29 -15.66
C ASN A 234 3.39 2.44 -16.15
N ALA A 235 2.51 2.93 -15.27
CA ALA A 235 1.11 3.25 -15.60
C ALA A 235 0.82 4.68 -15.18
N ILE A 236 -0.28 5.21 -15.71
CA ILE A 236 -0.96 6.39 -15.14
C ILE A 236 -2.37 5.97 -14.79
N ALA A 237 -2.90 6.61 -13.75
CA ALA A 237 -4.25 6.32 -13.25
C ALA A 237 -4.98 7.62 -12.99
N PRO A 238 -5.36 8.35 -14.05
CA PRO A 238 -6.24 9.48 -13.88
C PRO A 238 -7.62 9.03 -13.44
N GLY A 239 -8.35 9.94 -12.83
CA GLY A 239 -9.76 9.73 -12.56
C GLY A 239 -10.56 10.29 -13.72
N PRO A 240 -11.72 10.89 -13.47
CA PRO A 240 -12.44 11.61 -14.52
C PRO A 240 -11.58 12.78 -15.05
N VAL A 241 -11.64 12.97 -16.38
CA VAL A 241 -10.81 13.95 -17.12
C VAL A 241 -11.75 14.91 -17.86
N ASP A 242 -11.56 16.20 -17.64
CA ASP A 242 -12.38 17.27 -18.28
C ASP A 242 -12.06 17.31 -19.79
N GLY A 243 -13.06 17.01 -20.63
CA GLY A 243 -12.97 17.18 -22.10
C GLY A 243 -14.30 16.89 -22.77
N ASP A 244 -14.33 16.77 -24.09
CA ASP A 244 -15.56 16.53 -24.89
C ASP A 244 -16.27 15.27 -24.40
N ARG A 245 -15.52 14.19 -24.14
CA ARG A 245 -16.15 12.88 -23.81
C ARG A 245 -16.90 13.02 -22.48
N LEU A 246 -16.27 13.57 -21.44
CA LEU A 246 -17.00 13.71 -20.15
C LEU A 246 -18.16 14.70 -20.24
N SER A 247 -17.93 15.86 -20.86
CA SER A 247 -18.97 16.91 -21.00
C SER A 247 -20.12 16.44 -21.89
N GLY A 248 -19.78 15.77 -22.98
CA GLY A 248 -20.76 15.33 -23.99
C GLY A 248 -20.87 16.36 -25.11
N THR A 249 -21.04 15.89 -26.34
CA THR A 249 -21.15 16.79 -27.53
C THR A 249 -22.28 16.29 -28.43
N GLY A 250 -22.74 17.10 -29.37
CA GLY A 250 -23.88 16.67 -30.20
C GLY A 250 -25.16 16.71 -29.38
N GLY A 251 -25.86 15.58 -29.27
CA GLY A 251 -26.91 15.35 -28.27
C GLY A 251 -26.53 14.25 -27.30
N LYS A 252 -25.28 13.75 -27.43
CA LYS A 252 -24.71 12.61 -26.67
C LYS A 252 -24.54 13.03 -25.20
N PRO A 253 -25.28 12.41 -24.25
CA PRO A 253 -25.13 12.71 -22.82
C PRO A 253 -23.67 12.72 -22.36
N GLY A 254 -23.33 13.66 -21.47
CA GLY A 254 -22.06 13.60 -20.73
C GLY A 254 -21.99 12.33 -19.89
N LEU A 255 -20.79 11.93 -19.47
CA LEU A 255 -20.59 10.68 -18.70
C LEU A 255 -21.43 10.69 -17.42
N PHE A 256 -21.47 11.80 -16.67
CA PHE A 256 -22.15 11.79 -15.34
C PHE A 256 -23.66 11.60 -15.54
N GLU A 257 -24.21 12.18 -16.61
CA GLU A 257 -25.63 12.05 -16.99
C GLU A 257 -25.90 10.59 -17.38
N ARG A 258 -24.96 9.97 -18.11
CA ARG A 258 -24.99 8.54 -18.51
C ARG A 258 -25.06 7.66 -17.26
N ARG A 259 -24.10 7.83 -16.38
CA ARG A 259 -24.05 7.13 -15.08
C ARG A 259 -25.36 7.35 -14.30
N GLY A 260 -25.93 8.56 -14.28
CA GLY A 260 -27.12 8.87 -13.48
C GLY A 260 -28.33 8.09 -13.96
N LYS A 261 -28.51 7.98 -15.25
CA LYS A 261 -29.67 7.23 -15.81
C LYS A 261 -29.53 5.73 -15.51
N LEU A 262 -28.31 5.21 -15.63
CA LEU A 262 -28.06 3.77 -15.33
C LEU A 262 -28.32 3.53 -13.83
N ILE A 263 -27.95 4.47 -12.96
CA ILE A 263 -28.25 4.36 -11.51
C ILE A 263 -29.79 4.25 -11.32
N LEU A 264 -30.58 5.04 -12.04
CA LEU A 264 -32.06 4.97 -11.83
C LEU A 264 -32.57 3.61 -12.33
N GLU A 265 -32.12 3.16 -13.49
CA GLU A 265 -32.61 1.89 -14.09
C GLU A 265 -32.23 0.74 -13.15
N ASN A 266 -31.01 0.73 -12.62
CA ASN A 266 -30.60 -0.33 -11.65
C ASN A 266 -31.39 -0.22 -10.35
N LYS A 267 -31.66 0.99 -9.87
CA LYS A 267 -32.46 1.18 -8.63
C LYS A 267 -33.85 0.55 -8.82
N ARG A 268 -34.49 0.78 -9.96
CA ARG A 268 -35.83 0.22 -10.25
C ARG A 268 -35.72 -1.31 -10.34
N LEU A 269 -34.72 -1.83 -11.06
CA LEU A 269 -34.57 -3.31 -11.19
C LEU A 269 -34.38 -3.94 -9.83
N ASN A 270 -33.47 -3.39 -9.06
CA ASN A 270 -33.19 -3.94 -7.70
C ASN A 270 -34.44 -3.92 -6.81
N ALA A 271 -35.24 -2.85 -6.90
CA ALA A 271 -36.41 -2.64 -6.00
C ALA A 271 -37.51 -3.63 -6.38
N VAL A 272 -37.76 -3.81 -7.67
CA VAL A 272 -38.77 -4.81 -8.15
C VAL A 272 -38.29 -6.22 -7.80
N HIS A 273 -37.03 -6.53 -8.11
CA HIS A 273 -36.39 -7.81 -7.73
C HIS A 273 -36.51 -8.06 -6.22
N ALA A 274 -36.14 -7.09 -5.38
CA ALA A 274 -36.15 -7.25 -3.90
C ALA A 274 -37.55 -7.63 -3.45
N ALA A 275 -38.55 -6.96 -4.02
CA ALA A 275 -39.96 -7.17 -3.57
C ALA A 275 -40.37 -8.58 -3.98
N ALA A 276 -39.99 -9.02 -5.19
CA ALA A 276 -40.33 -10.37 -5.68
C ALA A 276 -39.70 -11.42 -4.76
N ILE A 277 -38.40 -11.28 -4.48
CA ILE A 277 -37.67 -12.24 -3.62
C ILE A 277 -38.30 -12.28 -2.23
N LYS A 278 -38.66 -11.13 -1.69
CA LYS A 278 -39.16 -11.10 -0.29
C LYS A 278 -40.53 -11.80 -0.25
N ALA A 279 -41.35 -11.61 -1.27
CA ALA A 279 -42.67 -12.28 -1.37
C ALA A 279 -42.45 -13.79 -1.48
N ILE A 280 -41.46 -14.19 -2.28
CA ILE A 280 -41.14 -15.62 -2.49
C ILE A 280 -40.61 -16.17 -1.16
N ARG A 281 -39.82 -15.42 -0.40
CA ARG A 281 -39.28 -15.97 0.87
C ARG A 281 -40.46 -16.26 1.83
N ARG A 282 -41.49 -15.41 1.82
CA ARG A 282 -42.69 -15.58 2.69
C ARG A 282 -43.56 -16.75 2.23
N GLY A 283 -43.37 -17.27 1.02
CA GLY A 283 -44.05 -18.47 0.48
C GLY A 283 -45.03 -18.14 -0.64
N VAL A 284 -45.10 -16.88 -1.09
CA VAL A 284 -45.91 -16.55 -2.30
C VAL A 284 -45.28 -17.27 -3.49
N ARG A 285 -46.05 -17.95 -4.33
CA ARG A 285 -45.51 -18.68 -5.49
C ARG A 285 -44.93 -17.68 -6.50
N VAL A 286 -43.76 -17.98 -7.03
CA VAL A 286 -43.09 -17.14 -8.06
C VAL A 286 -44.07 -16.84 -9.22
N GLU A 287 -44.84 -17.85 -9.65
N GLU A 287 -44.87 -17.80 -9.69
CA GLU A 287 -45.90 -17.76 -10.71
CA GLU A 287 -45.78 -17.54 -10.85
C GLU A 287 -46.84 -16.59 -10.42
C GLU A 287 -46.88 -16.55 -10.45
N ALA A 288 -47.27 -16.51 -9.18
CA ALA A 288 -48.26 -15.55 -8.65
C ALA A 288 -47.62 -14.15 -8.67
N VAL A 289 -46.38 -14.06 -8.18
CA VAL A 289 -45.65 -12.76 -8.19
C VAL A 289 -45.52 -12.28 -9.62
N LEU A 290 -45.09 -13.13 -10.55
CA LEU A 290 -44.86 -12.70 -11.94
C LEU A 290 -46.22 -12.31 -12.59
N ALA A 291 -47.31 -13.04 -12.32
CA ALA A 291 -48.65 -12.72 -12.90
C ALA A 291 -49.12 -11.34 -12.43
N ARG A 292 -48.91 -10.99 -11.15
CA ARG A 292 -49.20 -9.64 -10.62
C ARG A 292 -48.29 -8.60 -11.27
N LEU A 293 -46.96 -8.83 -11.35
CA LEU A 293 -46.04 -7.83 -11.98
C LEU A 293 -46.40 -7.61 -13.44
N ALA A 294 -46.82 -8.66 -14.16
CA ALA A 294 -47.10 -8.57 -15.60
C ALA A 294 -48.22 -7.54 -15.87
N ARG A 295 -49.10 -7.30 -14.91
CA ARG A 295 -50.18 -6.29 -15.11
C ARG A 295 -49.51 -4.92 -15.26
N ASN A 296 -48.42 -4.68 -14.51
CA ASN A 296 -47.51 -3.53 -14.74
C ASN A 296 -48.26 -2.20 -14.56
N ASP A 297 -49.05 -2.09 -13.50
CA ASP A 297 -49.93 -0.92 -13.24
C ASP A 297 -49.79 -0.53 -11.78
N THR A 298 -49.05 0.54 -11.49
CA THR A 298 -48.70 0.97 -10.12
C THR A 298 -49.98 1.30 -9.34
N VAL A 299 -50.92 2.02 -9.93
CA VAL A 299 -52.09 2.54 -9.14
C VAL A 299 -52.93 1.32 -8.74
N LYS A 300 -53.15 0.38 -9.66
CA LYS A 300 -53.94 -0.85 -9.38
C LYS A 300 -53.21 -1.71 -8.37
N MET A 301 -51.90 -1.92 -8.53
CA MET A 301 -51.14 -2.84 -7.64
C MET A 301 -51.15 -2.28 -6.20
N SER A 302 -51.12 -0.95 -6.05
CA SER A 302 -51.06 -0.19 -4.77
C SER A 302 -52.18 -0.64 -3.82
N HIS A 303 -53.38 -0.79 -4.38
CA HIS A 303 -54.68 -0.77 -3.64
C HIS A 303 -55.30 -2.17 -3.62
N ASP A 304 -55.13 -2.94 -4.70
CA ASP A 304 -55.70 -4.30 -4.78
C ASP A 304 -55.13 -5.15 -3.62
N THR A 305 -56.02 -5.92 -2.98
CA THR A 305 -55.78 -6.82 -1.83
C THR A 305 -55.24 -8.18 -2.33
N ASN A 306 -55.59 -8.56 -3.56
CA ASN A 306 -55.03 -9.73 -4.30
C ASN A 306 -53.49 -9.72 -4.25
N ASN A 307 -52.87 -8.55 -4.37
CA ASN A 307 -51.40 -8.34 -4.46
C ASN A 307 -50.77 -8.60 -3.09
N PRO A 308 -49.65 -9.38 -3.00
CA PRO A 308 -48.88 -9.51 -1.77
C PRO A 308 -48.43 -8.16 -1.23
N ARG A 309 -48.22 -8.05 0.09
CA ARG A 309 -47.86 -6.76 0.76
C ARG A 309 -46.61 -6.17 0.10
N GLU A 310 -45.61 -7.01 -0.24
CA GLU A 310 -44.34 -6.53 -0.84
C GLU A 310 -44.64 -5.82 -2.15
N LEU A 311 -45.56 -6.35 -2.98
CA LEU A 311 -45.87 -5.71 -4.28
C LEU A 311 -46.68 -4.42 -4.04
N ARG A 312 -47.48 -4.35 -2.97
CA ARG A 312 -48.30 -3.13 -2.67
C ARG A 312 -47.36 -1.98 -2.32
N GLU A 313 -46.41 -2.23 -1.42
CA GLU A 313 -45.39 -1.29 -0.93
C GLU A 313 -44.51 -0.83 -2.11
N LEU A 314 -44.10 -1.75 -2.99
CA LEU A 314 -43.30 -1.42 -4.20
C LEU A 314 -44.14 -0.48 -5.08
N ALA A 315 -45.38 -0.84 -5.35
CA ALA A 315 -46.27 -0.01 -6.23
C ALA A 315 -46.43 1.40 -5.64
N LEU A 316 -46.63 1.51 -4.31
CA LEU A 316 -46.87 2.80 -3.61
C LEU A 316 -45.62 3.66 -3.79
N ALA A 317 -44.44 3.05 -3.61
CA ALA A 317 -43.14 3.75 -3.68
C ALA A 317 -42.90 4.22 -5.12
N CYS A 318 -43.18 3.39 -6.11
CA CYS A 318 -42.95 3.78 -7.54
C CYS A 318 -43.89 4.93 -7.95
N ALA A 319 -45.13 4.90 -7.46
CA ALA A 319 -46.19 5.88 -7.80
C ALA A 319 -45.78 7.30 -7.34
N ARG A 320 -44.96 7.39 -6.29
CA ARG A 320 -44.50 8.65 -5.65
C ARG A 320 -43.25 9.22 -6.34
N GLU A 321 -42.76 8.62 -7.42
CA GLU A 321 -41.43 8.92 -8.05
C GLU A 321 -41.59 9.73 -9.34
N GLY A 322 -42.82 10.11 -9.74
CA GLY A 322 -43.09 10.71 -11.07
C GLY A 322 -42.80 12.21 -11.13
N ASP A 323 -42.84 12.78 -12.34
CA ASP A 323 -42.63 14.23 -12.61
C ASP A 323 -43.74 14.79 -13.51
N GLY A 324 -44.80 14.02 -13.80
CA GLY A 324 -45.94 14.43 -14.65
C GLY A 324 -45.66 14.30 -16.14
N THR A 325 -44.44 13.97 -16.54
CA THR A 325 -44.06 13.67 -17.96
C THR A 325 -43.72 12.17 -18.11
N CYS A 326 -42.89 11.65 -17.20
CA CYS A 326 -42.30 10.29 -17.29
C CYS A 326 -43.35 9.23 -16.89
N THR A 327 -43.11 7.97 -17.23
CA THR A 327 -44.14 6.90 -17.06
C THR A 327 -43.74 5.90 -15.97
N TRP A 328 -42.57 6.05 -15.37
CA TRP A 328 -42.12 5.03 -14.38
C TRP A 328 -42.96 5.05 -13.11
N ASP A 329 -43.80 6.08 -12.95
CA ASP A 329 -44.72 6.14 -11.79
C ASP A 329 -46.02 5.40 -12.09
N GLN A 330 -46.28 5.05 -13.36
CA GLN A 330 -47.53 4.37 -13.80
C GLN A 330 -47.25 2.91 -14.19
N TYR A 331 -46.02 2.62 -14.61
CA TYR A 331 -45.55 1.26 -14.99
C TYR A 331 -44.36 0.86 -14.12
N LEU A 332 -44.35 -0.35 -13.56
CA LEU A 332 -43.19 -0.81 -12.74
C LEU A 332 -41.97 -1.06 -13.63
N LEU A 333 -42.19 -1.48 -14.87
CA LEU A 333 -41.17 -2.18 -15.71
C LEU A 333 -41.29 -1.76 -17.16
N THR A 334 -40.13 -1.65 -17.81
CA THR A 334 -39.95 -1.70 -19.26
C THR A 334 -39.70 -3.17 -19.63
N PRO A 335 -39.86 -3.57 -20.89
CA PRO A 335 -39.41 -4.89 -21.35
C PRO A 335 -37.95 -5.22 -20.95
N GLN A 336 -37.02 -4.27 -21.09
CA GLN A 336 -35.58 -4.48 -20.77
C GLN A 336 -35.42 -4.82 -19.28
N ILE A 337 -36.04 -4.07 -18.38
CA ILE A 337 -35.89 -4.32 -16.92
C ILE A 337 -36.60 -5.64 -16.60
N ALA A 338 -37.74 -5.93 -17.22
CA ALA A 338 -38.50 -7.17 -16.96
C ALA A 338 -37.66 -8.37 -17.40
N ALA A 339 -36.92 -8.25 -18.49
CA ALA A 339 -36.03 -9.35 -18.98
C ALA A 339 -34.91 -9.61 -17.96
N ALA A 340 -34.32 -8.53 -17.43
CA ALA A 340 -33.23 -8.64 -16.44
C ALA A 340 -33.79 -9.26 -15.17
N LEU A 341 -35.02 -8.91 -14.79
CA LEU A 341 -35.65 -9.48 -13.57
C LEU A 341 -35.81 -11.00 -13.71
N VAL A 342 -36.38 -11.48 -14.80
CA VAL A 342 -36.69 -12.94 -14.90
C VAL A 342 -35.36 -13.70 -15.00
N SER A 343 -34.37 -13.14 -15.66
CA SER A 343 -33.03 -13.79 -15.73
C SER A 343 -32.48 -13.96 -14.32
N ARG A 344 -32.59 -12.95 -13.44
CA ARG A 344 -32.10 -13.08 -12.05
C ARG A 344 -32.87 -14.20 -11.34
N LEU A 345 -34.20 -14.26 -11.49
CA LEU A 345 -34.98 -15.31 -10.80
C LEU A 345 -34.58 -16.71 -11.31
N ARG A 346 -34.47 -16.89 -12.62
CA ARG A 346 -34.08 -18.16 -13.24
C ARG A 346 -32.73 -18.63 -12.68
N GLN A 347 -31.75 -17.73 -12.65
CA GLN A 347 -30.33 -18.03 -12.31
C GLN A 347 -30.22 -18.34 -10.83
N ALA A 348 -31.19 -17.94 -10.01
CA ALA A 348 -31.27 -18.28 -8.58
C ALA A 348 -31.95 -19.65 -8.42
N GLY A 349 -32.38 -20.29 -9.50
CA GLY A 349 -33.08 -21.57 -9.40
C GLY A 349 -34.54 -21.42 -8.97
N LEU A 350 -35.12 -20.23 -9.09
CA LEU A 350 -36.47 -20.01 -8.50
C LEU A 350 -37.58 -20.46 -9.47
N PHE A 351 -37.25 -20.89 -10.68
CA PHE A 351 -38.24 -21.47 -11.63
C PHE A 351 -38.22 -23.01 -11.61
N LEU A 352 -37.44 -23.65 -10.74
CA LEU A 352 -37.24 -25.12 -10.80
C LEU A 352 -38.62 -25.84 -10.66
N ASP A 353 -39.51 -25.32 -9.84
CA ASP A 353 -40.83 -25.96 -9.55
C ASP A 353 -41.97 -25.10 -10.11
N ALA A 354 -41.70 -24.23 -11.06
CA ALA A 354 -42.72 -23.33 -11.66
C ALA A 354 -43.06 -23.88 -13.05
N PRO A 355 -44.24 -24.51 -13.23
CA PRO A 355 -44.54 -25.23 -14.47
C PRO A 355 -44.32 -24.32 -15.68
N GLU A 356 -45.04 -23.19 -15.77
CA GLU A 356 -44.86 -22.30 -16.95
C GLU A 356 -43.37 -21.95 -17.05
N TRP A 357 -42.83 -21.27 -16.04
CA TRP A 357 -41.60 -20.45 -16.23
C TRP A 357 -40.38 -21.34 -16.46
N SER A 358 -40.29 -22.48 -15.76
CA SER A 358 -39.27 -23.53 -16.00
C SER A 358 -39.00 -23.67 -17.50
N GLU A 359 -40.07 -23.83 -18.28
CA GLU A 359 -39.95 -24.33 -19.67
C GLU A 359 -40.00 -23.17 -20.67
N ARG A 360 -40.43 -21.98 -20.26
CA ARG A 360 -40.49 -20.78 -21.12
C ARG A 360 -39.12 -20.60 -21.80
N PRO A 361 -39.03 -20.34 -23.11
CA PRO A 361 -37.74 -20.07 -23.73
C PRO A 361 -37.17 -18.73 -23.25
N VAL A 362 -35.86 -18.66 -23.08
CA VAL A 362 -35.11 -17.46 -22.58
C VAL A 362 -35.30 -16.29 -23.55
N THR A 363 -35.52 -16.60 -24.85
CA THR A 363 -35.81 -15.62 -25.93
C THR A 363 -36.98 -14.70 -25.59
N GLU A 364 -37.96 -15.17 -24.81
CA GLU A 364 -39.25 -14.47 -24.56
C GLU A 364 -39.21 -13.69 -23.22
N ASP A 365 -38.02 -13.47 -22.65
CA ASP A 365 -37.87 -12.86 -21.31
C ASP A 365 -38.33 -11.40 -21.33
N GLY A 366 -38.33 -10.78 -22.48
CA GLY A 366 -38.77 -9.38 -22.59
C GLY A 366 -40.20 -9.25 -23.11
N ASP A 367 -41.00 -10.33 -23.12
CA ASP A 367 -42.30 -10.31 -23.84
C ASP A 367 -43.51 -10.55 -22.92
N TRP A 368 -43.29 -10.72 -21.62
CA TRP A 368 -44.31 -11.27 -20.68
C TRP A 368 -45.16 -10.19 -20.01
N LEU A 369 -44.87 -8.91 -20.19
CA LEU A 369 -45.69 -7.83 -19.58
C LEU A 369 -47.02 -7.72 -20.35
N LEU A 370 -48.13 -7.48 -19.65
CA LEU A 370 -49.49 -7.33 -20.23
C LEU A 370 -49.67 -5.94 -20.83
N ARG A 371 -48.99 -4.93 -20.28
CA ARG A 371 -48.91 -3.54 -20.81
C ARG A 371 -47.47 -3.04 -20.68
N VAL A 372 -47.01 -2.21 -21.62
CA VAL A 372 -45.65 -1.60 -21.64
C VAL A 372 -45.77 -0.08 -21.71
N PRO A 373 -44.80 0.66 -21.15
CA PRO A 373 -44.81 2.12 -21.20
C PRO A 373 -44.91 2.59 -22.64
N PRO A 374 -45.63 3.70 -22.91
CA PRO A 374 -45.70 4.25 -24.26
C PRO A 374 -44.32 4.71 -24.75
N GLU A 375 -44.10 4.66 -26.07
CA GLU A 375 -42.82 4.98 -26.74
C GLU A 375 -42.62 6.50 -26.84
N ASP A 376 -43.71 7.29 -26.79
CA ASP A 376 -43.67 8.75 -27.09
C ASP A 376 -43.16 9.53 -25.87
N ALA A 377 -43.18 8.93 -24.67
CA ALA A 377 -42.85 9.56 -23.38
C ALA A 377 -41.68 8.82 -22.73
N PRO A 378 -40.84 9.53 -21.94
CA PRO A 378 -39.69 8.91 -21.29
C PRO A 378 -40.20 8.04 -20.14
N PHE A 379 -39.54 6.93 -19.86
CA PHE A 379 -39.79 6.10 -18.66
C PHE A 379 -39.24 6.83 -17.42
N LEU A 380 -38.00 7.30 -17.47
CA LEU A 380 -37.30 7.91 -16.32
C LEU A 380 -37.47 9.43 -16.34
N PRO A 381 -37.53 10.09 -15.15
CA PRO A 381 -37.69 11.54 -15.09
C PRO A 381 -36.36 12.27 -15.35
N ALA A 382 -36.34 13.16 -16.34
CA ALA A 382 -35.14 13.92 -16.75
C ALA A 382 -34.53 14.67 -15.55
N ASP A 383 -35.34 15.07 -14.57
CA ASP A 383 -34.90 15.89 -13.41
C ASP A 383 -34.12 15.05 -12.41
N LYS A 384 -34.57 13.82 -12.11
CA LYS A 384 -33.86 12.89 -11.20
C LYS A 384 -32.58 12.36 -11.88
N ILE A 385 -32.52 12.30 -13.20
CA ILE A 385 -31.26 11.93 -13.90
C ILE A 385 -30.27 13.06 -13.64
N ALA A 386 -30.70 14.29 -13.88
CA ALA A 386 -29.86 15.51 -13.68
C ALA A 386 -29.35 15.53 -12.23
N ALA A 387 -30.20 15.20 -11.26
CA ALA A 387 -29.86 15.20 -9.82
C ALA A 387 -28.84 14.09 -9.51
N GLU A 388 -29.00 12.88 -10.08
CA GLU A 388 -28.02 11.77 -9.87
C GLU A 388 -26.69 12.18 -10.52
N ALA A 389 -26.70 12.85 -11.69
CA ALA A 389 -25.50 13.29 -12.44
C ALA A 389 -24.73 14.37 -11.65
N LYS A 390 -25.44 15.38 -11.11
CA LYS A 390 -24.88 16.42 -10.18
C LYS A 390 -24.29 15.77 -8.93
N LYS A 391 -24.96 14.76 -8.37
CA LYS A 391 -24.49 13.99 -7.18
C LYS A 391 -23.19 13.22 -7.50
N VAL A 392 -23.13 12.53 -8.64
CA VAL A 392 -21.92 11.81 -9.12
C VAL A 392 -20.77 12.81 -9.27
N GLY A 393 -21.05 13.95 -9.93
CA GLY A 393 -20.02 14.94 -10.30
C GLY A 393 -19.49 15.62 -9.07
N GLY A 394 -20.39 16.07 -8.21
CA GLY A 394 -20.10 16.67 -6.90
C GLY A 394 -19.28 15.75 -6.03
N GLY A 395 -19.62 14.46 -5.98
CA GLY A 395 -18.87 13.43 -5.25
C GLY A 395 -17.40 13.43 -5.65
N VAL A 396 -17.11 13.35 -6.95
CA VAL A 396 -15.72 13.35 -7.51
C VAL A 396 -15.03 14.65 -7.12
N LEU A 397 -15.63 15.79 -7.42
CA LEU A 397 -15.02 17.13 -7.24
C LEU A 397 -14.59 17.31 -5.80
N SER A 398 -15.42 16.88 -4.87
CA SER A 398 -15.21 17.06 -3.41
C SER A 398 -13.99 16.22 -2.95
N LYS A 399 -13.56 15.23 -3.73
CA LYS A 399 -12.45 14.31 -3.37
C LYS A 399 -11.16 14.73 -4.07
N LEU A 400 -11.13 15.86 -4.77
CA LEU A 400 -9.92 16.30 -5.51
C LEU A 400 -9.13 17.25 -4.60
N TYR A 401 -7.94 16.86 -4.15
CA TYR A 401 -7.08 17.80 -3.40
C TYR A 401 -6.89 19.09 -4.19
N LEU A 402 -6.75 19.04 -5.50
CA LEU A 402 -6.41 20.23 -6.29
C LEU A 402 -7.69 20.92 -6.76
N GLY A 403 -8.86 20.44 -6.34
CA GLY A 403 -10.14 21.17 -6.40
C GLY A 403 -10.77 21.19 -7.78
N LYS A 404 -10.06 20.86 -8.84
CA LYS A 404 -10.54 21.00 -10.25
C LYS A 404 -10.23 19.66 -10.93
N MET A 405 -11.14 19.13 -11.75
CA MET A 405 -10.82 17.90 -12.50
C MET A 405 -9.70 18.29 -13.46
N PRO A 406 -8.68 17.44 -13.67
CA PRO A 406 -7.65 17.74 -14.65
C PRO A 406 -8.27 17.65 -16.04
N THR A 407 -7.78 18.50 -16.93
CA THR A 407 -8.17 18.42 -18.37
C THR A 407 -7.41 17.29 -19.05
N GLU A 408 -7.88 16.90 -20.23
CA GLU A 408 -7.15 15.97 -21.12
C GLU A 408 -5.74 16.52 -21.33
N HIS A 409 -5.63 17.81 -21.58
CA HIS A 409 -4.31 18.45 -21.80
C HIS A 409 -3.42 18.30 -20.54
N ASP A 410 -3.94 18.61 -19.35
CA ASP A 410 -3.20 18.46 -18.06
C ASP A 410 -2.68 17.02 -17.92
N VAL A 411 -3.53 16.01 -18.15
CA VAL A 411 -3.13 14.56 -18.03
C VAL A 411 -2.08 14.23 -19.10
N ALA A 412 -2.25 14.66 -20.34
CA ALA A 412 -1.29 14.41 -21.43
C ALA A 412 0.04 15.10 -21.14
N GLN A 413 0.00 16.30 -20.59
CA GLN A 413 1.24 17.03 -20.27
C GLN A 413 1.99 16.25 -19.19
N ALA A 414 1.29 15.87 -18.12
CA ALA A 414 1.91 15.07 -17.02
C ALA A 414 2.57 13.82 -17.63
N THR A 415 1.87 13.14 -18.55
CA THR A 415 2.34 11.88 -19.18
C THR A 415 3.61 12.17 -19.96
N VAL A 416 3.63 13.25 -20.72
CA VAL A 416 4.83 13.59 -21.52
C VAL A 416 6.02 13.95 -20.62
N PHE A 417 5.80 14.59 -19.49
CA PHE A 417 6.88 14.86 -18.51
C PHE A 417 7.35 13.53 -17.91
N PHE A 418 6.42 12.64 -17.53
CA PHE A 418 6.80 11.37 -16.87
C PHE A 418 7.61 10.52 -17.85
N LEU A 419 7.24 10.54 -19.13
CA LEU A 419 7.93 9.72 -20.15
C LEU A 419 9.38 10.13 -20.34
N ALA A 420 9.76 11.34 -19.92
CA ALA A 420 11.15 11.84 -20.05
C ALA A 420 12.04 11.29 -18.91
N ASP A 421 11.44 10.91 -17.78
CA ASP A 421 12.22 10.35 -16.66
C ASP A 421 12.82 9.00 -17.06
N ARG A 422 14.03 8.70 -16.59
CA ARG A 422 14.75 7.44 -16.88
C ARG A 422 14.99 6.61 -15.62
N ALA A 423 14.49 7.03 -14.47
CA ALA A 423 14.82 6.29 -13.23
C ALA A 423 13.61 5.56 -12.62
N VAL A 424 12.42 5.71 -13.17
CA VAL A 424 11.22 5.09 -12.56
C VAL A 424 10.82 3.84 -13.32
N SER A 425 10.60 2.73 -12.65
CA SER A 425 9.93 1.59 -13.32
C SER A 425 9.13 0.83 -12.28
N GLY A 426 8.00 0.30 -12.68
CA GLY A 426 7.15 -0.48 -11.78
C GLY A 426 6.18 0.35 -10.98
N GLU A 427 5.86 1.56 -11.42
CA GLU A 427 5.06 2.51 -10.59
C GLU A 427 3.83 2.96 -11.37
N THR A 428 2.84 3.47 -10.63
CA THR A 428 1.65 4.10 -11.21
C THR A 428 1.67 5.57 -10.82
N PHE A 429 1.79 6.46 -11.80
CA PHE A 429 1.63 7.91 -11.58
C PHE A 429 0.15 8.22 -11.43
N MET A 430 -0.20 9.29 -10.72
CA MET A 430 -1.60 9.60 -10.34
C MET A 430 -1.95 11.02 -10.80
N PRO A 431 -2.00 11.34 -12.12
CA PRO A 431 -2.35 12.69 -12.61
C PRO A 431 -3.88 12.85 -12.65
N SER A 432 -4.45 12.97 -11.48
CA SER A 432 -5.90 12.82 -11.23
C SER A 432 -6.49 14.10 -10.65
N GLY A 433 -5.67 15.13 -10.39
CA GLY A 433 -6.14 16.28 -9.60
C GLY A 433 -6.08 16.02 -8.11
N GLY A 434 -5.26 15.07 -7.68
CA GLY A 434 -5.23 14.66 -6.27
C GLY A 434 -6.50 13.95 -5.84
N LEU A 435 -7.07 13.12 -6.72
CA LEU A 435 -8.29 12.35 -6.38
C LEU A 435 -8.00 11.41 -5.22
N SER A 436 -8.83 11.45 -4.20
CA SER A 436 -8.56 10.60 -3.03
C SER A 436 -9.87 9.99 -2.55
N VAL A 437 -10.11 8.73 -2.87
CA VAL A 437 -11.33 7.99 -2.41
C VAL A 437 -10.85 7.14 -1.24
N GLU A 438 -11.33 7.47 -0.05
CA GLU A 438 -10.90 6.84 1.23
C GLU A 438 -11.59 5.45 1.34
N ARG A 439 -10.78 4.42 1.55
CA ARG A 439 -11.30 3.05 1.75
C ARG A 439 -10.26 2.21 2.52
N SER A 440 -10.69 1.11 3.13
CA SER A 440 -9.80 0.22 3.90
C SER A 440 -9.94 -1.19 3.30
N THR A 441 -9.48 -1.33 2.07
CA THR A 441 -9.54 -2.57 1.26
C THR A 441 -8.12 -3.12 1.05
N THR A 442 -7.25 -3.07 2.06
CA THR A 442 -5.85 -3.53 1.85
C THR A 442 -5.68 -5.05 1.97
N GLU A 443 -4.73 -5.62 1.21
CA GLU A 443 -4.40 -7.06 1.29
C GLU A 443 -3.86 -7.27 2.71
N ARG A 444 -4.42 -8.25 3.41
CA ARG A 444 -4.01 -8.60 4.82
C ARG A 444 -3.48 -10.06 4.90
N GLU A 445 -2.38 -10.26 5.63
CA GLU A 445 -1.85 -11.62 5.93
C GLU A 445 -2.65 -12.12 7.13
N LEU A 446 -3.14 -13.37 7.07
CA LEU A 446 -4.03 -13.90 8.14
C LEU A 446 -3.32 -14.49 9.37
N PHE A 447 -3.79 -14.07 10.54
CA PHE A 447 -3.49 -14.66 11.86
C PHE A 447 -4.70 -14.28 12.75
N GLY A 448 -5.56 -15.26 13.11
CA GLY A 448 -6.77 -15.05 13.95
C GLY A 448 -7.85 -16.11 13.72
N SER A 449 -8.94 -16.11 14.51
CA SER A 449 -10.01 -17.16 14.38
C SER A 449 -11.38 -16.66 14.86
N PRO A 450 -12.49 -17.28 14.36
CA PRO A 450 -13.83 -17.11 14.92
C PRO A 450 -14.19 -18.18 15.96
N LYS A 451 -15.21 -17.91 16.79
CA LYS A 451 -15.70 -18.85 17.84
C LYS A 451 -16.19 -20.15 17.18
N GLN A 452 -16.00 -21.28 17.88
CA GLN A 452 -16.49 -22.62 17.46
C GLN A 452 -18.01 -22.51 17.23
N GLU A 453 -18.72 -21.70 18.02
CA GLU A 453 -20.19 -21.48 17.88
C GLU A 453 -20.55 -21.05 16.45
N ARG A 454 -19.70 -20.27 15.81
CA ARG A 454 -20.01 -19.69 14.48
C ARG A 454 -19.75 -20.76 13.41
N LEU A 455 -18.67 -21.52 13.58
CA LEU A 455 -18.32 -22.69 12.75
C LEU A 455 -19.44 -23.73 12.88
N ASP A 456 -20.08 -23.83 14.05
CA ASP A 456 -21.16 -24.83 14.32
C ASP A 456 -22.43 -24.54 13.50
N GLN A 457 -22.65 -23.30 13.05
CA GLN A 457 -23.82 -23.00 12.17
C GLN A 457 -23.67 -23.69 10.81
N MET A 458 -22.53 -24.28 10.52
CA MET A 458 -22.35 -25.04 9.25
C MET A 458 -22.98 -26.43 9.40
N ARG A 459 -23.33 -26.83 10.62
CA ARG A 459 -23.75 -28.23 10.82
C ARG A 459 -24.96 -28.54 9.93
N GLY A 460 -24.89 -29.64 9.19
CA GLY A 460 -26.01 -30.07 8.32
C GLY A 460 -26.15 -29.35 7.00
N LYS A 461 -25.30 -28.36 6.72
CA LYS A 461 -25.47 -27.52 5.51
C LYS A 461 -24.66 -28.14 4.37
N THR A 462 -24.88 -27.58 3.18
CA THR A 462 -24.20 -27.97 1.94
C THR A 462 -23.20 -26.88 1.53
N VAL A 463 -22.02 -27.29 1.11
CA VAL A 463 -20.89 -26.41 0.67
C VAL A 463 -20.56 -26.87 -0.75
N TRP A 464 -20.17 -25.95 -1.62
CA TRP A 464 -19.64 -26.30 -2.95
C TRP A 464 -18.16 -25.92 -2.97
N ILE A 465 -17.33 -26.79 -3.53
CA ILE A 465 -15.89 -26.50 -3.79
C ILE A 465 -15.66 -26.69 -5.28
N ILE A 466 -15.17 -25.64 -5.93
CA ILE A 466 -14.93 -25.70 -7.39
C ILE A 466 -13.43 -25.72 -7.63
N GLY A 467 -12.94 -26.74 -8.33
CA GLY A 467 -11.48 -26.84 -8.50
C GLY A 467 -11.07 -28.07 -9.28
N GLU A 468 -9.77 -28.22 -9.54
CA GLU A 468 -9.20 -29.40 -10.23
C GLU A 468 -7.78 -29.59 -9.73
N HIS A 469 -6.87 -28.69 -10.09
CA HIS A 469 -5.44 -28.92 -9.78
C HIS A 469 -5.01 -28.80 -8.32
N LEU A 470 -5.67 -27.99 -7.50
CA LEU A 470 -5.20 -27.74 -6.10
C LEU A 470 -5.68 -28.84 -5.14
N VAL A 471 -5.22 -30.07 -5.35
CA VAL A 471 -5.74 -31.25 -4.61
C VAL A 471 -5.54 -31.14 -3.11
N ASP A 472 -4.36 -30.76 -2.67
CA ASP A 472 -4.12 -30.75 -1.21
C ASP A 472 -5.07 -29.76 -0.53
N TYR A 473 -5.27 -28.59 -1.16
CA TYR A 473 -6.06 -27.48 -0.58
C TYR A 473 -7.55 -27.89 -0.60
N LEU A 474 -8.00 -28.47 -1.70
CA LEU A 474 -9.42 -28.86 -1.87
C LEU A 474 -9.73 -29.96 -0.85
N ALA A 475 -8.82 -30.91 -0.68
CA ALA A 475 -8.98 -31.99 0.31
C ALA A 475 -9.03 -31.45 1.71
N GLU A 476 -8.08 -30.62 2.15
CA GLU A 476 -8.08 -30.13 3.53
C GLU A 476 -9.37 -29.32 3.73
N THR A 477 -9.83 -28.61 2.71
CA THR A 477 -10.99 -27.70 2.87
C THR A 477 -12.24 -28.60 3.02
N ALA A 478 -12.36 -29.60 2.19
CA ALA A 478 -13.48 -30.58 2.31
C ALA A 478 -13.43 -31.21 3.71
N ARG A 479 -12.27 -31.70 4.15
CA ARG A 479 -12.13 -32.28 5.51
C ARG A 479 -12.54 -31.27 6.58
N ALA A 480 -12.09 -30.02 6.47
CA ALA A 480 -12.42 -29.01 7.50
C ALA A 480 -13.93 -28.83 7.57
N PHE A 481 -14.61 -28.73 6.44
CA PHE A 481 -16.07 -28.48 6.40
C PHE A 481 -16.83 -29.71 6.99
N ILE A 482 -16.43 -30.92 6.63
CA ILE A 482 -17.12 -32.18 7.03
C ILE A 482 -16.80 -32.49 8.50
N GLU A 483 -15.51 -32.54 8.85
CA GLU A 483 -15.05 -33.04 10.16
C GLU A 483 -15.14 -31.92 11.20
N ASP A 484 -14.61 -30.73 10.94
CA ASP A 484 -14.52 -29.65 11.96
C ASP A 484 -15.84 -28.88 12.04
N CYS A 485 -16.59 -28.72 10.96
CA CYS A 485 -17.82 -27.90 10.93
C CYS A 485 -19.12 -28.73 10.76
N HIS A 486 -19.02 -30.03 10.47
CA HIS A 486 -20.18 -30.98 10.41
C HIS A 486 -21.13 -30.62 9.25
N ALA A 487 -20.60 -30.07 8.16
CA ALA A 487 -21.35 -29.93 6.91
C ALA A 487 -21.87 -31.32 6.52
N ALA A 488 -23.11 -31.39 6.04
CA ALA A 488 -23.72 -32.66 5.57
C ALA A 488 -23.13 -33.09 4.24
N ASN A 489 -22.82 -32.13 3.35
CA ASN A 489 -22.53 -32.44 1.92
C ASN A 489 -21.49 -31.40 1.44
N VAL A 490 -20.39 -31.85 0.88
CA VAL A 490 -19.46 -31.00 0.07
C VAL A 490 -19.58 -31.49 -1.35
N VAL A 491 -20.10 -30.64 -2.24
CA VAL A 491 -20.18 -30.92 -3.67
C VAL A 491 -18.86 -30.41 -4.26
N LEU A 492 -18.05 -31.33 -4.76
CA LEU A 492 -16.75 -31.01 -5.37
C LEU A 492 -17.02 -30.98 -6.88
N ILE A 493 -17.04 -29.75 -7.43
CA ILE A 493 -17.32 -29.51 -8.85
C ILE A 493 -15.98 -29.42 -9.58
N THR A 494 -15.68 -30.39 -10.44
CA THR A 494 -14.32 -30.52 -11.02
C THR A 494 -14.40 -30.51 -12.54
N ARG A 495 -13.26 -30.31 -13.19
CA ARG A 495 -13.14 -30.43 -14.67
C ARG A 495 -13.15 -31.91 -15.08
N THR A 496 -12.63 -32.82 -14.27
CA THR A 496 -12.57 -34.25 -14.64
C THR A 496 -12.92 -35.15 -13.47
N ALA A 497 -13.28 -36.39 -13.78
CA ALA A 497 -13.52 -37.40 -12.74
C ALA A 497 -12.21 -37.68 -12.00
N GLU A 498 -11.10 -37.62 -12.74
N GLU A 498 -11.09 -37.62 -12.74
CA GLU A 498 -9.76 -37.89 -12.17
CA GLU A 498 -9.75 -37.90 -12.16
C GLU A 498 -9.43 -36.87 -11.07
C GLU A 498 -9.45 -36.88 -11.06
N GLY A 499 -9.82 -35.61 -11.28
CA GLY A 499 -9.61 -34.56 -10.26
C GLY A 499 -10.39 -34.82 -8.99
N PHE A 500 -11.63 -35.30 -9.13
CA PHE A 500 -12.47 -35.69 -7.97
C PHE A 500 -11.79 -36.83 -7.22
N ASP A 501 -11.36 -37.85 -7.99
CA ASP A 501 -10.78 -39.09 -7.39
C ASP A 501 -9.56 -38.74 -6.55
N ALA A 502 -8.70 -37.85 -7.08
CA ALA A 502 -7.48 -37.40 -6.37
C ALA A 502 -7.82 -36.75 -5.01
N VAL A 503 -8.83 -35.88 -4.94
CA VAL A 503 -9.20 -35.26 -3.63
C VAL A 503 -9.76 -36.34 -2.69
N GLU A 504 -10.64 -37.17 -3.21
CA GLU A 504 -11.35 -38.20 -2.43
C GLU A 504 -10.30 -39.13 -1.78
N ALA A 505 -9.25 -39.50 -2.54
CA ALA A 505 -8.13 -40.35 -2.07
C ALA A 505 -7.42 -39.79 -0.84
N GLN A 506 -7.42 -38.46 -0.60
N GLN A 506 -7.44 -38.47 -0.61
CA GLN A 506 -6.72 -37.82 0.54
CA GLN A 506 -6.70 -37.83 0.51
C GLN A 506 -7.57 -37.85 1.80
C GLN A 506 -7.59 -37.75 1.75
N LEU A 507 -8.84 -38.21 1.69
CA LEU A 507 -9.76 -38.13 2.84
C LEU A 507 -9.90 -39.51 3.49
N ASP A 508 -10.03 -39.57 4.82
CA ASP A 508 -10.50 -40.76 5.56
C ASP A 508 -11.84 -41.22 4.97
N GLU A 509 -12.06 -42.54 4.86
CA GLU A 509 -13.31 -43.15 4.31
C GLU A 509 -14.56 -42.55 4.98
N ASP A 510 -14.55 -42.27 6.28
CA ASP A 510 -15.75 -41.74 6.98
C ASP A 510 -16.05 -40.31 6.49
N VAL A 511 -15.03 -39.50 6.31
CA VAL A 511 -15.19 -38.10 5.82
C VAL A 511 -15.66 -38.14 4.37
N ALA A 512 -15.06 -38.98 3.55
CA ALA A 512 -15.37 -39.11 2.11
C ALA A 512 -16.83 -39.45 1.91
N GLN A 513 -17.50 -40.02 2.91
CA GLN A 513 -18.94 -40.39 2.76
C GLN A 513 -19.79 -39.14 2.49
N SER A 514 -19.24 -37.95 2.78
CA SER A 514 -20.00 -36.67 2.72
C SER A 514 -19.54 -35.81 1.53
N LEU A 515 -18.73 -36.37 0.63
CA LEU A 515 -18.20 -35.72 -0.60
C LEU A 515 -18.99 -36.22 -1.80
N THR A 516 -19.53 -35.30 -2.59
CA THR A 516 -20.32 -35.55 -3.81
C THR A 516 -19.54 -35.04 -5.03
N SER A 517 -19.48 -35.83 -6.10
CA SER A 517 -18.85 -35.47 -7.37
C SER A 517 -19.84 -34.79 -8.30
N LEU A 518 -19.48 -33.65 -8.87
CA LEU A 518 -20.16 -33.19 -10.10
C LEU A 518 -19.09 -32.69 -11.06
N VAL A 519 -18.96 -33.39 -12.19
CA VAL A 519 -17.96 -33.08 -13.24
C VAL A 519 -18.61 -32.15 -14.25
N VAL A 520 -17.93 -31.07 -14.58
CA VAL A 520 -18.46 -30.04 -15.51
C VAL A 520 -18.65 -30.73 -16.85
N SER A 521 -19.81 -30.56 -17.46
CA SER A 521 -20.11 -31.20 -18.77
C SER A 521 -20.22 -30.13 -19.86
N SER A 522 -20.65 -28.93 -19.49
CA SER A 522 -20.71 -27.82 -20.47
C SER A 522 -19.91 -26.64 -19.91
N ASP A 523 -20.54 -25.79 -19.11
CA ASP A 523 -19.83 -24.65 -18.49
C ASP A 523 -20.06 -24.70 -16.97
N ILE A 524 -19.31 -23.87 -16.24
CA ILE A 524 -19.41 -23.83 -14.76
C ILE A 524 -20.82 -23.36 -14.37
N GLU A 525 -21.45 -22.45 -15.10
CA GLU A 525 -22.77 -21.91 -14.72
C GLU A 525 -23.80 -23.04 -14.77
N ALA A 526 -23.73 -23.90 -15.79
CA ALA A 526 -24.63 -25.07 -15.93
C ALA A 526 -24.33 -26.11 -14.83
N ALA A 527 -23.05 -26.32 -14.46
CA ALA A 527 -22.70 -27.24 -13.35
C ALA A 527 -23.30 -26.72 -12.05
N MET A 528 -23.26 -25.40 -11.82
CA MET A 528 -23.87 -24.77 -10.63
C MET A 528 -25.39 -24.97 -10.69
N ASP A 529 -26.02 -24.72 -11.84
CA ASP A 529 -27.48 -24.90 -11.95
C ASP A 529 -27.82 -26.35 -11.59
N GLU A 530 -27.02 -27.29 -12.06
CA GLU A 530 -27.22 -28.74 -11.89
C GLU A 530 -27.02 -29.11 -10.42
N ALA A 531 -25.97 -28.63 -9.78
CA ALA A 531 -25.68 -28.91 -8.36
C ALA A 531 -26.86 -28.35 -7.52
N LEU A 532 -27.37 -27.17 -7.82
CA LEU A 532 -28.48 -26.56 -7.08
C LEU A 532 -29.74 -27.45 -7.20
N SER A 533 -30.06 -27.81 -8.44
CA SER A 533 -31.26 -28.63 -8.80
C SER A 533 -31.22 -29.97 -8.05
N GLN A 534 -30.05 -30.61 -8.01
CA GLN A 534 -29.85 -31.96 -7.39
C GLN A 534 -29.83 -31.85 -5.87
N TRP A 535 -28.94 -31.04 -5.31
CA TRP A 535 -28.57 -31.19 -3.87
C TRP A 535 -28.91 -29.93 -3.07
N GLY A 536 -29.48 -28.91 -3.69
CA GLY A 536 -30.04 -27.80 -2.92
C GLY A 536 -29.09 -26.63 -2.73
N ARG A 537 -29.56 -25.63 -1.99
CA ARG A 537 -28.85 -24.34 -1.90
C ARG A 537 -27.61 -24.52 -1.04
N PRO A 538 -26.44 -24.03 -1.51
CA PRO A 538 -25.21 -24.04 -0.72
C PRO A 538 -25.16 -22.86 0.23
N THR A 539 -24.49 -23.08 1.36
CA THR A 539 -24.18 -22.08 2.41
C THR A 539 -22.85 -21.39 2.08
N THR A 540 -21.90 -22.10 1.50
CA THR A 540 -20.54 -21.63 1.15
C THR A 540 -20.23 -22.12 -0.25
N ILE A 541 -19.70 -21.25 -1.09
CA ILE A 541 -19.12 -21.63 -2.41
C ILE A 541 -17.65 -21.14 -2.43
N LEU A 542 -16.73 -22.08 -2.58
CA LEU A 542 -15.28 -21.81 -2.74
C LEU A 542 -14.95 -22.02 -4.21
N SER A 543 -14.47 -20.96 -4.84
CA SER A 543 -14.03 -20.93 -6.24
C SER A 543 -12.52 -20.98 -6.25
N THR A 544 -11.96 -22.04 -6.83
CA THR A 544 -10.52 -22.16 -7.14
C THR A 544 -10.37 -22.36 -8.65
N PRO A 545 -9.26 -21.88 -9.21
CA PRO A 545 -9.00 -22.03 -10.62
C PRO A 545 -8.77 -23.52 -10.98
N PHE A 546 -9.21 -23.92 -12.15
CA PHE A 546 -9.05 -25.32 -12.60
C PHE A 546 -7.61 -25.66 -13.04
N THR A 547 -6.82 -24.66 -13.45
CA THR A 547 -5.52 -24.89 -14.12
C THR A 547 -4.44 -24.14 -13.37
N ALA A 548 -3.24 -24.67 -13.38
CA ALA A 548 -2.05 -24.05 -12.78
C ALA A 548 -1.57 -22.94 -13.72
N LEU A 549 -0.91 -21.96 -13.16
CA LEU A 549 -0.28 -20.90 -13.99
C LEU A 549 0.86 -21.47 -14.81
N PRO A 550 1.05 -20.93 -16.02
CA PRO A 550 2.27 -21.17 -16.80
C PRO A 550 3.52 -20.58 -16.11
N GLY A 551 4.68 -21.13 -16.45
CA GLY A 551 5.97 -20.79 -15.86
C GLY A 551 6.80 -19.99 -16.84
N LYS A 552 6.17 -19.03 -17.50
CA LYS A 552 6.90 -18.20 -18.50
C LYS A 552 6.21 -16.86 -18.69
N LEU A 553 6.96 -15.90 -19.24
CA LEU A 553 6.44 -14.54 -19.50
C LEU A 553 7.14 -13.92 -20.73
N PHE A 554 8.29 -13.26 -20.54
CA PHE A 554 8.97 -12.58 -21.68
C PHE A 554 10.23 -13.30 -22.18
N GLU A 555 10.50 -14.52 -21.76
CA GLU A 555 11.78 -15.21 -22.12
C GLU A 555 11.82 -15.34 -23.65
N ALA A 556 12.93 -14.96 -24.27
CA ALA A 556 13.09 -15.02 -25.74
C ALA A 556 12.84 -16.46 -26.21
N GLN A 557 13.27 -17.46 -25.46
CA GLN A 557 13.19 -18.88 -25.93
C GLN A 557 11.72 -19.32 -26.06
N ASP A 558 10.89 -19.04 -25.06
CA ASP A 558 9.50 -19.57 -24.99
C ASP A 558 8.70 -18.58 -24.16
N PRO A 559 8.28 -17.47 -24.78
CA PRO A 559 7.50 -16.47 -24.07
C PRO A 559 6.08 -16.99 -23.83
N LEU A 560 5.39 -16.33 -22.92
CA LEU A 560 3.93 -16.47 -22.80
C LEU A 560 3.30 -15.71 -23.97
N THR A 561 2.62 -16.43 -24.86
CA THR A 561 2.02 -15.77 -26.05
C THR A 561 0.78 -15.01 -25.60
N PRO A 562 0.33 -14.03 -26.38
CA PRO A 562 -0.91 -13.35 -26.06
C PRO A 562 -2.09 -14.30 -25.87
N ASP A 563 -2.16 -15.34 -26.69
N ASP A 563 -2.17 -15.35 -26.66
CA ASP A 563 -3.23 -16.37 -26.60
CA ASP A 563 -3.30 -16.31 -26.53
C ASP A 563 -3.13 -17.11 -25.27
C ASP A 563 -3.14 -17.09 -25.22
N GLU A 564 -1.92 -17.44 -24.81
CA GLU A 564 -1.70 -18.11 -23.49
C GLU A 564 -2.04 -17.14 -22.36
N PHE A 565 -1.67 -15.88 -22.50
CA PHE A 565 -2.04 -14.81 -21.53
C PHE A 565 -3.56 -14.69 -21.45
N ARG A 566 -4.23 -14.71 -22.60
CA ARG A 566 -5.70 -14.69 -22.65
C ARG A 566 -6.28 -15.88 -21.89
N GLU A 567 -5.71 -17.07 -22.03
CA GLU A 567 -6.15 -18.27 -21.27
C GLU A 567 -5.87 -18.09 -19.76
N VAL A 568 -4.75 -17.48 -19.34
CA VAL A 568 -4.48 -17.12 -17.92
C VAL A 568 -5.65 -16.27 -17.39
N VAL A 569 -6.01 -15.24 -18.13
CA VAL A 569 -7.15 -14.34 -17.77
C VAL A 569 -8.44 -15.15 -17.67
N ALA A 570 -8.73 -16.01 -18.65
CA ALA A 570 -9.96 -16.85 -18.66
C ALA A 570 -10.00 -17.72 -17.40
N ASP A 571 -8.88 -18.37 -17.09
CA ASP A 571 -8.80 -19.42 -16.06
C ASP A 571 -8.80 -18.81 -14.66
N ASN A 572 -8.28 -17.60 -14.52
CA ASN A 572 -8.02 -16.99 -13.19
C ASN A 572 -8.83 -15.73 -12.87
N LEU A 573 -9.50 -15.15 -13.86
CA LEU A 573 -10.34 -13.97 -13.57
C LEU A 573 -11.77 -14.25 -14.06
N THR A 574 -11.90 -14.56 -15.35
CA THR A 574 -13.25 -14.84 -15.91
C THR A 574 -13.90 -16.01 -15.17
N HIS A 575 -13.12 -17.04 -14.86
CA HIS A 575 -13.62 -18.22 -14.13
C HIS A 575 -14.34 -17.80 -12.85
N HIS A 576 -13.76 -16.89 -12.08
CA HIS A 576 -14.37 -16.44 -10.82
C HIS A 576 -15.60 -15.58 -11.09
N PHE A 577 -15.56 -14.76 -12.13
CA PHE A 577 -16.72 -13.92 -12.56
C PHE A 577 -17.89 -14.88 -12.84
N ARG A 578 -17.60 -15.96 -13.58
CA ARG A 578 -18.65 -16.91 -14.06
C ARG A 578 -19.28 -17.61 -12.85
N VAL A 579 -18.50 -17.99 -11.85
CA VAL A 579 -19.00 -18.56 -10.58
C VAL A 579 -19.81 -17.47 -9.86
N SER A 580 -19.26 -16.27 -9.74
CA SER A 580 -19.82 -15.17 -8.92
C SER A 580 -21.18 -14.75 -9.43
N ARG A 581 -21.41 -14.77 -10.74
CA ARG A 581 -22.62 -14.19 -11.31
C ARG A 581 -23.81 -15.09 -10.91
N ARG A 582 -23.59 -16.37 -10.60
CA ARG A 582 -24.64 -17.26 -10.05
C ARG A 582 -24.65 -17.20 -8.53
N ALA A 583 -23.50 -17.34 -7.88
CA ALA A 583 -23.41 -17.39 -6.39
C ALA A 583 -24.05 -16.15 -5.77
N SER A 584 -23.96 -15.01 -6.43
CA SER A 584 -24.40 -13.71 -5.89
C SER A 584 -25.93 -13.65 -5.87
N LEU A 585 -26.61 -14.67 -6.40
CA LEU A 585 -28.10 -14.73 -6.44
C LEU A 585 -28.62 -15.76 -5.43
N TYR A 586 -27.78 -16.31 -4.56
CA TYR A 586 -28.15 -17.39 -3.62
C TYR A 586 -28.33 -16.84 -2.21
N ASP A 587 -29.57 -16.89 -1.70
CA ASP A 587 -29.83 -16.50 -0.29
C ASP A 587 -28.96 -17.29 0.67
N ASP A 588 -28.46 -16.59 1.69
CA ASP A 588 -27.73 -17.17 2.85
C ASP A 588 -26.45 -17.92 2.39
N CYS A 589 -25.88 -17.55 1.26
CA CYS A 589 -24.63 -18.17 0.78
C CYS A 589 -23.48 -17.16 0.92
N GLN A 590 -22.29 -17.64 1.24
CA GLN A 590 -21.03 -16.84 1.32
C GLN A 590 -20.15 -17.31 0.15
N LEU A 591 -19.55 -16.38 -0.59
CA LEU A 591 -18.70 -16.68 -1.75
C LEU A 591 -17.26 -16.44 -1.36
N VAL A 592 -16.38 -17.36 -1.74
CA VAL A 592 -14.94 -17.26 -1.45
C VAL A 592 -14.18 -17.51 -2.75
N LEU A 593 -13.37 -16.54 -3.17
CA LEU A 593 -12.60 -16.62 -4.41
C LEU A 593 -11.14 -16.84 -4.04
N THR A 594 -10.48 -17.75 -4.75
CA THR A 594 -9.09 -18.14 -4.45
C THR A 594 -8.22 -17.72 -5.61
N SER A 595 -7.13 -17.01 -5.32
CA SER A 595 -6.14 -16.65 -6.33
C SER A 595 -5.05 -17.72 -6.36
N PRO A 596 -4.14 -17.72 -7.37
CA PRO A 596 -3.31 -18.89 -7.68
C PRO A 596 -2.23 -19.26 -6.69
N ASP A 597 -1.87 -20.54 -6.64
N ASP A 597 -1.88 -20.53 -6.74
CA ASP A 597 -0.65 -20.97 -5.91
CA ASP A 597 -0.72 -21.14 -6.04
C ASP A 597 0.51 -21.05 -6.91
C ASP A 597 0.52 -21.06 -6.95
N VAL A 598 1.70 -21.29 -6.38
CA VAL A 598 2.96 -21.52 -7.13
C VAL A 598 3.63 -22.75 -6.55
N ALA A 599 4.01 -23.72 -7.37
CA ALA A 599 4.59 -24.99 -6.88
C ALA A 599 5.80 -24.68 -6.01
N MET A 600 5.95 -25.38 -4.90
CA MET A 600 7.14 -25.22 -4.03
C MET A 600 8.44 -25.42 -4.82
N GLY A 601 9.40 -24.53 -4.62
CA GLY A 601 10.70 -24.58 -5.31
C GLY A 601 10.69 -24.01 -6.72
N ASP A 602 9.53 -23.61 -7.24
CA ASP A 602 9.46 -22.97 -8.57
C ASP A 602 10.22 -21.63 -8.54
N LYS A 603 10.99 -21.30 -9.57
CA LYS A 603 11.68 -19.98 -9.66
C LYS A 603 11.31 -19.24 -10.95
N SER A 604 10.14 -19.49 -11.48
CA SER A 604 9.71 -18.99 -12.81
C SER A 604 8.94 -17.69 -12.62
N PRO A 605 8.46 -17.07 -13.70
CA PRO A 605 7.52 -15.96 -13.58
C PRO A 605 6.13 -16.34 -13.11
N ALA A 606 5.84 -17.62 -12.85
CA ALA A 606 4.54 -18.01 -12.24
C ALA A 606 4.29 -17.14 -10.99
N PHE A 607 5.30 -16.89 -10.19
CA PHE A 607 5.17 -16.08 -8.95
C PHE A 607 4.67 -14.67 -9.30
N ALA A 608 5.20 -14.04 -10.33
CA ALA A 608 4.77 -12.72 -10.85
C ALA A 608 3.34 -12.83 -11.35
N LEU A 609 3.03 -13.86 -12.14
CA LEU A 609 1.63 -14.05 -12.63
C LEU A 609 0.67 -14.20 -11.44
N ALA A 610 1.04 -14.91 -10.38
CA ALA A 610 0.13 -15.11 -9.23
C ALA A 610 -0.17 -13.74 -8.56
N ASN A 611 0.85 -12.88 -8.43
CA ASN A 611 0.70 -11.56 -7.78
C ASN A 611 -0.11 -10.64 -8.72
N PHE A 612 0.09 -10.75 -10.04
CA PHE A 612 -0.72 -10.04 -11.04
C PHE A 612 -2.20 -10.41 -10.82
N ILE A 613 -2.49 -11.70 -10.74
CA ILE A 613 -3.91 -12.14 -10.54
C ILE A 613 -4.42 -11.63 -9.19
N LYS A 614 -3.65 -11.77 -8.11
CA LYS A 614 -4.10 -11.37 -6.76
C LYS A 614 -4.61 -9.92 -6.79
N THR A 615 -3.82 -9.02 -7.35
CA THR A 615 -4.17 -7.58 -7.45
C THR A 615 -5.41 -7.37 -8.31
N THR A 616 -5.46 -8.00 -9.44
CA THR A 616 -6.52 -7.80 -10.42
C THR A 616 -7.83 -8.41 -9.91
N LEU A 617 -7.77 -9.58 -9.28
CA LEU A 617 -8.99 -10.24 -8.72
C LEU A 617 -9.53 -9.41 -7.54
N HIS A 618 -8.67 -8.70 -6.81
CA HIS A 618 -9.08 -7.89 -5.63
C HIS A 618 -9.99 -6.77 -6.12
N ALA A 619 -9.74 -6.21 -7.31
CA ALA A 619 -10.65 -5.21 -7.91
C ALA A 619 -12.05 -5.85 -8.06
N PHE A 620 -12.14 -7.06 -8.56
CA PHE A 620 -13.41 -7.79 -8.73
C PHE A 620 -14.05 -8.03 -7.37
N THR A 621 -13.30 -8.57 -6.39
CA THR A 621 -13.78 -8.88 -5.03
C THR A 621 -14.36 -7.64 -4.35
N ALA A 622 -13.61 -6.54 -4.38
CA ALA A 622 -14.07 -5.26 -3.78
C ALA A 622 -15.36 -4.78 -4.44
N THR A 623 -15.46 -4.82 -5.77
CA THR A 623 -16.59 -4.24 -6.51
C THR A 623 -17.81 -5.12 -6.25
N LEU A 624 -17.64 -6.43 -6.35
CA LEU A 624 -18.76 -7.38 -6.19
C LEU A 624 -19.27 -7.30 -4.75
N ALA A 625 -18.42 -7.12 -3.74
CA ALA A 625 -18.87 -7.04 -2.33
C ALA A 625 -19.88 -5.87 -2.18
N VAL A 626 -19.56 -4.73 -2.74
CA VAL A 626 -20.43 -3.51 -2.76
C VAL A 626 -21.71 -3.75 -3.55
N GLU A 627 -21.63 -4.32 -4.74
CA GLU A 627 -22.84 -4.58 -5.56
C GLU A 627 -23.76 -5.51 -4.81
N ASN A 628 -23.21 -6.58 -4.22
CA ASN A 628 -24.04 -7.63 -3.62
C ASN A 628 -24.78 -7.06 -2.41
N GLU A 629 -24.22 -6.08 -1.70
CA GLU A 629 -24.97 -5.46 -0.55
C GLU A 629 -26.18 -4.67 -1.07
N ARG A 630 -26.21 -4.26 -2.33
CA ARG A 630 -27.35 -3.55 -2.94
C ARG A 630 -28.42 -4.54 -3.38
N LEU A 631 -28.05 -5.79 -3.60
CA LEU A 631 -28.97 -6.85 -4.00
C LEU A 631 -29.69 -7.36 -2.77
N VAL A 632 -30.90 -7.85 -2.98
CA VAL A 632 -31.72 -8.47 -1.91
C VAL A 632 -30.98 -9.69 -1.32
N HIS A 633 -30.19 -10.46 -2.09
CA HIS A 633 -29.52 -11.69 -1.61
C HIS A 633 -28.37 -11.42 -0.65
N ASP A 634 -27.72 -10.26 -0.74
CA ASP A 634 -26.73 -9.76 0.24
C ASP A 634 -25.57 -10.74 0.39
N VAL A 635 -25.09 -11.34 -0.70
CA VAL A 635 -24.04 -12.40 -0.63
C VAL A 635 -22.68 -11.78 -0.34
N PRO A 636 -22.05 -12.12 0.79
CA PRO A 636 -20.70 -11.68 1.06
C PRO A 636 -19.70 -12.34 0.12
N VAL A 637 -18.68 -11.59 -0.26
CA VAL A 637 -17.58 -12.15 -1.10
C VAL A 637 -16.27 -11.71 -0.48
N ASN A 638 -15.36 -12.67 -0.38
CA ASN A 638 -13.99 -12.46 0.13
C ASN A 638 -13.05 -13.29 -0.73
N GLN A 639 -11.81 -12.86 -0.76
CA GLN A 639 -10.73 -13.46 -1.53
C GLN A 639 -9.66 -14.03 -0.58
N ILE A 640 -9.16 -15.21 -0.90
CA ILE A 640 -8.00 -15.86 -0.25
C ILE A 640 -6.91 -16.10 -1.28
N ASN A 641 -5.70 -15.74 -0.88
CA ASN A 641 -4.55 -15.81 -1.79
C ASN A 641 -3.67 -16.97 -1.36
N LEU A 642 -3.30 -17.78 -2.34
CA LEU A 642 -2.38 -18.92 -2.11
C LEU A 642 -0.93 -18.55 -2.40
N THR A 643 -0.62 -17.32 -2.82
CA THR A 643 0.78 -16.89 -3.05
C THR A 643 1.03 -15.66 -2.22
N ARG A 644 2.19 -15.62 -1.56
CA ARG A 644 2.63 -14.46 -0.76
C ARG A 644 3.20 -13.39 -1.71
N ARG A 645 3.36 -12.17 -1.20
CA ARG A 645 3.98 -11.05 -1.94
C ARG A 645 5.49 -11.20 -2.05
N VAL A 646 6.12 -11.81 -1.06
CA VAL A 646 7.60 -11.92 -1.00
C VAL A 646 7.98 -13.36 -1.32
N GLN A 647 8.73 -13.59 -2.38
CA GLN A 647 8.98 -14.98 -2.83
C GLN A 647 9.80 -15.76 -1.76
N SER A 648 10.70 -15.12 -1.02
CA SER A 648 11.53 -15.81 0.00
C SER A 648 10.64 -16.32 1.14
N GLU A 649 9.42 -15.82 1.27
CA GLU A 649 8.45 -16.18 2.34
C GLU A 649 7.53 -17.31 1.90
N GLU A 650 7.60 -17.74 0.64
CA GLU A 650 6.83 -18.92 0.15
C GLU A 650 7.26 -20.15 0.94
N PRO A 651 6.36 -21.10 1.22
CA PRO A 651 6.76 -22.38 1.79
C PRO A 651 7.97 -23.00 1.06
N ARG A 652 8.95 -23.42 1.85
CA ARG A 652 10.29 -23.91 1.42
C ARG A 652 10.39 -25.43 1.53
N ASP A 653 9.63 -26.06 2.42
CA ASP A 653 9.70 -27.53 2.67
C ASP A 653 8.30 -28.10 2.95
N LEU A 654 8.23 -29.41 3.20
CA LEU A 654 6.98 -30.17 3.43
C LEU A 654 6.21 -29.59 4.61
N ASP A 655 6.86 -29.34 5.75
CA ASP A 655 6.20 -28.84 6.98
C ASP A 655 5.50 -27.51 6.69
N GLU A 656 6.16 -26.64 5.95
CA GLU A 656 5.64 -25.31 5.62
C GLU A 656 4.48 -25.49 4.61
N HIS A 657 4.61 -26.39 3.63
CA HIS A 657 3.50 -26.72 2.69
C HIS A 657 2.25 -27.17 3.48
N LEU A 658 2.39 -28.11 4.43
CA LEU A 658 1.26 -28.65 5.21
C LEU A 658 0.67 -27.55 6.07
N GLU A 659 1.50 -26.69 6.67
CA GLU A 659 1.05 -25.56 7.50
C GLU A 659 0.18 -24.63 6.64
N GLU A 660 0.60 -24.34 5.41
CA GLU A 660 -0.12 -23.42 4.52
C GLU A 660 -1.46 -24.07 4.13
N VAL A 661 -1.46 -25.35 3.75
CA VAL A 661 -2.70 -26.11 3.40
C VAL A 661 -3.68 -26.00 4.56
N ARG A 662 -3.26 -26.24 5.81
CA ARG A 662 -4.18 -26.16 6.99
C ARG A 662 -4.65 -24.72 7.19
N ARG A 663 -3.77 -23.74 7.00
CA ARG A 663 -4.13 -22.31 7.17
C ARG A 663 -5.13 -21.89 6.08
N PHE A 664 -4.98 -22.40 4.86
CA PHE A 664 -5.93 -22.07 3.78
C PHE A 664 -7.34 -22.49 4.21
N ALA A 665 -7.49 -23.69 4.76
CA ALA A 665 -8.83 -24.22 5.12
C ALA A 665 -9.39 -23.41 6.29
N ARG A 666 -8.55 -23.00 7.24
CA ARG A 666 -9.01 -22.11 8.33
C ARG A 666 -9.48 -20.76 7.76
N ALA A 667 -8.81 -20.21 6.75
CA ALA A 667 -9.19 -18.94 6.08
C ALA A 667 -10.53 -19.12 5.37
N VAL A 668 -10.74 -20.26 4.73
CA VAL A 668 -12.01 -20.52 3.99
C VAL A 668 -13.12 -20.55 5.05
N LEU A 669 -12.87 -21.18 6.21
CA LEU A 669 -13.93 -21.22 7.25
C LEU A 669 -14.21 -19.83 7.79
N LEU A 670 -13.18 -19.02 8.03
CA LEU A 670 -13.29 -17.63 8.57
C LEU A 670 -14.26 -16.81 7.70
N VAL A 671 -14.14 -16.91 6.37
CA VAL A 671 -14.98 -16.08 5.46
C VAL A 671 -16.12 -16.91 4.89
N GLY A 672 -16.20 -18.20 5.16
CA GLY A 672 -17.20 -19.07 4.52
C GLY A 672 -18.37 -19.39 5.42
N ALA A 673 -18.13 -19.46 6.73
CA ALA A 673 -19.20 -19.72 7.73
C ALA A 673 -20.12 -18.50 7.83
N PRO A 674 -21.39 -18.63 8.23
CA PRO A 674 -22.28 -17.45 8.31
C PRO A 674 -21.63 -16.36 9.17
N LEU A 675 -21.56 -15.11 8.67
CA LEU A 675 -20.88 -13.97 9.35
C LEU A 675 -21.79 -13.45 10.47
N PRO A 676 -21.24 -12.78 11.51
CA PRO A 676 -22.05 -12.22 12.58
C PRO A 676 -22.55 -10.81 12.19
N ASP A 677 -23.70 -10.39 12.74
CA ASP A 677 -24.58 -9.31 12.17
C ASP A 677 -23.81 -7.99 11.99
N ALA A 678 -24.20 -7.20 11.01
CA ALA A 678 -23.63 -5.84 10.83
C ALA A 678 -24.01 -5.06 12.07
N GLU A 679 -25.20 -5.36 12.60
CA GLU A 679 -25.80 -4.72 13.80
C GLU A 679 -24.96 -5.02 15.04
N ASP A 680 -24.35 -6.20 15.08
CA ASP A 680 -23.47 -6.60 16.21
C ASP A 680 -22.24 -5.69 16.26
N SER A 681 -21.61 -5.39 15.12
CA SER A 681 -20.42 -4.50 15.06
C SER A 681 -20.21 -3.94 13.64
N ARG A 682 -20.26 -2.62 13.49
CA ARG A 682 -20.05 -1.96 12.19
C ARG A 682 -18.62 -2.30 11.71
N TYR A 683 -17.66 -2.34 12.63
CA TYR A 683 -16.21 -2.56 12.30
C TYR A 683 -16.03 -3.99 11.81
N ARG A 684 -16.54 -4.96 12.57
CA ARG A 684 -16.41 -6.42 12.26
C ARG A 684 -17.14 -6.72 10.94
N ALA A 685 -18.32 -6.14 10.74
CA ALA A 685 -19.14 -6.35 9.52
C ALA A 685 -18.34 -5.93 8.28
N ARG A 686 -17.59 -4.83 8.36
CA ARG A 686 -16.82 -4.28 7.23
C ARG A 686 -15.62 -5.18 6.90
N ILE A 687 -14.92 -5.67 7.92
CA ILE A 687 -13.73 -6.55 7.74
C ILE A 687 -14.12 -7.73 6.82
N TYR A 688 -15.31 -8.31 7.01
CA TYR A 688 -15.74 -9.64 6.50
C TYR A 688 -16.46 -9.53 5.16
N ARG A 689 -16.28 -8.40 4.50
CA ARG A 689 -16.86 -8.12 3.19
C ARG A 689 -15.74 -7.56 2.31
N GLY A 690 -15.46 -8.23 1.21
CA GLY A 690 -14.52 -7.74 0.21
C GLY A 690 -13.09 -7.86 0.65
N MET A 691 -12.77 -8.72 1.60
CA MET A 691 -11.37 -8.79 2.07
C MET A 691 -10.53 -9.59 1.05
N SER A 692 -9.23 -9.31 1.06
CA SER A 692 -8.19 -10.14 0.40
C SER A 692 -7.23 -10.62 1.49
N MET A 693 -7.27 -11.90 1.79
CA MET A 693 -6.47 -12.49 2.90
C MET A 693 -5.47 -13.48 2.30
N THR A 694 -4.21 -13.32 2.64
CA THR A 694 -3.12 -14.19 2.16
C THR A 694 -2.75 -15.17 3.27
N VAL A 695 -2.59 -16.44 2.93
CA VAL A 695 -2.25 -17.48 3.93
C VAL A 695 -0.78 -17.85 3.85
N PHE B 34 20.35 17.87 -24.41
CA PHE B 34 19.26 17.93 -23.36
C PHE B 34 19.29 19.28 -22.61
N SER B 35 20.41 19.56 -21.94
CA SER B 35 20.57 20.67 -20.95
C SER B 35 20.29 22.03 -21.61
N GLU B 36 20.45 22.17 -22.93
CA GLU B 36 20.26 23.50 -23.58
C GLU B 36 18.87 23.63 -24.24
N ASN B 37 17.99 22.63 -24.14
CA ASN B 37 16.74 22.56 -24.96
C ASN B 37 15.48 22.32 -24.08
N ILE B 38 15.47 22.83 -22.84
CA ILE B 38 14.33 22.72 -21.87
C ILE B 38 13.94 24.13 -21.40
N THR B 39 14.39 25.22 -22.06
CA THR B 39 14.26 26.64 -21.59
C THR B 39 12.79 26.98 -21.30
N GLY B 40 11.87 26.24 -21.92
CA GLY B 40 10.43 26.54 -21.76
C GLY B 40 9.79 25.85 -20.57
N LEU B 41 10.47 24.93 -19.91
CA LEU B 41 9.74 24.01 -18.98
C LEU B 41 9.28 24.73 -17.71
N HIS B 42 10.10 25.64 -17.19
CA HIS B 42 9.88 26.29 -15.87
C HIS B 42 10.10 27.81 -16.00
N LEU B 43 9.80 28.40 -17.14
CA LEU B 43 10.18 29.81 -17.39
C LEU B 43 9.55 30.74 -16.34
N GLY B 44 10.38 31.51 -15.64
CA GLY B 44 9.92 32.48 -14.64
C GLY B 44 9.55 31.88 -13.28
N LYS B 45 9.46 30.56 -13.14
CA LYS B 45 9.16 29.96 -11.81
C LYS B 45 10.31 30.19 -10.84
N VAL B 46 10.00 30.56 -9.61
CA VAL B 46 11.01 30.77 -8.55
C VAL B 46 11.05 29.58 -7.61
N ALA B 47 12.22 29.03 -7.39
CA ALA B 47 12.43 27.86 -6.52
C ALA B 47 13.41 28.19 -5.40
N LEU B 48 13.03 27.79 -4.20
CA LEU B 48 13.96 27.71 -3.05
C LEU B 48 14.33 26.25 -2.87
N ILE B 49 15.62 25.93 -2.90
CA ILE B 49 16.17 24.55 -2.73
C ILE B 49 17.15 24.59 -1.60
N THR B 50 16.89 23.79 -0.59
CA THR B 50 17.82 23.52 0.51
C THR B 50 18.85 22.47 0.10
N GLY B 51 19.99 22.48 0.77
CA GLY B 51 21.10 21.58 0.42
C GLY B 51 21.47 21.68 -1.04
N GLY B 52 21.52 22.92 -1.56
CA GLY B 52 21.57 23.15 -3.01
C GLY B 52 23.00 23.20 -3.53
N SER B 53 24.00 22.85 -2.72
CA SER B 53 25.43 22.99 -3.08
C SER B 53 25.96 21.77 -3.83
N ALA B 54 25.34 20.60 -3.69
CA ALA B 54 25.97 19.35 -4.14
C ALA B 54 24.87 18.31 -4.34
N GLY B 55 25.27 17.17 -4.89
CA GLY B 55 24.40 16.00 -5.11
C GLY B 55 23.15 16.40 -5.85
N ILE B 56 22.03 15.77 -5.50
CA ILE B 56 20.74 15.95 -6.21
C ILE B 56 20.33 17.43 -6.19
N GLY B 57 20.48 18.08 -5.03
CA GLY B 57 20.08 19.48 -4.82
C GLY B 57 20.79 20.39 -5.82
N GLY B 58 22.11 20.26 -5.95
CA GLY B 58 22.91 21.07 -6.91
C GLY B 58 22.47 20.82 -8.34
N GLN B 59 22.16 19.56 -8.67
CA GLN B 59 21.71 19.25 -10.05
C GLN B 59 20.31 19.80 -10.29
N VAL B 60 19.43 19.74 -9.28
CA VAL B 60 18.07 20.31 -9.44
C VAL B 60 18.19 21.82 -9.63
N ALA B 61 19.07 22.47 -8.86
CA ALA B 61 19.25 23.93 -9.01
C ALA B 61 19.68 24.23 -10.47
N ARG B 62 20.66 23.50 -10.95
CA ARG B 62 21.21 23.66 -12.32
C ARG B 62 20.08 23.47 -13.34
N LEU B 63 19.36 22.37 -13.25
CA LEU B 63 18.35 22.04 -14.30
C LEU B 63 17.16 22.99 -14.23
N LEU B 64 16.72 23.43 -13.05
CA LEU B 64 15.64 24.44 -12.98
C LEU B 64 16.09 25.72 -13.67
N ALA B 65 17.38 26.12 -13.49
CA ALA B 65 17.89 27.36 -14.12
C ALA B 65 17.90 27.19 -15.66
N LEU B 66 18.36 26.02 -16.14
CA LEU B 66 18.49 25.70 -17.58
C LEU B 66 17.07 25.70 -18.17
N ALA B 67 16.07 25.40 -17.33
CA ALA B 67 14.65 25.30 -17.74
C ALA B 67 13.98 26.66 -17.57
N GLY B 68 14.72 27.75 -17.36
CA GLY B 68 14.08 29.08 -17.36
C GLY B 68 13.70 29.56 -15.98
N GLY B 69 13.98 28.76 -14.95
CA GLY B 69 13.58 29.08 -13.58
C GLY B 69 14.58 29.99 -12.90
N LYS B 70 14.11 30.71 -11.91
CA LYS B 70 14.91 31.53 -11.00
C LYS B 70 15.09 30.72 -9.71
N VAL B 71 16.32 30.63 -9.25
CA VAL B 71 16.65 29.70 -8.14
C VAL B 71 17.34 30.46 -7.02
N MET B 72 16.87 30.25 -5.78
CA MET B 72 17.62 30.56 -4.55
C MET B 72 18.15 29.23 -4.01
N MET B 73 19.46 29.04 -4.15
CA MET B 73 20.17 27.83 -3.69
C MET B 73 20.72 28.13 -2.31
N VAL B 74 20.38 27.30 -1.35
CA VAL B 74 20.85 27.54 0.03
C VAL B 74 21.54 26.30 0.58
N ALA B 75 22.55 26.52 1.40
CA ALA B 75 23.35 25.41 1.92
C ALA B 75 24.13 25.88 3.14
N ARG B 76 24.81 24.94 3.79
CA ARG B 76 25.70 25.27 4.90
C ARG B 76 27.06 25.78 4.37
N ARG B 77 27.66 25.04 3.42
CA ARG B 77 29.04 25.32 2.91
C ARG B 77 29.08 26.41 1.84
N GLU B 78 29.77 27.51 2.18
CA GLU B 78 29.83 28.71 1.32
C GLU B 78 30.59 28.38 0.02
N SER B 79 31.71 27.68 0.13
CA SER B 79 32.60 27.48 -1.03
C SER B 79 31.96 26.56 -2.06
N GLU B 80 31.41 25.43 -1.61
CA GLU B 80 30.71 24.47 -2.51
C GLU B 80 29.58 25.21 -3.23
N LEU B 81 28.83 26.03 -2.50
CA LEU B 81 27.63 26.74 -3.02
C LEU B 81 28.09 27.76 -4.06
N ALA B 82 29.17 28.52 -3.75
CA ALA B 82 29.68 29.55 -4.67
C ALA B 82 30.14 28.91 -5.98
N VAL B 83 30.87 27.83 -5.90
CA VAL B 83 31.42 27.14 -7.10
C VAL B 83 30.24 26.60 -7.91
N ALA B 84 29.27 25.96 -7.23
CA ALA B 84 28.08 25.41 -7.90
C ALA B 84 27.34 26.51 -8.69
N ARG B 85 27.01 27.61 -8.06
CA ARG B 85 26.23 28.69 -8.71
C ARG B 85 27.03 29.25 -9.89
N ALA B 86 28.35 29.42 -9.72
CA ALA B 86 29.19 29.96 -10.81
C ALA B 86 29.13 29.03 -12.05
N ARG B 87 29.13 27.71 -11.87
CA ARG B 87 29.04 26.75 -13.00
C ARG B 87 27.68 26.91 -13.65
N ILE B 88 26.61 27.05 -12.87
CA ILE B 88 25.26 27.21 -13.48
C ILE B 88 25.21 28.47 -14.34
N VAL B 89 25.62 29.63 -13.79
CA VAL B 89 25.61 30.94 -14.51
C VAL B 89 26.44 30.84 -15.81
N SER B 90 27.62 30.21 -15.82
CA SER B 90 28.43 29.93 -17.04
C SER B 90 27.59 29.21 -18.10
N GLU B 91 26.87 28.16 -17.72
CA GLU B 91 26.02 27.41 -18.68
C GLU B 91 24.88 28.28 -19.22
N LEU B 92 24.25 29.07 -18.35
CA LEU B 92 23.12 29.93 -18.75
C LEU B 92 23.63 30.94 -19.80
N GLU B 93 24.88 31.39 -19.69
CA GLU B 93 25.49 32.32 -20.69
C GLU B 93 25.54 31.61 -22.05
N ASP B 94 26.17 30.42 -22.08
CA ASP B 94 26.42 29.62 -23.32
C ASP B 94 25.12 29.23 -24.02
N ILE B 95 24.02 29.07 -23.32
CA ILE B 95 22.71 28.82 -23.99
C ILE B 95 22.02 30.17 -24.25
N GLY B 96 22.67 31.27 -23.87
CA GLY B 96 22.27 32.63 -24.31
C GLY B 96 21.09 33.17 -23.55
N PHE B 97 20.91 32.80 -22.28
CA PHE B 97 20.06 33.62 -21.39
C PHE B 97 20.76 34.98 -21.28
N ALA B 98 19.95 36.00 -21.13
CA ALA B 98 20.34 37.37 -20.76
C ALA B 98 20.16 37.47 -19.26
N GLY B 99 20.93 38.31 -18.59
CA GLY B 99 20.65 38.65 -17.18
C GLY B 99 20.86 37.44 -16.28
N VAL B 100 21.92 36.71 -16.51
CA VAL B 100 22.13 35.36 -15.91
C VAL B 100 22.46 35.50 -14.42
N GLU B 101 23.14 36.57 -13.99
CA GLU B 101 23.55 36.67 -12.56
C GLU B 101 22.31 36.77 -11.65
N ARG B 102 21.27 37.43 -12.11
CA ARG B 102 20.08 37.71 -11.26
C ARG B 102 19.19 36.44 -11.22
N ARG B 103 19.44 35.47 -12.08
CA ARG B 103 18.57 34.27 -12.22
C ARG B 103 18.89 33.24 -11.15
N VAL B 104 20.12 33.21 -10.66
CA VAL B 104 20.59 32.16 -9.69
C VAL B 104 21.29 32.86 -8.52
N GLN B 105 20.67 32.76 -7.36
CA GLN B 105 21.17 33.43 -6.14
C GLN B 105 21.42 32.38 -5.05
N THR B 106 22.20 32.76 -4.05
CA THR B 106 22.65 31.84 -3.01
C THR B 106 22.49 32.47 -1.64
N LEU B 107 22.41 31.61 -0.64
CA LEU B 107 22.51 32.00 0.78
C LEU B 107 23.21 30.87 1.49
N ALA B 108 24.40 31.16 2.01
CA ALA B 108 25.27 30.19 2.69
C ALA B 108 25.03 30.26 4.19
N ASN B 109 25.58 29.28 4.88
CA ASN B 109 25.50 29.10 6.36
C ASN B 109 24.05 28.88 6.76
N VAL B 110 23.25 28.28 5.87
CA VAL B 110 21.83 27.94 6.20
C VAL B 110 21.88 26.52 6.79
N ASP B 111 21.68 26.47 8.10
CA ASP B 111 21.65 25.24 8.92
C ASP B 111 20.18 24.83 9.10
N VAL B 112 19.76 23.79 8.40
CA VAL B 112 18.33 23.38 8.42
C VAL B 112 17.89 22.92 9.81
N SER B 113 18.80 22.66 10.75
CA SER B 113 18.42 22.34 12.17
C SER B 113 18.11 23.61 12.97
N ASN B 114 18.28 24.80 12.39
CA ASN B 114 18.03 26.08 13.09
C ASN B 114 16.90 26.89 12.42
N PHE B 115 15.81 27.14 13.13
CA PHE B 115 14.63 27.91 12.62
C PHE B 115 15.06 29.29 12.13
N GLU B 116 15.81 30.04 12.92
CA GLU B 116 16.22 31.41 12.53
C GLU B 116 16.95 31.39 11.19
N SER B 117 17.83 30.42 10.99
CA SER B 117 18.60 30.25 9.73
C SER B 117 17.66 29.97 8.56
N LEU B 118 16.66 29.10 8.75
CA LEU B 118 15.70 28.79 7.65
C LEU B 118 14.86 30.01 7.26
N LYS B 119 14.43 30.75 8.26
CA LYS B 119 13.61 31.97 8.03
C LYS B 119 14.43 32.93 7.15
N GLY B 120 15.73 33.01 7.37
CA GLY B 120 16.61 33.82 6.49
C GLY B 120 16.56 33.35 5.05
N ALA B 121 16.45 32.05 4.78
CA ALA B 121 16.35 31.55 3.39
C ALA B 121 15.03 32.01 2.76
N VAL B 122 13.92 31.94 3.50
CA VAL B 122 12.62 32.41 2.94
C VAL B 122 12.72 33.93 2.64
N ASP B 123 13.25 34.69 3.57
CA ASP B 123 13.35 36.18 3.44
C ASP B 123 14.22 36.52 2.21
N ALA B 124 15.33 35.80 2.01
CA ALA B 124 16.28 36.05 0.90
C ALA B 124 15.59 35.75 -0.42
N THR B 125 14.77 34.70 -0.48
CA THR B 125 14.10 34.30 -1.73
C THR B 125 13.15 35.41 -2.12
N LEU B 126 12.36 35.88 -1.16
CA LEU B 126 11.35 36.91 -1.42
C LEU B 126 12.06 38.22 -1.79
N LYS B 127 13.16 38.55 -1.11
CA LYS B 127 13.90 39.83 -1.42
C LYS B 127 14.42 39.79 -2.86
N ALA B 128 14.98 38.65 -3.29
CA ALA B 128 15.57 38.45 -4.64
C ALA B 128 14.50 38.41 -5.71
N PHE B 129 13.40 37.67 -5.50
CA PHE B 129 12.48 37.32 -6.60
C PHE B 129 11.04 37.78 -6.38
N GLY B 130 10.63 38.20 -5.19
CA GLY B 130 9.31 38.79 -4.94
C GLY B 130 8.22 37.72 -4.78
N ARG B 131 8.56 36.44 -4.85
CA ARG B 131 7.56 35.35 -4.67
C ARG B 131 8.33 34.04 -4.55
N ILE B 132 7.62 32.98 -4.22
CA ILE B 132 8.18 31.60 -4.28
C ILE B 132 7.13 30.74 -4.96
N ASP B 133 7.50 30.02 -5.99
CA ASP B 133 6.57 29.07 -6.68
C ASP B 133 6.84 27.66 -6.16
N TYR B 134 8.12 27.26 -6.11
CA TYR B 134 8.53 25.88 -5.72
C TYR B 134 9.37 25.94 -4.45
N LEU B 135 9.05 25.09 -3.49
CA LEU B 135 9.90 24.81 -2.32
C LEU B 135 10.38 23.37 -2.44
N ILE B 136 11.68 23.18 -2.53
CA ILE B 136 12.31 21.85 -2.65
C ILE B 136 13.06 21.58 -1.36
N ASN B 137 12.48 20.72 -0.55
CA ASN B 137 12.99 20.30 0.78
C ASN B 137 13.99 19.17 0.54
N ASN B 138 15.23 19.55 0.21
CA ASN B 138 16.24 18.59 -0.26
C ASN B 138 17.30 18.31 0.82
N ALA B 139 17.60 19.26 1.68
CA ALA B 139 18.68 19.16 2.65
C ALA B 139 18.45 17.93 3.52
N GLY B 140 19.50 17.21 3.83
CA GLY B 140 19.36 16.02 4.67
C GLY B 140 20.68 15.65 5.29
N VAL B 141 20.65 15.09 6.48
CA VAL B 141 21.84 14.46 7.13
C VAL B 141 21.64 12.96 7.24
N ALA B 142 22.76 12.20 7.31
CA ALA B 142 22.76 10.74 7.43
C ALA B 142 22.28 10.34 8.83
N GLY B 143 22.60 11.14 9.84
CA GLY B 143 22.15 10.94 11.23
C GLY B 143 23.15 10.14 12.07
N ALA B 144 22.64 9.48 13.11
CA ALA B 144 23.48 8.91 14.18
C ALA B 144 24.29 7.70 13.70
N GLU B 145 23.76 6.91 12.75
CA GLU B 145 24.39 5.65 12.28
C GLU B 145 24.79 4.82 13.50
N ASP B 146 23.81 4.55 14.36
CA ASP B 146 23.95 3.71 15.58
C ASP B 146 22.66 2.90 15.69
N MET B 147 22.76 1.75 16.31
CA MET B 147 21.60 1.00 16.80
C MET B 147 20.87 1.88 17.82
N VAL B 148 19.57 1.73 17.88
CA VAL B 148 18.72 2.47 18.84
C VAL B 148 19.25 2.38 20.28
N VAL B 149 19.67 1.19 20.72
CA VAL B 149 20.20 1.04 22.09
C VAL B 149 21.50 1.83 22.32
N ASP B 150 22.20 2.25 21.27
CA ASP B 150 23.49 2.99 21.39
C ASP B 150 23.31 4.48 21.05
N MET B 151 22.15 4.86 20.53
CA MET B 151 21.97 6.20 19.90
C MET B 151 21.66 7.25 20.99
N GLY B 152 22.33 8.40 20.97
CA GLY B 152 22.01 9.50 21.90
C GLY B 152 20.73 10.23 21.54
N VAL B 153 20.04 10.80 22.52
CA VAL B 153 18.82 11.59 22.26
C VAL B 153 19.21 12.82 21.46
N ASP B 154 20.32 13.47 21.76
CA ASP B 154 20.74 14.66 20.98
C ASP B 154 20.97 14.32 19.50
N ALA B 155 21.60 13.19 19.18
CA ALA B 155 21.80 12.77 17.77
C ALA B 155 20.45 12.54 17.11
N TRP B 156 19.59 11.79 17.77
CA TRP B 156 18.23 11.52 17.24
C TRP B 156 17.54 12.85 16.94
N ASP B 157 17.52 13.77 17.92
CA ASP B 157 16.80 15.05 17.78
C ASP B 157 17.36 15.85 16.61
N TYR B 158 18.68 15.86 16.48
CA TYR B 158 19.31 16.61 15.38
C TYR B 158 18.82 16.06 14.02
N THR B 159 18.78 14.76 13.86
CA THR B 159 18.36 14.12 12.60
C THR B 159 16.93 14.52 12.33
N LEU B 160 16.05 14.39 13.32
CA LEU B 160 14.63 14.71 13.08
C LEU B 160 14.49 16.22 12.83
N ASP B 161 15.23 17.07 13.54
CA ASP B 161 15.17 18.53 13.30
C ASP B 161 15.63 18.90 11.88
N ALA B 162 16.78 18.39 11.43
CA ALA B 162 17.38 18.71 10.13
C ALA B 162 16.54 18.15 8.99
N ASN B 163 16.14 16.89 9.11
CA ASN B 163 15.49 16.15 7.99
C ASN B 163 13.97 16.29 7.89
N LEU B 164 13.28 16.52 9.00
CA LEU B 164 11.80 16.51 9.00
C LEU B 164 11.18 17.80 9.53
N VAL B 165 11.53 18.22 10.74
CA VAL B 165 10.90 19.44 11.31
C VAL B 165 11.19 20.65 10.41
N SER B 166 12.39 20.72 9.88
CA SER B 166 12.78 21.80 8.92
C SER B 166 11.78 21.89 7.80
N ASN B 167 11.30 20.75 7.32
CA ASN B 167 10.45 20.75 6.11
C ASN B 167 9.14 21.42 6.52
N TYR B 168 8.65 21.10 7.72
CA TYR B 168 7.38 21.67 8.20
C TYR B 168 7.59 23.18 8.45
N PHE B 169 8.71 23.55 9.01
CA PHE B 169 9.04 24.99 9.26
C PHE B 169 8.88 25.77 7.95
N LEU B 170 9.53 25.28 6.89
CA LEU B 170 9.45 26.01 5.59
C LEU B 170 8.03 25.98 5.04
N MET B 171 7.33 24.84 5.10
CA MET B 171 5.93 24.72 4.65
C MET B 171 5.05 25.76 5.35
N HIS B 172 5.18 25.86 6.66
CA HIS B 172 4.42 26.82 7.49
C HIS B 172 4.55 28.24 6.90
N HIS B 173 5.76 28.65 6.53
CA HIS B 173 6.06 30.03 6.10
C HIS B 173 5.67 30.20 4.64
N VAL B 174 5.84 29.20 3.79
CA VAL B 174 5.68 29.46 2.34
C VAL B 174 4.27 29.12 1.92
N ALA B 175 3.62 28.14 2.55
CA ALA B 175 2.30 27.70 2.05
C ALA B 175 1.31 28.87 2.00
N PRO B 176 1.17 29.73 3.03
CA PRO B 176 0.23 30.86 2.93
C PRO B 176 0.53 31.81 1.75
N LEU B 177 1.83 32.02 1.44
CA LEU B 177 2.27 32.87 0.32
C LEU B 177 1.75 32.24 -0.98
N MET B 178 1.94 30.93 -1.12
CA MET B 178 1.51 30.18 -2.32
C MET B 178 0.00 30.20 -2.43
N LYS B 179 -0.71 29.97 -1.33
CA LYS B 179 -2.21 29.97 -1.39
C LYS B 179 -2.69 31.37 -1.83
N ALA B 180 -2.10 32.42 -1.27
CA ALA B 180 -2.54 33.81 -1.57
C ALA B 180 -2.32 34.11 -3.06
N GLN B 181 -1.21 33.64 -3.66
CA GLN B 181 -0.94 33.90 -5.09
C GLN B 181 -1.72 32.94 -6.00
N GLY B 182 -2.31 31.89 -5.46
CA GLY B 182 -3.19 30.96 -6.20
C GLY B 182 -2.50 29.69 -6.68
N SER B 183 -1.21 29.49 -6.43
CA SER B 183 -0.48 28.30 -6.94
C SER B 183 0.82 28.12 -6.16
N GLY B 184 1.31 26.88 -6.07
CA GLY B 184 2.65 26.57 -5.56
C GLY B 184 2.88 25.07 -5.65
N TYR B 185 4.12 24.70 -5.41
CA TYR B 185 4.52 23.29 -5.37
C TYR B 185 5.54 23.13 -4.25
N ILE B 186 5.24 22.20 -3.37
CA ILE B 186 6.19 21.78 -2.29
C ILE B 186 6.59 20.34 -2.60
N LEU B 187 7.91 20.09 -2.64
CA LEU B 187 8.44 18.73 -2.93
C LEU B 187 9.38 18.34 -1.80
N ASN B 188 9.08 17.24 -1.12
CA ASN B 188 9.98 16.68 -0.10
C ASN B 188 10.88 15.61 -0.70
N VAL B 189 12.17 15.76 -0.46
CA VAL B 189 13.13 14.75 -0.95
C VAL B 189 13.28 13.72 0.16
N SER B 190 12.52 12.64 0.05
CA SER B 190 12.53 11.51 1.00
C SER B 190 13.53 10.47 0.49
N SER B 191 13.38 9.24 0.96
CA SER B 191 14.28 8.16 0.53
C SER B 191 13.48 6.88 0.41
N TYR B 192 13.88 6.03 -0.52
CA TYR B 192 13.34 4.66 -0.60
C TYR B 192 13.31 4.07 0.80
N PHE B 193 14.35 4.36 1.60
CA PHE B 193 14.55 3.81 2.97
C PHE B 193 13.53 4.33 4.01
N GLY B 194 12.76 5.33 3.64
CA GLY B 194 11.57 5.82 4.38
C GLY B 194 10.32 5.01 4.13
N GLY B 195 10.41 3.98 3.28
CA GLY B 195 9.29 3.11 2.93
C GLY B 195 8.37 3.71 1.91
N GLU B 196 7.18 3.10 1.76
CA GLU B 196 6.16 3.55 0.81
C GLU B 196 4.81 3.36 1.47
N LYS B 197 3.79 3.93 0.85
CA LYS B 197 2.46 3.93 1.48
C LYS B 197 2.07 2.50 1.80
N TYR B 198 1.60 2.27 3.02
CA TYR B 198 1.09 0.93 3.44
C TYR B 198 2.24 -0.06 3.62
N LEU B 199 3.52 0.28 3.34
CA LEU B 199 4.60 -0.70 3.42
C LEU B 199 5.84 -0.08 4.06
N ALA B 200 6.04 -0.33 5.34
CA ALA B 200 7.21 0.14 6.07
C ALA B 200 8.44 -0.66 5.64
N VAL B 201 9.63 -0.11 5.89
CA VAL B 201 10.87 -0.86 5.58
C VAL B 201 11.85 -0.69 6.76
N ALA B 202 12.48 -1.78 7.18
CA ALA B 202 13.48 -1.71 8.25
C ALA B 202 14.77 -1.12 7.68
N TYR B 203 15.42 -0.23 8.41
CA TYR B 203 16.73 0.34 8.01
C TYR B 203 17.65 0.24 9.23
N PRO B 204 18.17 -0.96 9.54
CA PRO B 204 18.97 -1.17 10.73
C PRO B 204 20.18 -0.23 10.81
N ASN B 205 20.45 0.28 12.01
N ASN B 205 20.40 0.27 12.02
CA ASN B 205 21.56 1.22 12.28
CA ASN B 205 21.48 1.21 12.41
C ASN B 205 21.15 2.64 11.90
C ASN B 205 21.16 2.61 11.89
N ARG B 206 19.97 2.86 11.34
CA ARG B 206 19.61 4.17 10.77
C ARG B 206 18.21 4.59 11.21
N ALA B 207 17.76 4.19 12.40
CA ALA B 207 16.33 4.39 12.77
C ALA B 207 15.95 5.89 12.72
N ASP B 208 16.83 6.78 13.13
CA ASP B 208 16.58 8.26 13.17
C ASP B 208 16.36 8.71 11.73
N TYR B 209 17.26 8.31 10.83
CA TYR B 209 17.18 8.63 9.39
C TYR B 209 15.87 8.08 8.78
N ALA B 210 15.57 6.79 9.01
CA ALA B 210 14.37 6.11 8.43
C ALA B 210 13.13 6.86 8.90
N VAL B 211 13.04 7.16 10.19
CA VAL B 211 11.88 7.94 10.75
C VAL B 211 11.80 9.29 10.06
N SER B 212 12.88 10.01 9.94
CA SER B 212 12.85 11.36 9.31
C SER B 212 12.38 11.25 7.84
N LYS B 213 12.82 10.23 7.13
CA LYS B 213 12.46 10.08 5.70
C LYS B 213 11.02 9.58 5.55
N ALA B 214 10.59 8.67 6.40
CA ALA B 214 9.19 8.17 6.42
C ALA B 214 8.28 9.38 6.73
N GLY B 215 8.71 10.22 7.67
CA GLY B 215 7.98 11.44 8.03
C GLY B 215 7.80 12.42 6.87
N GLN B 216 8.82 12.63 6.05
CA GLN B 216 8.71 13.52 4.88
C GLN B 216 7.64 13.00 3.93
N ARG B 217 7.58 11.69 3.72
CA ARG B 217 6.55 11.08 2.87
C ARG B 217 5.18 11.16 3.57
N ALA B 218 5.13 10.85 4.85
CA ALA B 218 3.87 10.79 5.63
C ALA B 218 3.24 12.17 5.62
N MET B 219 4.04 13.24 5.65
CA MET B 219 3.49 14.62 5.56
C MET B 219 2.71 14.78 4.24
N VAL B 220 3.26 14.31 3.14
CA VAL B 220 2.63 14.40 1.79
C VAL B 220 1.34 13.62 1.77
N GLU B 221 1.37 12.44 2.35
CA GLU B 221 0.18 11.55 2.36
C GLU B 221 -0.93 12.19 3.18
N SER B 222 -0.63 12.78 4.34
CA SER B 222 -1.68 13.22 5.30
C SER B 222 -2.03 14.70 5.17
N MET B 223 -1.16 15.52 4.60
CA MET B 223 -1.34 17.00 4.64
C MET B 223 -1.65 17.59 3.26
N ALA B 224 -1.48 16.84 2.18
CA ALA B 224 -1.70 17.41 0.84
C ALA B 224 -3.17 17.89 0.72
N ARG B 225 -4.12 17.21 1.35
CA ARG B 225 -5.53 17.66 1.33
C ARG B 225 -5.62 19.14 1.77
N TYR B 226 -4.88 19.52 2.80
CA TYR B 226 -4.96 20.86 3.43
C TYR B 226 -4.16 21.92 2.66
N LEU B 227 -3.20 21.52 1.79
CA LEU B 227 -2.38 22.46 1.00
C LEU B 227 -3.08 22.72 -0.32
N GLY B 228 -3.95 21.82 -0.74
CA GLY B 228 -4.85 22.04 -1.87
C GLY B 228 -5.87 23.10 -1.52
N PRO B 229 -6.59 23.68 -2.48
CA PRO B 229 -6.44 23.39 -3.90
C PRO B 229 -5.27 24.05 -4.62
N GLU B 230 -4.63 25.05 -3.99
CA GLU B 230 -3.60 25.85 -4.67
C GLU B 230 -2.26 25.12 -4.78
N VAL B 231 -1.85 24.41 -3.73
CA VAL B 231 -0.48 23.91 -3.62
C VAL B 231 -0.46 22.38 -3.88
N GLN B 232 0.39 21.98 -4.82
CA GLN B 232 0.75 20.56 -5.04
C GLN B 232 1.76 20.21 -3.96
N PHE B 233 1.63 19.05 -3.34
CA PHE B 233 2.57 18.57 -2.30
C PHE B 233 2.86 17.09 -2.56
N ASN B 234 4.09 16.81 -2.97
CA ASN B 234 4.53 15.46 -3.37
C ASN B 234 5.90 15.21 -2.77
N ALA B 235 6.35 13.97 -2.85
CA ALA B 235 7.70 13.58 -2.40
C ALA B 235 8.39 12.88 -3.56
N ILE B 236 9.71 12.71 -3.43
CA ILE B 236 10.47 11.75 -4.28
C ILE B 236 11.20 10.81 -3.32
N ALA B 237 11.38 9.56 -3.71
CA ALA B 237 12.02 8.58 -2.80
C ALA B 237 13.09 7.80 -3.56
N PRO B 238 14.20 8.43 -3.91
CA PRO B 238 15.28 7.73 -4.54
C PRO B 238 15.99 6.83 -3.51
N GLY B 239 16.58 5.73 -3.98
CA GLY B 239 17.39 4.93 -3.08
C GLY B 239 18.81 5.49 -3.14
N PRO B 240 19.84 4.63 -3.12
CA PRO B 240 21.20 5.07 -3.41
C PRO B 240 21.31 5.71 -4.80
N VAL B 241 22.15 6.75 -4.88
CA VAL B 241 22.33 7.61 -6.09
C VAL B 241 23.83 7.73 -6.38
N ASP B 242 24.17 7.48 -7.65
CA ASP B 242 25.58 7.41 -8.15
C ASP B 242 26.14 8.84 -8.30
N GLY B 243 27.22 9.10 -7.60
CA GLY B 243 27.95 10.39 -7.63
C GLY B 243 29.09 10.37 -6.65
N ASP B 244 29.71 11.53 -6.46
CA ASP B 244 30.94 11.70 -5.64
C ASP B 244 30.70 11.21 -4.21
N ARG B 245 29.55 11.56 -3.62
CA ARG B 245 29.28 11.21 -2.20
C ARG B 245 29.20 9.68 -2.08
N LEU B 246 28.49 9.02 -3.00
CA LEU B 246 28.37 7.54 -2.96
C LEU B 246 29.71 6.87 -3.23
N SER B 247 30.41 7.30 -4.28
CA SER B 247 31.73 6.74 -4.71
C SER B 247 32.81 7.01 -3.67
N GLY B 248 32.78 8.22 -3.12
CA GLY B 248 33.80 8.69 -2.17
C GLY B 248 34.80 9.52 -2.94
N THR B 249 35.08 10.73 -2.46
CA THR B 249 36.03 11.62 -3.17
C THR B 249 37.06 12.15 -2.19
N GLY B 250 38.19 12.63 -2.70
CA GLY B 250 39.31 13.09 -1.86
C GLY B 250 39.88 11.93 -1.07
N GLY B 251 39.93 12.05 0.26
CA GLY B 251 40.43 10.97 1.14
C GLY B 251 39.32 10.00 1.55
N LYS B 252 38.06 10.28 1.20
CA LYS B 252 36.83 9.87 1.95
C LYS B 252 36.35 8.49 1.47
N PRO B 253 36.11 7.52 2.38
CA PRO B 253 35.45 6.27 2.02
C PRO B 253 34.11 6.53 1.32
N GLY B 254 33.78 5.72 0.31
CA GLY B 254 32.44 5.72 -0.27
C GLY B 254 31.44 5.25 0.76
N LEU B 255 30.14 5.43 0.49
CA LEU B 255 29.07 5.13 1.48
C LEU B 255 28.97 3.63 1.76
N PHE B 256 29.27 2.75 0.80
CA PHE B 256 29.11 1.29 1.05
C PHE B 256 30.28 0.87 1.95
N GLU B 257 31.46 1.43 1.72
CA GLU B 257 32.67 1.19 2.54
C GLU B 257 32.41 1.73 3.95
N ARG B 258 31.77 2.90 4.08
CA ARG B 258 31.34 3.48 5.39
C ARG B 258 30.39 2.53 6.11
N ARG B 259 29.29 2.11 5.47
CA ARG B 259 28.29 1.16 6.02
C ARG B 259 29.03 -0.12 6.46
N GLY B 260 29.96 -0.63 5.65
CA GLY B 260 30.63 -1.91 5.91
C GLY B 260 31.45 -1.83 7.17
N LYS B 261 32.20 -0.75 7.34
CA LYS B 261 33.02 -0.57 8.54
C LYS B 261 32.13 -0.50 9.79
N LEU B 262 30.95 0.12 9.70
CA LEU B 262 30.01 0.19 10.85
C LEU B 262 29.40 -1.19 11.13
N ILE B 263 29.05 -1.94 10.08
CA ILE B 263 28.56 -3.33 10.23
C ILE B 263 29.56 -4.12 11.09
N LEU B 264 30.86 -3.99 10.83
CA LEU B 264 31.85 -4.84 11.56
C LEU B 264 31.98 -4.35 13.01
N GLU B 265 32.07 -3.04 13.23
CA GLU B 265 32.13 -2.46 14.60
C GLU B 265 30.89 -2.93 15.38
N ASN B 266 29.70 -2.88 14.77
CA ASN B 266 28.45 -3.29 15.48
C ASN B 266 28.50 -4.79 15.74
N LYS B 267 29.07 -5.56 14.81
CA LYS B 267 29.19 -7.02 14.99
C LYS B 267 30.07 -7.34 16.23
N ARG B 268 31.19 -6.67 16.38
CA ARG B 268 32.13 -6.92 17.51
C ARG B 268 31.44 -6.48 18.81
N LEU B 269 30.87 -5.26 18.86
CA LEU B 269 30.08 -4.81 20.04
C LEU B 269 29.03 -5.86 20.41
N ASN B 270 28.21 -6.33 19.46
CA ASN B 270 27.07 -7.23 19.74
C ASN B 270 27.59 -8.56 20.31
N ALA B 271 28.73 -9.03 19.76
CA ALA B 271 29.35 -10.33 20.13
C ALA B 271 29.89 -10.24 21.56
N VAL B 272 30.61 -9.16 21.88
CA VAL B 272 31.21 -8.96 23.21
C VAL B 272 30.06 -8.81 24.20
N HIS B 273 29.06 -8.00 23.84
CA HIS B 273 27.89 -7.80 24.69
C HIS B 273 27.14 -9.10 24.94
N ALA B 274 26.93 -9.91 23.90
CA ALA B 274 26.15 -11.16 24.03
C ALA B 274 26.84 -12.12 25.02
N ALA B 275 28.17 -12.19 24.94
CA ALA B 275 29.00 -13.07 25.78
C ALA B 275 28.89 -12.61 27.23
N ALA B 276 28.98 -11.29 27.47
CA ALA B 276 28.86 -10.70 28.81
C ALA B 276 27.49 -11.01 29.39
N ILE B 277 26.42 -10.77 28.63
CA ILE B 277 25.04 -11.05 29.11
C ILE B 277 24.86 -12.55 29.38
N LYS B 278 25.36 -13.41 28.49
CA LYS B 278 25.14 -14.88 28.66
C LYS B 278 25.85 -15.35 29.95
N ALA B 279 27.03 -14.79 30.24
CA ALA B 279 27.78 -15.10 31.48
C ALA B 279 26.98 -14.60 32.68
N ILE B 280 26.44 -13.38 32.63
CA ILE B 280 25.69 -12.78 33.76
C ILE B 280 24.41 -13.60 33.97
N ARG B 281 23.74 -14.05 32.92
CA ARG B 281 22.50 -14.84 33.09
C ARG B 281 22.82 -16.14 33.84
N ARG B 282 23.96 -16.74 33.57
CA ARG B 282 24.40 -18.02 34.17
C ARG B 282 24.82 -17.77 35.63
N GLY B 283 25.05 -16.50 36.00
CA GLY B 283 25.24 -16.05 37.39
C GLY B 283 26.67 -15.63 37.66
N VAL B 284 27.50 -15.43 36.64
CA VAL B 284 28.81 -14.75 36.78
C VAL B 284 28.54 -13.29 37.16
N ARG B 285 29.26 -12.77 38.15
CA ARG B 285 29.19 -11.35 38.53
C ARG B 285 29.66 -10.42 37.39
N VAL B 286 28.94 -9.32 37.17
CA VAL B 286 29.25 -8.38 36.05
C VAL B 286 30.65 -7.81 36.28
N GLU B 287 31.07 -7.61 37.54
N GLU B 287 31.01 -7.59 37.56
CA GLU B 287 32.41 -7.06 37.85
CA GLU B 287 32.36 -7.16 38.03
C GLU B 287 33.49 -8.07 37.43
C GLU B 287 33.44 -8.06 37.43
N ALA B 288 33.22 -9.37 37.54
CA ALA B 288 34.16 -10.44 37.14
C ALA B 288 34.25 -10.45 35.61
N VAL B 289 33.11 -10.34 34.91
CA VAL B 289 33.10 -10.29 33.42
C VAL B 289 33.94 -9.12 32.97
N LEU B 290 33.74 -7.94 33.54
CA LEU B 290 34.38 -6.70 33.05
C LEU B 290 35.87 -6.71 33.45
N ALA B 291 36.23 -7.24 34.61
CA ALA B 291 37.66 -7.38 35.00
C ALA B 291 38.36 -8.28 33.98
N ARG B 292 37.69 -9.37 33.54
CA ARG B 292 38.28 -10.29 32.53
C ARG B 292 38.33 -9.65 31.14
N LEU B 293 37.29 -8.93 30.71
CA LEU B 293 37.33 -8.18 29.41
C LEU B 293 38.38 -7.07 29.49
N ALA B 294 38.61 -6.46 30.65
CA ALA B 294 39.53 -5.30 30.73
C ALA B 294 40.95 -5.71 30.30
N ARG B 295 41.33 -6.97 30.50
CA ARG B 295 42.69 -7.46 30.14
C ARG B 295 42.82 -7.38 28.62
N ASN B 296 41.70 -7.50 27.89
CA ASN B 296 41.60 -7.11 26.45
C ASN B 296 42.64 -7.87 25.63
N ASP B 297 42.79 -9.18 25.87
CA ASP B 297 43.83 -10.05 25.23
C ASP B 297 43.23 -11.40 24.82
N THR B 298 43.01 -11.61 23.53
CA THR B 298 42.26 -12.78 23.04
C THR B 298 43.04 -14.09 23.33
N VAL B 299 44.32 -14.10 22.98
CA VAL B 299 45.20 -15.28 23.23
C VAL B 299 45.01 -15.72 24.68
N LYS B 300 45.27 -14.82 25.63
CA LYS B 300 45.23 -15.12 27.09
C LYS B 300 43.82 -15.47 27.55
N MET B 301 42.79 -14.88 26.93
CA MET B 301 41.37 -15.16 27.29
C MET B 301 40.93 -16.53 26.75
N SER B 302 41.38 -16.95 25.55
CA SER B 302 40.98 -18.21 24.85
C SER B 302 41.18 -19.44 25.76
N HIS B 303 42.28 -19.47 26.51
CA HIS B 303 42.82 -20.72 27.10
C HIS B 303 42.91 -20.63 28.63
N ASP B 304 43.02 -19.42 29.19
CA ASP B 304 42.96 -19.20 30.65
C ASP B 304 41.61 -19.73 31.16
N THR B 305 41.67 -20.69 32.09
CA THR B 305 40.55 -21.59 32.48
C THR B 305 39.64 -20.90 33.50
N ASN B 306 40.06 -19.77 34.10
CA ASN B 306 39.21 -18.98 35.04
C ASN B 306 38.65 -17.75 34.32
N ASN B 307 38.59 -17.78 32.99
CA ASN B 307 37.65 -16.98 32.17
C ASN B 307 36.38 -17.81 32.03
N PRO B 308 35.17 -17.23 32.20
CA PRO B 308 33.94 -17.99 31.97
C PRO B 308 33.93 -18.54 30.55
N ARG B 309 33.22 -19.66 30.32
CA ARG B 309 33.13 -20.36 29.02
C ARG B 309 32.79 -19.35 27.91
N GLU B 310 31.86 -18.41 28.17
CA GLU B 310 31.37 -17.45 27.14
C GLU B 310 32.53 -16.57 26.70
N LEU B 311 33.39 -16.14 27.62
CA LEU B 311 34.51 -15.25 27.24
C LEU B 311 35.58 -16.06 26.54
N ARG B 312 35.77 -17.33 26.91
CA ARG B 312 36.76 -18.17 26.21
C ARG B 312 36.30 -18.36 24.77
N GLU B 313 35.01 -18.69 24.60
CA GLU B 313 34.39 -18.96 23.28
C GLU B 313 34.49 -17.68 22.46
N LEU B 314 34.16 -16.53 23.06
CA LEU B 314 34.27 -15.20 22.40
C LEU B 314 35.71 -14.97 21.91
N ALA B 315 36.71 -15.12 22.80
CA ALA B 315 38.13 -14.87 22.45
C ALA B 315 38.61 -15.82 21.32
N LEU B 316 38.27 -17.11 21.40
CA LEU B 316 38.63 -18.06 20.31
C LEU B 316 38.09 -17.53 18.98
N ALA B 317 36.81 -17.15 18.93
CA ALA B 317 36.13 -16.67 17.70
C ALA B 317 36.83 -15.39 17.21
N CYS B 318 37.14 -14.46 18.10
CA CYS B 318 37.81 -13.19 17.73
C CYS B 318 39.20 -13.47 17.13
N ALA B 319 39.93 -14.43 17.70
CA ALA B 319 41.30 -14.84 17.28
C ALA B 319 41.33 -15.38 15.84
N ARG B 320 40.19 -15.81 15.27
CA ARG B 320 40.11 -16.38 13.88
C ARG B 320 39.74 -15.31 12.84
N GLU B 321 39.58 -14.04 13.22
CA GLU B 321 39.00 -12.98 12.34
C GLU B 321 40.11 -12.06 11.79
N GLY B 322 41.39 -12.35 12.05
CA GLY B 322 42.49 -11.41 11.72
C GLY B 322 42.99 -11.53 10.28
N ASP B 323 43.87 -10.64 9.84
CA ASP B 323 44.45 -10.67 8.46
C ASP B 323 45.98 -10.56 8.51
N GLY B 324 46.60 -10.49 9.69
CA GLY B 324 48.06 -10.28 9.81
C GLY B 324 48.47 -8.82 9.85
N THR B 325 47.58 -7.86 9.57
CA THR B 325 47.88 -6.42 9.83
C THR B 325 47.03 -5.82 10.96
N CYS B 326 45.73 -6.13 10.99
CA CYS B 326 44.74 -5.49 11.90
C CYS B 326 44.87 -6.09 13.31
N THR B 327 44.22 -5.51 14.32
CA THR B 327 44.48 -5.90 15.74
C THR B 327 43.26 -6.52 16.43
N TRP B 328 42.13 -6.57 15.74
CA TRP B 328 40.87 -7.03 16.39
C TRP B 328 40.93 -8.54 16.69
N ASP B 329 41.97 -9.20 16.21
CA ASP B 329 42.17 -10.64 16.48
C ASP B 329 42.99 -10.80 17.77
N GLN B 330 43.65 -9.74 18.25
CA GLN B 330 44.52 -9.76 19.48
C GLN B 330 43.88 -9.00 20.65
N TYR B 331 43.04 -8.01 20.35
CA TYR B 331 42.28 -7.16 21.30
C TYR B 331 40.77 -7.38 21.07
N LEU B 332 40.00 -7.62 22.12
CA LEU B 332 38.50 -7.74 22.01
C LEU B 332 37.93 -6.36 21.66
N LEU B 333 38.44 -5.27 22.25
CA LEU B 333 37.74 -3.95 22.32
C LEU B 333 38.69 -2.78 22.02
N THR B 334 38.15 -1.78 21.34
CA THR B 334 38.64 -0.39 21.31
C THR B 334 37.98 0.36 22.47
N PRO B 335 38.54 1.49 22.93
CA PRO B 335 37.85 2.34 23.90
C PRO B 335 36.40 2.70 23.53
N GLN B 336 36.15 3.00 22.26
CA GLN B 336 34.81 3.40 21.78
C GLN B 336 33.85 2.21 21.91
N ILE B 337 34.23 0.99 21.55
CA ILE B 337 33.31 -0.17 21.65
C ILE B 337 33.14 -0.49 23.13
N ALA B 338 34.19 -0.37 23.92
CA ALA B 338 34.15 -0.64 25.37
C ALA B 338 33.18 0.31 26.08
N ALA B 339 33.20 1.59 25.73
CA ALA B 339 32.28 2.61 26.26
C ALA B 339 30.83 2.22 25.88
N ALA B 340 30.59 1.83 24.62
CA ALA B 340 29.23 1.47 24.20
C ALA B 340 28.81 0.23 24.99
N LEU B 341 29.72 -0.70 25.28
CA LEU B 341 29.35 -1.95 26.01
C LEU B 341 28.89 -1.60 27.43
N VAL B 342 29.65 -0.80 28.15
CA VAL B 342 29.29 -0.54 29.56
C VAL B 342 28.00 0.30 29.61
N SER B 343 27.75 1.18 28.64
CA SER B 343 26.47 1.94 28.58
C SER B 343 25.31 0.95 28.45
N ARG B 344 25.40 -0.07 27.59
CA ARG B 344 24.33 -1.10 27.45
C ARG B 344 24.13 -1.86 28.76
N LEU B 345 25.21 -2.22 29.45
CA LEU B 345 25.03 -2.96 30.74
C LEU B 345 24.38 -2.04 31.75
N ARG B 346 24.81 -0.78 31.83
CA ARG B 346 24.26 0.19 32.80
C ARG B 346 22.76 0.36 32.57
N GLN B 347 22.38 0.52 31.31
CA GLN B 347 20.99 0.92 30.99
C GLN B 347 20.03 -0.24 31.21
N ALA B 348 20.54 -1.47 31.25
CA ALA B 348 19.79 -2.70 31.55
C ALA B 348 19.66 -2.90 33.06
N GLY B 349 20.20 -2.00 33.85
CA GLY B 349 20.22 -2.07 35.32
C GLY B 349 21.17 -3.15 35.85
N LEU B 350 22.16 -3.55 35.07
CA LEU B 350 23.04 -4.68 35.47
C LEU B 350 24.14 -4.22 36.44
N PHE B 351 24.26 -2.92 36.67
CA PHE B 351 25.20 -2.37 37.68
C PHE B 351 24.54 -2.04 39.02
N LEU B 352 23.24 -2.27 39.22
CA LEU B 352 22.53 -1.78 40.43
C LEU B 352 23.21 -2.33 41.71
N ASP B 353 23.69 -3.58 41.66
CA ASP B 353 24.28 -4.24 42.84
C ASP B 353 25.80 -4.33 42.68
N ALA B 354 26.41 -3.58 41.76
CA ALA B 354 27.87 -3.75 41.49
C ALA B 354 28.59 -2.61 42.19
N PRO B 355 29.34 -2.89 43.28
CA PRO B 355 29.88 -1.82 44.11
C PRO B 355 30.63 -0.80 43.25
N GLU B 356 31.68 -1.22 42.52
CA GLU B 356 32.45 -0.19 41.78
C GLU B 356 31.62 0.47 40.67
N TRP B 357 31.12 -0.35 39.76
CA TRP B 357 30.38 0.13 38.55
C TRP B 357 29.11 0.91 38.88
N SER B 358 28.44 0.62 39.99
CA SER B 358 27.17 1.31 40.35
C SER B 358 27.35 2.83 40.50
N GLU B 359 28.54 3.32 40.92
CA GLU B 359 28.81 4.77 41.12
C GLU B 359 29.93 5.32 40.22
N ARG B 360 30.54 4.53 39.34
CA ARG B 360 31.60 5.08 38.46
C ARG B 360 31.03 6.19 37.58
N PRO B 361 31.72 7.32 37.35
CA PRO B 361 31.20 8.35 36.47
C PRO B 361 31.05 7.85 35.03
N VAL B 362 29.94 8.19 34.36
CA VAL B 362 29.67 7.83 32.93
C VAL B 362 30.79 8.39 32.06
N THR B 363 31.40 9.50 32.49
CA THR B 363 32.50 10.17 31.76
C THR B 363 33.70 9.21 31.60
N GLU B 364 33.83 8.16 32.42
CA GLU B 364 35.01 7.25 32.39
C GLU B 364 34.71 5.95 31.61
N ASP B 365 33.59 5.85 30.89
CA ASP B 365 33.18 4.59 30.18
C ASP B 365 34.20 4.17 29.11
N GLY B 366 35.03 5.08 28.61
CA GLY B 366 36.07 4.75 27.61
C GLY B 366 37.41 4.34 28.22
N ASP B 367 37.58 4.38 29.54
CA ASP B 367 38.94 4.42 30.18
C ASP B 367 39.29 3.16 30.97
N TRP B 368 38.47 2.13 30.95
CA TRP B 368 38.60 0.96 31.86
C TRP B 368 39.43 -0.19 31.28
N LEU B 369 39.81 -0.17 29.99
CA LEU B 369 40.64 -1.28 29.43
C LEU B 369 42.08 -1.19 30.00
N LEU B 370 42.68 -2.31 30.40
CA LEU B 370 44.07 -2.37 30.93
C LEU B 370 45.08 -2.27 29.78
N ARG B 371 44.68 -2.57 28.54
CA ARG B 371 45.50 -2.28 27.33
C ARG B 371 44.56 -2.02 26.15
N VAL B 372 45.04 -1.23 25.19
CA VAL B 372 44.24 -0.75 24.04
C VAL B 372 45.00 -1.12 22.77
N PRO B 373 44.30 -1.29 21.63
CA PRO B 373 44.96 -1.55 20.35
C PRO B 373 45.88 -0.39 20.03
N PRO B 374 47.08 -0.64 19.43
CA PRO B 374 48.00 0.43 19.06
C PRO B 374 47.42 1.31 17.95
N GLU B 375 47.83 2.58 17.92
CA GLU B 375 47.32 3.55 16.92
C GLU B 375 48.06 3.43 15.59
N ASP B 376 49.13 2.64 15.54
CA ASP B 376 49.93 2.48 14.30
C ASP B 376 49.33 1.40 13.39
N ALA B 377 48.26 0.73 13.82
CA ALA B 377 47.65 -0.32 12.99
C ALA B 377 46.12 -0.21 13.04
N PRO B 378 45.42 -0.65 11.99
CA PRO B 378 43.96 -0.63 11.97
C PRO B 378 43.44 -1.68 12.95
N PHE B 379 42.30 -1.42 13.58
CA PHE B 379 41.58 -2.44 14.38
C PHE B 379 40.94 -3.44 13.44
N LEU B 380 40.23 -2.91 12.44
CA LEU B 380 39.39 -3.73 11.54
C LEU B 380 40.19 -4.17 10.31
N PRO B 381 39.92 -5.35 9.74
CA PRO B 381 40.60 -5.78 8.52
C PRO B 381 39.95 -5.17 7.28
N ALA B 382 40.73 -4.52 6.41
CA ALA B 382 40.21 -3.77 5.24
C ALA B 382 39.58 -4.73 4.20
N ASP B 383 39.96 -6.01 4.20
CA ASP B 383 39.40 -7.04 3.27
C ASP B 383 37.97 -7.37 3.68
N LYS B 384 37.74 -7.51 4.99
CA LYS B 384 36.40 -7.78 5.56
C LYS B 384 35.54 -6.51 5.35
N ILE B 385 36.15 -5.33 5.40
CA ILE B 385 35.41 -4.05 5.13
C ILE B 385 35.02 -4.04 3.65
N ALA B 386 35.95 -4.34 2.75
CA ALA B 386 35.68 -4.34 1.29
C ALA B 386 34.61 -5.39 0.97
N ALA B 387 34.56 -6.53 1.67
CA ALA B 387 33.58 -7.61 1.43
C ALA B 387 32.19 -7.21 1.96
N GLU B 388 32.12 -6.61 3.15
CA GLU B 388 30.84 -6.04 3.67
C GLU B 388 30.33 -4.98 2.67
N ALA B 389 31.19 -4.12 2.13
CA ALA B 389 30.80 -3.06 1.16
C ALA B 389 30.27 -3.66 -0.14
N LYS B 390 30.89 -4.72 -0.67
CA LYS B 390 30.47 -5.36 -1.95
C LYS B 390 29.14 -6.07 -1.73
N LYS B 391 28.92 -6.62 -0.54
CA LYS B 391 27.62 -7.26 -0.18
C LYS B 391 26.53 -6.16 -0.09
N VAL B 392 26.77 -5.03 0.56
CA VAL B 392 25.81 -3.89 0.55
C VAL B 392 25.51 -3.49 -0.92
N GLY B 393 26.54 -3.19 -1.71
CA GLY B 393 26.46 -2.71 -3.12
C GLY B 393 25.69 -3.70 -3.99
N GLY B 394 26.02 -4.99 -3.92
CA GLY B 394 25.35 -6.03 -4.70
C GLY B 394 23.91 -6.20 -4.27
N GLY B 395 23.64 -6.06 -2.98
CA GLY B 395 22.30 -6.19 -2.39
C GLY B 395 21.33 -5.16 -2.95
N VAL B 396 21.82 -3.94 -3.27
CA VAL B 396 21.04 -2.85 -3.92
C VAL B 396 20.95 -3.15 -5.41
N LEU B 397 22.09 -3.37 -6.08
CA LEU B 397 22.20 -3.52 -7.57
C LEU B 397 21.30 -4.66 -8.02
N SER B 398 21.27 -5.77 -7.29
CA SER B 398 20.47 -6.97 -7.60
C SER B 398 18.98 -6.65 -7.46
N LYS B 399 18.58 -5.61 -6.72
CA LYS B 399 17.14 -5.31 -6.50
C LYS B 399 16.64 -4.23 -7.48
N LEU B 400 17.45 -3.74 -8.44
CA LEU B 400 17.01 -2.63 -9.32
C LEU B 400 16.43 -3.22 -10.60
N TYR B 401 15.16 -2.94 -10.89
CA TYR B 401 14.53 -3.36 -12.16
C TYR B 401 15.33 -2.83 -13.32
N LEU B 402 15.91 -1.64 -13.22
CA LEU B 402 16.55 -1.01 -14.42
C LEU B 402 18.04 -1.33 -14.43
N GLY B 403 18.50 -2.12 -13.47
CA GLY B 403 19.80 -2.77 -13.52
C GLY B 403 20.96 -1.87 -13.12
N LYS B 404 20.81 -0.56 -13.08
CA LYS B 404 21.91 0.31 -12.64
C LYS B 404 21.35 1.44 -11.79
N MET B 405 22.12 1.80 -10.78
CA MET B 405 21.76 2.87 -9.85
C MET B 405 21.57 4.13 -10.65
N PRO B 406 20.52 4.94 -10.41
CA PRO B 406 20.38 6.22 -11.11
C PRO B 406 21.53 7.14 -10.67
N THR B 407 21.96 8.05 -11.54
CA THR B 407 22.93 9.09 -11.12
C THR B 407 22.19 10.23 -10.43
N GLU B 408 22.92 11.13 -9.79
CA GLU B 408 22.37 12.37 -9.23
C GLU B 408 21.65 13.13 -10.33
N HIS B 409 22.22 13.19 -11.54
CA HIS B 409 21.64 13.95 -12.66
C HIS B 409 20.31 13.26 -13.04
N ASP B 410 20.29 11.93 -13.12
CA ASP B 410 19.07 11.15 -13.46
C ASP B 410 17.96 11.53 -12.46
N VAL B 411 18.24 11.50 -11.17
CA VAL B 411 17.20 11.85 -10.15
C VAL B 411 16.82 13.33 -10.27
N ALA B 412 17.75 14.24 -10.50
CA ALA B 412 17.45 15.67 -10.60
C ALA B 412 16.62 15.92 -11.85
N GLN B 413 16.94 15.24 -12.94
CA GLN B 413 16.17 15.33 -14.19
C GLN B 413 14.71 14.90 -13.93
N ALA B 414 14.55 13.76 -13.29
CA ALA B 414 13.21 13.27 -12.93
C ALA B 414 12.49 14.37 -12.12
N THR B 415 13.17 14.90 -11.10
CA THR B 415 12.57 15.90 -10.18
C THR B 415 12.04 17.09 -11.00
N VAL B 416 12.86 17.63 -11.90
CA VAL B 416 12.51 18.85 -12.69
C VAL B 416 11.35 18.50 -13.65
N PHE B 417 11.29 17.28 -14.17
CA PHE B 417 10.11 16.86 -14.98
C PHE B 417 8.86 16.78 -14.11
N PHE B 418 8.91 16.13 -12.93
CA PHE B 418 7.76 16.02 -12.02
C PHE B 418 7.27 17.41 -11.61
N LEU B 419 8.19 18.37 -11.37
CA LEU B 419 7.81 19.73 -10.93
C LEU B 419 6.98 20.46 -12.00
N ALA B 420 7.02 20.04 -13.25
CA ALA B 420 6.25 20.67 -14.34
C ALA B 420 4.81 20.14 -14.39
N ASP B 421 4.54 18.96 -13.82
CA ASP B 421 3.16 18.41 -13.81
C ASP B 421 2.25 19.25 -12.91
N ARG B 422 0.96 19.34 -13.26
CA ARG B 422 0.00 20.16 -12.49
C ARG B 422 -1.21 19.33 -12.04
N ALA B 423 -1.16 18.02 -12.21
CA ALA B 423 -2.28 17.13 -11.86
C ALA B 423 -1.97 16.20 -10.69
N VAL B 424 -0.75 16.16 -10.18
CA VAL B 424 -0.42 15.21 -9.10
C VAL B 424 -0.33 15.94 -7.76
N SER B 425 -0.96 15.40 -6.71
CA SER B 425 -0.72 15.88 -5.33
C SER B 425 -0.93 14.74 -4.34
N GLY B 426 -0.13 14.68 -3.29
CA GLY B 426 -0.25 13.65 -2.28
C GLY B 426 0.40 12.33 -2.68
N GLU B 427 1.42 12.37 -3.51
CA GLU B 427 2.07 11.15 -4.02
C GLU B 427 3.55 11.17 -3.71
N THR B 428 4.17 10.00 -3.78
CA THR B 428 5.63 9.88 -3.69
C THR B 428 6.12 9.26 -5.01
N PHE B 429 6.86 10.02 -5.78
CA PHE B 429 7.52 9.48 -7.00
C PHE B 429 8.75 8.67 -6.59
N MET B 430 9.14 7.68 -7.40
CA MET B 430 10.21 6.71 -7.03
C MET B 430 11.31 6.67 -8.08
N PRO B 431 12.12 7.72 -8.25
CA PRO B 431 13.22 7.73 -9.23
C PRO B 431 14.41 7.00 -8.64
N SER B 432 14.31 5.68 -8.53
CA SER B 432 15.24 4.84 -7.75
C SER B 432 16.00 3.88 -8.66
N GLY B 433 15.67 3.82 -9.96
CA GLY B 433 16.17 2.72 -10.81
C GLY B 433 15.29 1.49 -10.74
N GLY B 434 14.06 1.62 -10.27
CA GLY B 434 13.15 0.47 -10.06
C GLY B 434 13.56 -0.33 -8.84
N LEU B 435 14.06 0.35 -7.81
CA LEU B 435 14.52 -0.33 -6.57
C LEU B 435 13.34 -1.04 -5.92
N SER B 436 13.49 -2.34 -5.68
CA SER B 436 12.41 -3.18 -5.16
C SER B 436 12.96 -4.01 -3.99
N VAL B 437 12.78 -3.54 -2.77
CA VAL B 437 13.05 -4.34 -1.53
C VAL B 437 11.73 -5.03 -1.11
N GLU B 438 11.66 -6.35 -1.24
CA GLU B 438 10.45 -7.15 -0.97
C GLU B 438 10.38 -7.36 0.54
N ARG B 439 9.24 -7.00 1.10
CA ARG B 439 8.95 -7.15 2.55
C ARG B 439 7.42 -7.22 2.71
N SER B 440 6.98 -7.73 3.85
CA SER B 440 5.54 -7.90 4.18
C SER B 440 5.26 -7.12 5.49
N THR B 441 6.01 -6.05 5.78
CA THR B 441 5.79 -5.19 6.99
C THR B 441 4.72 -4.14 6.66
N THR B 442 3.45 -4.57 6.67
CA THR B 442 2.24 -3.82 6.22
C THR B 442 1.25 -3.63 7.38
N GLU B 443 0.66 -2.44 7.49
CA GLU B 443 -0.43 -2.08 8.46
C GLU B 443 -1.55 -3.11 8.38
N ARG B 444 -1.86 -3.83 9.47
CA ARG B 444 -2.99 -4.80 9.58
C ARG B 444 -4.12 -4.26 10.47
N GLU B 445 -5.37 -4.51 10.06
CA GLU B 445 -6.51 -4.24 10.98
C GLU B 445 -6.68 -5.53 11.77
N LEU B 446 -6.77 -5.45 13.10
CA LEU B 446 -6.90 -6.65 13.96
C LEU B 446 -8.32 -7.18 14.05
N PHE B 447 -8.44 -8.51 13.93
CA PHE B 447 -9.63 -9.34 14.22
C PHE B 447 -9.08 -10.76 14.48
N GLY B 448 -8.91 -11.19 15.74
CA GLY B 448 -8.31 -12.50 16.14
C GLY B 448 -7.92 -12.60 17.63
N SER B 449 -7.13 -13.63 18.03
CA SER B 449 -6.65 -13.80 19.46
C SER B 449 -5.69 -14.99 19.69
N PRO B 450 -5.06 -15.10 20.91
CA PRO B 450 -4.21 -16.21 21.33
C PRO B 450 -4.69 -17.03 22.54
N LYS B 451 -4.00 -18.11 22.89
CA LYS B 451 -4.52 -19.15 23.84
C LYS B 451 -4.48 -18.60 25.27
N GLN B 452 -5.35 -19.10 26.15
CA GLN B 452 -5.42 -18.75 27.61
C GLN B 452 -4.12 -19.23 28.28
N GLU B 453 -3.54 -20.35 27.85
CA GLU B 453 -2.23 -20.87 28.34
C GLU B 453 -1.12 -19.85 28.08
N ARG B 454 -1.22 -19.08 26.99
CA ARG B 454 -0.18 -18.06 26.66
C ARG B 454 -0.33 -16.91 27.65
N LEU B 455 -1.57 -16.44 27.86
CA LEU B 455 -1.89 -15.34 28.81
C LEU B 455 -1.54 -15.75 30.23
N ASP B 456 -1.69 -17.02 30.60
CA ASP B 456 -1.45 -17.50 31.98
C ASP B 456 0.04 -17.40 32.32
N GLN B 457 0.94 -17.27 31.33
CA GLN B 457 2.38 -17.06 31.57
C GLN B 457 2.63 -15.68 32.20
N MET B 458 1.65 -14.78 32.21
CA MET B 458 1.76 -13.42 32.80
C MET B 458 1.59 -13.52 34.33
N ARG B 459 1.07 -14.65 34.83
CA ARG B 459 0.72 -14.72 36.27
C ARG B 459 1.95 -14.41 37.13
N GLY B 460 1.78 -13.48 38.06
CA GLY B 460 2.83 -13.09 39.01
C GLY B 460 3.81 -12.10 38.43
N LYS B 461 3.69 -11.72 37.16
CA LYS B 461 4.72 -10.86 36.52
C LYS B 461 4.37 -9.38 36.71
N THR B 462 5.34 -8.55 36.36
CA THR B 462 5.23 -7.07 36.39
C THR B 462 5.14 -6.54 34.95
N VAL B 463 4.28 -5.56 34.76
CA VAL B 463 4.17 -4.87 33.44
C VAL B 463 4.24 -3.36 33.68
N TRP B 464 4.75 -2.61 32.70
CA TRP B 464 4.74 -1.14 32.76
C TRP B 464 3.79 -0.61 31.69
N ILE B 465 2.96 0.32 32.08
CA ILE B 465 2.12 1.10 31.13
C ILE B 465 2.55 2.56 31.25
N ILE B 466 2.95 3.17 30.15
CA ILE B 466 3.41 4.58 30.13
C ILE B 466 2.30 5.38 29.45
N GLY B 467 1.76 6.37 30.14
CA GLY B 467 0.69 7.15 29.50
C GLY B 467 0.19 8.26 30.38
N GLU B 468 -0.78 9.01 29.88
CA GLU B 468 -1.37 10.10 30.67
C GLU B 468 -2.82 10.31 30.22
N HIS B 469 -2.99 10.86 29.02
CA HIS B 469 -4.34 11.25 28.51
C HIS B 469 -5.24 10.09 28.09
N LEU B 470 -4.71 8.94 27.70
CA LEU B 470 -5.58 7.84 27.16
C LEU B 470 -6.16 6.99 28.30
N VAL B 471 -6.92 7.61 29.19
CA VAL B 471 -7.38 6.96 30.45
C VAL B 471 -8.20 5.70 30.20
N ASP B 472 -9.14 5.68 29.25
CA ASP B 472 -9.97 4.47 29.12
C ASP B 472 -9.12 3.29 28.65
N TYR B 473 -8.18 3.57 27.73
CA TYR B 473 -7.29 2.54 27.14
C TYR B 473 -6.30 2.06 28.21
N LEU B 474 -5.74 2.95 28.99
CA LEU B 474 -4.76 2.58 30.05
C LEU B 474 -5.49 1.71 31.07
N ALA B 475 -6.70 2.09 31.42
CA ALA B 475 -7.51 1.45 32.48
C ALA B 475 -7.87 0.05 32.04
N GLU B 476 -8.36 -0.09 30.81
CA GLU B 476 -8.81 -1.41 30.32
C GLU B 476 -7.59 -2.32 30.16
N THR B 477 -6.44 -1.80 29.78
CA THR B 477 -5.22 -2.61 29.62
C THR B 477 -4.73 -3.06 31.03
N ALA B 478 -4.65 -2.14 31.98
CA ALA B 478 -4.26 -2.47 33.38
C ALA B 478 -5.21 -3.56 33.88
N ARG B 479 -6.51 -3.37 33.67
CA ARG B 479 -7.54 -4.37 34.07
C ARG B 479 -7.24 -5.71 33.41
N ALA B 480 -7.02 -5.75 32.09
CA ALA B 480 -6.79 -7.01 31.38
C ALA B 480 -5.56 -7.73 31.96
N PHE B 481 -4.46 -7.02 32.21
CA PHE B 481 -3.24 -7.63 32.77
C PHE B 481 -3.55 -8.19 34.18
N ILE B 482 -4.20 -7.43 35.03
CA ILE B 482 -4.38 -7.78 36.47
C ILE B 482 -5.49 -8.83 36.58
N GLU B 483 -6.63 -8.60 35.96
CA GLU B 483 -7.84 -9.41 36.21
C GLU B 483 -7.80 -10.64 35.30
N ASP B 484 -7.44 -10.48 34.04
CA ASP B 484 -7.54 -11.57 33.05
C ASP B 484 -6.23 -12.35 33.00
N CYS B 485 -5.06 -11.71 33.17
CA CYS B 485 -3.74 -12.39 33.03
C CYS B 485 -3.03 -12.60 34.40
N HIS B 486 -3.56 -12.05 35.48
CA HIS B 486 -3.11 -12.29 36.88
C HIS B 486 -1.72 -11.74 37.09
N ALA B 487 -1.37 -10.65 36.41
CA ALA B 487 -0.11 -9.95 36.67
C ALA B 487 -0.15 -9.49 38.14
N ALA B 488 0.99 -9.55 38.83
CA ALA B 488 1.14 -9.11 40.24
C ALA B 488 1.20 -7.57 40.33
N ASN B 489 1.78 -6.88 39.34
CA ASN B 489 2.03 -5.43 39.49
C ASN B 489 1.99 -4.77 38.11
N VAL B 490 1.13 -3.79 37.96
CA VAL B 490 1.13 -2.85 36.81
C VAL B 490 1.69 -1.53 37.30
N VAL B 491 2.88 -1.17 36.82
CA VAL B 491 3.52 0.15 37.12
C VAL B 491 2.99 1.13 36.06
N LEU B 492 2.14 2.05 36.48
CA LEU B 492 1.56 3.10 35.59
C LEU B 492 2.48 4.34 35.69
N ILE B 493 3.32 4.56 34.68
CA ILE B 493 4.31 5.67 34.61
C ILE B 493 3.61 6.84 33.92
N THR B 494 3.33 7.92 34.68
CA THR B 494 2.53 9.06 34.18
C THR B 494 3.36 10.33 34.22
N ARG B 495 2.87 11.37 33.56
CA ARG B 495 3.46 12.71 33.67
C ARG B 495 3.01 13.36 34.99
N THR B 496 1.78 13.10 35.47
CA THR B 496 1.17 13.73 36.67
C THR B 496 0.50 12.71 37.61
N ALA B 497 0.41 13.03 38.91
CA ALA B 497 -0.37 12.24 39.88
C ALA B 497 -1.82 12.14 39.43
N GLU B 498 -2.31 13.23 38.86
CA GLU B 498 -3.71 13.35 38.38
C GLU B 498 -3.98 12.29 37.31
N GLY B 499 -3.04 12.11 36.39
CA GLY B 499 -3.13 11.08 35.34
C GLY B 499 -3.23 9.68 35.93
N PHE B 500 -2.46 9.39 36.98
CA PHE B 500 -2.55 8.10 37.70
C PHE B 500 -3.95 7.93 38.31
N ASP B 501 -4.41 8.95 39.04
CA ASP B 501 -5.70 8.93 39.79
C ASP B 501 -6.85 8.66 38.84
N ALA B 502 -6.83 9.29 37.65
CA ALA B 502 -7.91 9.12 36.65
C ALA B 502 -7.98 7.65 36.22
N VAL B 503 -6.85 6.95 36.04
CA VAL B 503 -6.91 5.53 35.59
C VAL B 503 -7.37 4.66 36.76
N GLU B 504 -6.80 4.90 37.93
CA GLU B 504 -7.13 4.11 39.16
C GLU B 504 -8.65 4.18 39.44
N ALA B 505 -9.24 5.36 39.28
CA ALA B 505 -10.67 5.60 39.53
C ALA B 505 -11.52 4.72 38.60
N GLN B 506 -10.98 4.26 37.47
CA GLN B 506 -11.77 3.44 36.51
C GLN B 506 -11.66 1.96 36.82
N LEU B 507 -10.88 1.57 37.84
CA LEU B 507 -10.70 0.13 38.14
C LEU B 507 -11.50 -0.19 39.39
N ASP B 508 -12.04 -1.41 39.49
CA ASP B 508 -12.59 -1.99 40.75
C ASP B 508 -11.50 -1.93 41.83
N GLU B 509 -11.88 -1.69 43.09
CA GLU B 509 -10.95 -1.55 44.23
C GLU B 509 -10.01 -2.78 44.31
N ASP B 510 -10.51 -4.00 44.11
CA ASP B 510 -9.63 -5.21 44.20
C ASP B 510 -8.57 -5.16 43.10
N VAL B 511 -8.92 -4.80 41.85
CA VAL B 511 -7.92 -4.73 40.76
C VAL B 511 -6.93 -3.61 41.04
N ALA B 512 -7.40 -2.49 41.59
CA ALA B 512 -6.56 -1.29 41.83
C ALA B 512 -5.45 -1.61 42.84
N GLN B 513 -5.61 -2.65 43.67
CA GLN B 513 -4.54 -2.92 44.68
C GLN B 513 -3.29 -3.46 43.97
N SER B 514 -3.34 -3.79 42.69
CA SER B 514 -2.14 -4.25 41.93
C SER B 514 -1.62 -3.14 40.99
N LEU B 515 -2.09 -1.91 41.13
CA LEU B 515 -1.60 -0.76 40.32
C LEU B 515 -0.64 0.07 41.16
N THR B 516 0.55 0.32 40.64
CA THR B 516 1.61 1.11 41.27
C THR B 516 1.82 2.40 40.48
N SER B 517 1.97 3.53 41.17
CA SER B 517 2.19 4.86 40.53
C SER B 517 3.67 5.19 40.50
N LEU B 518 4.16 5.60 39.35
CA LEU B 518 5.45 6.31 39.25
C LEU B 518 5.24 7.54 38.35
N VAL B 519 5.41 8.71 38.92
CA VAL B 519 5.27 9.98 38.16
C VAL B 519 6.64 10.42 37.69
N VAL B 520 6.75 10.73 36.41
CA VAL B 520 8.05 11.16 35.82
C VAL B 520 8.50 12.43 36.56
N SER B 521 9.76 12.48 36.96
CA SER B 521 10.29 13.67 37.67
C SER B 521 11.33 14.40 36.81
N SER B 522 12.06 13.67 35.97
CA SER B 522 13.02 14.28 35.02
C SER B 522 12.63 13.85 33.60
N ASP B 523 13.14 12.71 33.15
CA ASP B 523 12.82 12.15 31.81
C ASP B 523 12.34 10.71 31.95
N ILE B 524 11.74 10.21 30.88
CA ILE B 524 11.13 8.86 30.86
C ILE B 524 12.22 7.79 31.11
N GLU B 525 13.43 7.97 30.62
CA GLU B 525 14.51 6.96 30.82
C GLU B 525 14.83 6.89 32.32
N ALA B 526 14.93 8.03 33.00
CA ALA B 526 15.14 8.10 34.45
C ALA B 526 13.99 7.39 35.17
N ALA B 527 12.73 7.61 34.76
CA ALA B 527 11.54 6.98 35.38
C ALA B 527 11.60 5.47 35.13
N MET B 528 12.04 5.02 33.97
CA MET B 528 12.17 3.58 33.67
C MET B 528 13.33 2.98 34.54
N ASP B 529 14.47 3.66 34.66
CA ASP B 529 15.55 3.24 35.58
C ASP B 529 15.01 3.11 37.00
N GLU B 530 14.19 4.06 37.44
CA GLU B 530 13.66 4.10 38.82
C GLU B 530 12.63 2.96 38.99
N ALA B 531 11.76 2.71 38.03
CA ALA B 531 10.80 1.59 38.07
C ALA B 531 11.56 0.27 38.19
N LEU B 532 12.63 0.10 37.40
CA LEU B 532 13.41 -1.15 37.33
C LEU B 532 14.07 -1.35 38.72
N SER B 533 14.69 -0.29 39.22
CA SER B 533 15.34 -0.26 40.57
C SER B 533 14.34 -0.63 41.66
N GLN B 534 13.13 -0.07 41.65
CA GLN B 534 12.13 -0.22 42.75
C GLN B 534 11.38 -1.56 42.66
N TRP B 535 10.82 -1.93 41.51
CA TRP B 535 9.86 -3.06 41.43
C TRP B 535 10.31 -4.16 40.48
N GLY B 536 11.50 -4.04 39.88
CA GLY B 536 12.08 -5.13 39.12
C GLY B 536 11.78 -5.15 37.62
N ARG B 537 12.16 -6.26 37.01
CA ARG B 537 12.16 -6.39 35.54
C ARG B 537 10.76 -6.58 35.01
N PRO B 538 10.30 -5.74 34.06
CA PRO B 538 8.98 -5.90 33.46
C PRO B 538 8.96 -6.99 32.39
N THR B 539 7.83 -7.66 32.21
CA THR B 539 7.59 -8.65 31.16
C THR B 539 7.02 -7.98 29.90
N THR B 540 6.30 -6.87 30.09
CA THR B 540 5.61 -6.13 29.01
C THR B 540 5.80 -4.65 29.35
N ILE B 541 6.18 -3.87 28.36
CA ILE B 541 6.12 -2.38 28.40
C ILE B 541 5.19 -1.90 27.29
N LEU B 542 4.12 -1.19 27.67
CA LEU B 542 3.21 -0.52 26.74
C LEU B 542 3.58 0.97 26.77
N SER B 543 3.98 1.52 25.65
CA SER B 543 4.33 2.95 25.52
C SER B 543 3.17 3.66 24.82
N THR B 544 2.54 4.65 25.49
CA THR B 544 1.53 5.55 24.90
C THR B 544 1.98 6.99 25.09
N PRO B 545 1.55 7.89 24.17
CA PRO B 545 1.94 9.29 24.25
C PRO B 545 1.27 9.92 25.48
N PHE B 546 1.99 10.83 26.11
CA PHE B 546 1.49 11.58 27.27
C PHE B 546 0.42 12.60 26.84
N THR B 547 0.48 13.12 25.61
CA THR B 547 -0.32 14.29 25.23
C THR B 547 -1.18 13.95 24.03
N ALA B 548 -2.36 14.54 23.96
CA ALA B 548 -3.29 14.43 22.81
C ALA B 548 -2.73 15.26 21.66
N LEU B 549 -3.03 14.87 20.44
CA LEU B 549 -2.67 15.66 19.26
C LEU B 549 -3.44 16.98 19.26
N PRO B 550 -2.82 18.01 18.69
CA PRO B 550 -3.52 19.28 18.43
C PRO B 550 -4.55 19.13 17.31
N GLY B 551 -5.53 20.02 17.34
CA GLY B 551 -6.63 20.03 16.37
C GLY B 551 -6.49 21.10 15.34
N LYS B 552 -5.29 21.27 14.77
CA LYS B 552 -5.06 22.34 13.78
C LYS B 552 -3.83 22.02 12.94
N LEU B 553 -3.75 22.69 11.81
CA LEU B 553 -2.60 22.48 10.89
C LEU B 553 -2.30 23.79 10.15
N PHE B 554 -2.98 24.07 9.03
CA PHE B 554 -2.67 25.26 8.18
C PHE B 554 -3.72 26.39 8.30
N GLU B 555 -4.68 26.29 9.22
CA GLU B 555 -5.79 27.29 9.34
C GLU B 555 -5.20 28.69 9.55
N ALA B 556 -5.61 29.68 8.76
CA ALA B 556 -5.10 31.08 8.88
C ALA B 556 -5.34 31.62 10.30
N GLN B 557 -6.50 31.30 10.87
CA GLN B 557 -6.86 31.83 12.20
C GLN B 557 -5.90 31.34 13.29
N ASP B 558 -5.58 30.06 13.29
CA ASP B 558 -4.76 29.46 14.37
C ASP B 558 -4.03 28.23 13.81
N PRO B 559 -2.92 28.40 13.07
CA PRO B 559 -2.23 27.27 12.50
C PRO B 559 -1.33 26.56 13.51
N LEU B 560 -0.98 25.31 13.22
CA LEU B 560 0.05 24.59 14.00
C LEU B 560 1.40 25.25 13.72
N THR B 561 2.00 25.89 14.71
CA THR B 561 3.29 26.58 14.51
C THR B 561 4.41 25.54 14.41
N PRO B 562 5.57 25.92 13.86
CA PRO B 562 6.67 24.96 13.79
C PRO B 562 7.12 24.49 15.16
N ASP B 563 7.06 25.33 16.19
CA ASP B 563 7.40 24.90 17.58
C ASP B 563 6.38 23.83 18.04
N GLU B 564 5.08 24.03 17.80
CA GLU B 564 4.00 23.08 18.15
C GLU B 564 4.22 21.78 17.35
N PHE B 565 4.63 21.84 16.10
CA PHE B 565 4.86 20.61 15.31
C PHE B 565 6.05 19.85 15.89
N ARG B 566 7.11 20.58 16.24
CA ARG B 566 8.30 20.01 16.87
C ARG B 566 7.88 19.28 18.16
N GLU B 567 6.95 19.83 18.94
CA GLU B 567 6.40 19.18 20.16
C GLU B 567 5.63 17.90 19.80
N VAL B 568 4.87 17.92 18.71
CA VAL B 568 4.08 16.75 18.23
C VAL B 568 5.08 15.62 17.97
N VAL B 569 6.20 15.95 17.32
CA VAL B 569 7.28 14.97 16.99
C VAL B 569 7.87 14.46 18.30
N ALA B 570 8.22 15.37 19.23
CA ALA B 570 8.76 15.00 20.55
C ALA B 570 7.81 14.04 21.27
N ASP B 571 6.53 14.36 21.34
CA ASP B 571 5.53 13.65 22.16
C ASP B 571 5.14 12.32 21.53
N ASN B 572 5.20 12.23 20.20
CA ASN B 572 4.66 11.05 19.47
C ASN B 572 5.71 10.18 18.75
N LEU B 573 6.93 10.68 18.59
CA LEU B 573 7.98 9.86 17.95
C LEU B 573 9.16 9.74 18.91
N THR B 574 9.72 10.86 19.33
CA THR B 574 10.91 10.84 20.23
C THR B 574 10.55 10.11 21.53
N HIS B 575 9.36 10.34 22.03
CA HIS B 575 8.91 9.66 23.27
C HIS B 575 9.09 8.14 23.16
N HIS B 576 8.64 7.56 22.06
CA HIS B 576 8.66 6.11 21.87
C HIS B 576 10.10 5.66 21.71
N PHE B 577 10.93 6.42 21.00
CA PHE B 577 12.40 6.17 20.90
C PHE B 577 13.05 6.12 22.30
N ARG B 578 12.72 7.09 23.15
CA ARG B 578 13.29 7.20 24.51
C ARG B 578 12.88 5.99 25.36
N VAL B 579 11.63 5.52 25.28
CA VAL B 579 11.19 4.29 25.97
C VAL B 579 11.92 3.07 25.36
N SER B 580 11.93 2.96 24.03
CA SER B 580 12.53 1.83 23.27
C SER B 580 13.98 1.62 23.59
N ARG B 581 14.75 2.69 23.76
CA ARG B 581 16.20 2.57 23.88
C ARG B 581 16.53 1.92 25.23
N ARG B 582 15.65 1.99 26.23
CA ARG B 582 15.81 1.20 27.49
C ARG B 582 15.16 -0.19 27.38
N ALA B 583 13.89 -0.24 26.95
CA ALA B 583 13.11 -1.49 26.85
C ALA B 583 13.82 -2.55 26.00
N SER B 584 14.58 -2.15 24.98
CA SER B 584 15.29 -3.08 24.07
C SER B 584 16.46 -3.78 24.76
N LEU B 585 16.82 -3.35 25.95
CA LEU B 585 17.93 -3.94 26.76
C LEU B 585 17.42 -4.86 27.86
N TYR B 586 16.14 -5.19 27.89
CA TYR B 586 15.52 -5.95 29.00
C TYR B 586 15.21 -7.39 28.59
N ASP B 587 15.87 -8.36 29.20
CA ASP B 587 15.62 -9.79 28.91
C ASP B 587 14.16 -10.12 29.19
N ASP B 588 13.59 -10.96 28.33
CA ASP B 588 12.25 -11.57 28.49
C ASP B 588 11.18 -10.48 28.53
N CYS B 589 11.43 -9.33 27.95
CA CYS B 589 10.42 -8.23 27.91
C CYS B 589 9.89 -8.11 26.45
N GLN B 590 8.62 -7.76 26.30
CA GLN B 590 7.99 -7.43 24.99
C GLN B 590 7.64 -5.94 25.02
N LEU B 591 7.93 -5.22 23.94
CA LEU B 591 7.68 -3.78 23.87
C LEU B 591 6.53 -3.52 22.91
N VAL B 592 5.61 -2.66 23.32
CA VAL B 592 4.42 -2.34 22.52
C VAL B 592 4.34 -0.82 22.38
N LEU B 593 4.32 -0.32 21.16
CA LEU B 593 4.26 1.14 20.94
C LEU B 593 2.88 1.52 20.44
N THR B 594 2.31 2.62 20.93
CA THR B 594 0.93 3.00 20.61
C THR B 594 0.96 4.34 19.86
N SER B 595 0.39 4.38 18.69
CA SER B 595 0.20 5.66 17.95
C SER B 595 -1.11 6.32 18.39
N PRO B 596 -1.31 7.59 18.00
CA PRO B 596 -2.34 8.42 18.63
C PRO B 596 -3.78 8.05 18.37
N ASP B 597 -4.66 8.42 19.30
N ASP B 597 -4.60 8.53 19.29
CA ASP B 597 -6.12 8.37 19.09
CA ASP B 597 -6.07 8.48 19.26
C ASP B 597 -6.60 9.74 18.59
C ASP B 597 -6.61 9.80 18.68
N VAL B 598 -7.86 9.79 18.23
CA VAL B 598 -8.60 11.03 17.86
C VAL B 598 -9.93 10.98 18.60
N ALA B 599 -10.28 12.05 19.33
CA ALA B 599 -11.54 12.09 20.11
C ALA B 599 -12.74 11.82 19.20
N MET B 600 -13.70 11.05 19.67
CA MET B 600 -14.93 10.75 18.90
C MET B 600 -15.61 12.05 18.48
N GLY B 601 -16.05 12.13 17.24
CA GLY B 601 -16.75 13.30 16.69
C GLY B 601 -15.82 14.42 16.26
N ASP B 602 -14.52 14.33 16.50
CA ASP B 602 -13.59 15.39 16.05
C ASP B 602 -13.56 15.48 14.53
N LYS B 603 -13.47 16.67 13.97
CA LYS B 603 -13.46 16.89 12.50
C LYS B 603 -12.29 17.78 12.08
N SER B 604 -11.25 17.80 12.89
CA SER B 604 -10.05 18.65 12.75
C SER B 604 -8.97 17.91 11.98
N PRO B 605 -7.84 18.57 11.74
CA PRO B 605 -6.67 17.87 11.24
C PRO B 605 -5.97 16.90 12.21
N ALA B 606 -6.49 16.67 13.42
CA ALA B 606 -5.93 15.67 14.35
C ALA B 606 -5.89 14.29 13.67
N PHE B 607 -6.89 13.97 12.88
CA PHE B 607 -7.00 12.66 12.19
C PHE B 607 -5.83 12.52 11.20
N ALA B 608 -5.55 13.57 10.42
CA ALA B 608 -4.39 13.66 9.49
C ALA B 608 -3.10 13.49 10.28
N LEU B 609 -2.93 14.21 11.38
CA LEU B 609 -1.75 14.12 12.26
C LEU B 609 -1.59 12.70 12.83
N ALA B 610 -2.68 12.02 13.18
CA ALA B 610 -2.59 10.67 13.76
C ALA B 610 -2.09 9.70 12.67
N ASN B 611 -2.59 9.84 11.45
CA ASN B 611 -2.13 8.98 10.31
C ASN B 611 -0.67 9.29 9.94
N PHE B 612 -0.24 10.53 10.04
CA PHE B 612 1.16 10.97 9.85
C PHE B 612 2.05 10.23 10.86
N ILE B 613 1.65 10.28 12.13
CA ILE B 613 2.40 9.54 13.17
C ILE B 613 2.37 8.03 12.91
N LYS B 614 1.22 7.43 12.62
CA LYS B 614 1.14 5.97 12.40
C LYS B 614 2.18 5.54 11.35
N THR B 615 2.27 6.26 10.24
CA THR B 615 3.20 5.92 9.14
C THR B 615 4.64 6.08 9.63
N THR B 616 4.90 7.17 10.27
CA THR B 616 6.28 7.54 10.64
C THR B 616 6.76 6.61 11.75
N LEU B 617 5.92 6.33 12.72
CA LEU B 617 6.31 5.40 13.82
C LEU B 617 6.54 4.00 13.25
N HIS B 618 5.80 3.58 12.22
CA HIS B 618 6.00 2.23 11.62
C HIS B 618 7.43 2.05 11.10
N ALA B 619 8.06 3.07 10.54
CA ALA B 619 9.48 3.04 10.13
C ALA B 619 10.32 2.67 11.36
N PHE B 620 10.03 3.29 12.50
CA PHE B 620 10.76 3.02 13.77
C PHE B 620 10.56 1.58 14.24
N THR B 621 9.31 1.12 14.31
CA THR B 621 8.91 -0.21 14.78
C THR B 621 9.59 -1.27 13.91
N ALA B 622 9.47 -1.15 12.59
CA ALA B 622 10.06 -2.08 11.62
C ALA B 622 11.57 -2.14 11.83
N THR B 623 12.22 -1.00 11.96
CA THR B 623 13.71 -0.97 12.06
C THR B 623 14.13 -1.58 13.41
N LEU B 624 13.50 -1.14 14.48
CA LEU B 624 13.86 -1.62 15.83
C LEU B 624 13.61 -3.13 15.96
N ALA B 625 12.57 -3.67 15.34
CA ALA B 625 12.27 -5.13 15.44
C ALA B 625 13.47 -5.93 14.86
N VAL B 626 14.04 -5.46 13.76
CA VAL B 626 15.22 -6.09 13.11
C VAL B 626 16.48 -5.89 13.95
N GLU B 627 16.74 -4.69 14.47
CA GLU B 627 17.91 -4.47 15.32
C GLU B 627 17.83 -5.37 16.55
N ASN B 628 16.64 -5.48 17.16
CA ASN B 628 16.54 -6.15 18.47
C ASN B 628 16.81 -7.64 18.28
N GLU B 629 16.51 -8.20 17.12
CA GLU B 629 16.76 -9.65 16.88
C GLU B 629 18.26 -9.89 16.80
N ARG B 630 19.06 -8.87 16.51
CA ARG B 630 20.53 -9.00 16.46
C ARG B 630 21.16 -8.86 17.85
N LEU B 631 20.43 -8.32 18.81
CA LEU B 631 20.91 -8.13 20.20
C LEU B 631 20.61 -9.39 20.98
N VAL B 632 21.43 -9.65 22.00
CA VAL B 632 21.29 -10.83 22.88
C VAL B 632 19.92 -10.81 23.60
N HIS B 633 19.37 -9.62 23.93
CA HIS B 633 18.08 -9.46 24.65
C HIS B 633 16.89 -9.85 23.76
N ASP B 634 16.95 -9.71 22.45
CA ASP B 634 15.95 -10.29 21.52
C ASP B 634 14.54 -9.73 21.81
N VAL B 635 14.42 -8.46 22.13
CA VAL B 635 13.11 -7.87 22.56
C VAL B 635 12.22 -7.66 21.33
N PRO B 636 11.06 -8.29 21.28
CA PRO B 636 10.07 -8.01 20.26
C PRO B 636 9.47 -6.61 20.43
N VAL B 637 9.20 -5.97 19.31
CA VAL B 637 8.48 -4.67 19.33
C VAL B 637 7.42 -4.74 18.24
N ASN B 638 6.24 -4.30 18.62
CA ASN B 638 5.04 -4.23 17.77
C ASN B 638 4.35 -2.91 18.06
N GLN B 639 3.59 -2.44 17.08
CA GLN B 639 2.87 -1.15 17.17
C GLN B 639 1.37 -1.41 17.11
N ILE B 640 0.61 -0.70 17.93
CA ILE B 640 -0.87 -0.71 17.88
C ILE B 640 -1.32 0.72 17.57
N ASN B 641 -2.28 0.81 16.68
CA ASN B 641 -2.76 2.13 16.19
C ASN B 641 -4.16 2.35 16.74
N LEU B 642 -4.34 3.51 17.36
CA LEU B 642 -5.61 3.94 17.93
C LEU B 642 -6.45 4.78 16.95
N THR B 643 -5.97 5.03 15.75
CA THR B 643 -6.74 5.73 14.69
C THR B 643 -6.80 4.85 13.45
N ARG B 644 -7.97 4.77 12.84
CA ARG B 644 -8.17 3.98 11.60
C ARG B 644 -7.79 4.87 10.41
N ARG B 645 -7.67 4.26 9.23
CA ARG B 645 -7.19 4.97 8.03
C ARG B 645 -8.31 5.83 7.47
N VAL B 646 -9.54 5.43 7.67
CA VAL B 646 -10.74 6.08 7.08
C VAL B 646 -11.56 6.70 8.22
N GLN B 647 -11.77 8.00 8.16
CA GLN B 647 -12.33 8.77 9.31
C GLN B 647 -13.76 8.35 9.58
N SER B 648 -14.52 7.99 8.55
CA SER B 648 -15.93 7.53 8.69
C SER B 648 -15.96 6.17 9.39
N GLU B 649 -14.86 5.41 9.42
CA GLU B 649 -14.85 4.12 10.13
C GLU B 649 -14.44 4.28 11.60
N GLU B 650 -14.06 5.47 12.04
CA GLU B 650 -13.77 5.76 13.46
C GLU B 650 -15.02 5.46 14.27
N PRO B 651 -14.89 4.94 15.51
CA PRO B 651 -16.04 4.79 16.41
C PRO B 651 -16.90 6.08 16.50
N ARG B 652 -18.21 5.90 16.37
CA ARG B 652 -19.09 7.10 16.24
C ARG B 652 -20.10 7.16 17.39
N ASP B 653 -20.13 6.21 18.30
CA ASP B 653 -21.03 6.23 19.47
C ASP B 653 -20.37 5.46 20.61
N LEU B 654 -20.98 5.42 21.77
CA LEU B 654 -20.37 4.86 22.98
C LEU B 654 -20.13 3.35 22.81
N ASP B 655 -21.08 2.57 22.27
CA ASP B 655 -20.88 1.12 22.05
C ASP B 655 -19.59 0.91 21.24
N GLU B 656 -19.38 1.70 20.20
CA GLU B 656 -18.22 1.50 19.28
C GLU B 656 -16.94 1.89 20.05
N HIS B 657 -16.99 2.95 20.84
CA HIS B 657 -15.85 3.37 21.69
C HIS B 657 -15.50 2.27 22.68
N LEU B 658 -16.48 1.66 23.35
CA LEU B 658 -16.17 0.62 24.37
C LEU B 658 -15.60 -0.61 23.64
N GLU B 659 -16.10 -0.93 22.44
CA GLU B 659 -15.63 -2.04 21.59
C GLU B 659 -14.15 -1.80 21.28
N GLU B 660 -13.79 -0.58 20.89
CA GLU B 660 -12.40 -0.24 20.51
C GLU B 660 -11.49 -0.36 21.74
N VAL B 661 -11.92 0.18 22.88
CA VAL B 661 -11.14 0.12 24.16
C VAL B 661 -10.87 -1.34 24.50
N ARG B 662 -11.86 -2.24 24.36
CA ARG B 662 -11.67 -3.67 24.62
C ARG B 662 -10.71 -4.28 23.58
N ARG B 663 -10.88 -3.94 22.29
CA ARG B 663 -10.01 -4.47 21.22
C ARG B 663 -8.56 -4.02 21.51
N PHE B 664 -8.37 -2.78 21.96
CA PHE B 664 -7.01 -2.26 22.22
C PHE B 664 -6.31 -3.16 23.24
N ALA B 665 -6.96 -3.46 24.36
CA ALA B 665 -6.34 -4.30 25.43
C ALA B 665 -6.09 -5.71 24.88
N ARG B 666 -6.95 -6.25 24.02
CA ARG B 666 -6.72 -7.57 23.39
C ARG B 666 -5.48 -7.56 22.52
N ALA B 667 -5.29 -6.48 21.77
CA ALA B 667 -4.12 -6.32 20.89
C ALA B 667 -2.86 -6.21 21.75
N VAL B 668 -2.89 -5.48 22.85
CA VAL B 668 -1.73 -5.38 23.76
C VAL B 668 -1.37 -6.76 24.27
N LEU B 669 -2.33 -7.56 24.69
CA LEU B 669 -2.06 -8.93 25.19
C LEU B 669 -1.49 -9.77 24.06
N LEU B 670 -2.05 -9.67 22.84
CA LEU B 670 -1.58 -10.44 21.66
C LEU B 670 -0.10 -10.21 21.37
N VAL B 671 0.42 -8.98 21.43
CA VAL B 671 1.86 -8.73 21.16
C VAL B 671 2.67 -8.50 22.45
N GLY B 672 2.02 -8.44 23.60
CA GLY B 672 2.68 -8.16 24.89
C GLY B 672 2.98 -9.41 25.70
N ALA B 673 2.13 -10.44 25.59
CA ALA B 673 2.27 -11.69 26.37
C ALA B 673 3.50 -12.42 25.83
N PRO B 674 4.26 -13.18 26.64
CA PRO B 674 5.41 -13.94 26.12
C PRO B 674 5.04 -14.73 24.86
N LEU B 675 5.85 -14.61 23.80
CA LEU B 675 5.47 -15.11 22.45
C LEU B 675 5.60 -16.64 22.39
N PRO B 676 4.81 -17.33 21.53
CA PRO B 676 4.99 -18.76 21.30
C PRO B 676 6.31 -18.99 20.55
N ASP B 677 6.69 -20.26 20.29
CA ASP B 677 8.01 -20.66 19.70
C ASP B 677 8.18 -20.12 18.27
N ALA B 678 9.33 -19.48 17.99
CA ALA B 678 9.72 -18.97 16.65
C ALA B 678 10.16 -20.14 15.76
N GLU B 679 10.66 -21.23 16.37
CA GLU B 679 11.04 -22.52 15.74
C GLU B 679 9.76 -23.26 15.31
N ASP B 680 8.66 -23.02 16.04
CA ASP B 680 7.29 -23.48 15.72
C ASP B 680 7.03 -23.28 14.21
N SER B 681 7.21 -22.06 13.69
CA SER B 681 6.78 -21.59 12.34
C SER B 681 7.57 -20.34 11.89
N ARG B 682 8.35 -20.45 10.82
CA ARG B 682 8.98 -19.30 10.12
C ARG B 682 7.92 -18.20 9.84
N TYR B 683 6.72 -18.55 9.35
CA TYR B 683 5.66 -17.57 8.99
C TYR B 683 5.16 -16.82 10.24
N ARG B 684 4.81 -17.54 11.31
CA ARG B 684 4.23 -16.97 12.56
C ARG B 684 5.31 -16.18 13.31
N ALA B 685 6.53 -16.70 13.40
CA ALA B 685 7.72 -16.01 13.97
C ALA B 685 7.79 -14.55 13.47
N ARG B 686 7.62 -14.38 12.16
CA ARG B 686 7.74 -13.09 11.43
C ARG B 686 6.58 -12.14 11.80
N ILE B 687 5.37 -12.66 11.98
CA ILE B 687 4.16 -11.81 12.19
C ILE B 687 4.26 -11.00 13.51
N TYR B 688 4.99 -11.51 14.52
CA TYR B 688 5.06 -10.98 15.91
C TYR B 688 6.29 -10.10 16.13
N ARG B 689 6.97 -9.69 15.07
CA ARG B 689 8.06 -8.72 15.21
C ARG B 689 7.82 -7.63 14.17
N GLY B 690 7.60 -6.42 14.65
CA GLY B 690 7.57 -5.22 13.81
C GLY B 690 6.23 -5.04 13.15
N MET B 691 5.18 -5.64 13.69
CA MET B 691 3.84 -5.46 13.09
C MET B 691 3.30 -4.07 13.49
N SER B 692 2.37 -3.57 12.67
CA SER B 692 1.56 -2.38 12.96
C SER B 692 0.10 -2.82 12.85
N MET B 693 -0.61 -2.87 13.97
CA MET B 693 -1.97 -3.45 14.08
C MET B 693 -2.93 -2.36 14.53
N THR B 694 -3.97 -2.11 13.73
CA THR B 694 -5.01 -1.10 13.97
C THR B 694 -6.22 -1.78 14.63
N VAL B 695 -6.79 -1.14 15.65
CA VAL B 695 -7.94 -1.71 16.39
C VAL B 695 -9.20 -0.89 16.06
C1 GOL C . -11.02 -12.40 -21.28
O1 GOL C . -9.84 -11.89 -21.92
C2 GOL C . -11.08 -13.92 -21.33
O2 GOL C . -12.18 -14.40 -20.52
C3 GOL C . -11.20 -14.40 -22.75
O3 GOL C . -11.30 -15.82 -22.84
S SO4 D . -26.75 -18.09 -18.69
O1 SO4 D . -25.53 -18.35 -18.01
O2 SO4 D . -27.64 -19.20 -18.46
O3 SO4 D . -27.33 -16.91 -18.19
O4 SO4 D . -26.53 -17.97 -20.08
S SO4 E . -36.13 6.18 -21.10
O1 SO4 E . -36.16 6.87 -19.81
O2 SO4 E . -35.70 4.82 -20.90
O3 SO4 E . -35.20 6.84 -21.99
O4 SO4 E . -37.45 6.18 -21.73
S SO4 F . 17.42 9.31 -23.16
O1 SO4 F . 18.25 9.93 -22.15
O2 SO4 F . 17.20 7.92 -22.84
O3 SO4 F . 16.17 10.03 -23.24
O4 SO4 F . 18.08 9.36 -24.45
S SO4 G . -50.26 -10.59 1.99
O1 SO4 G . -50.22 -11.84 2.70
O2 SO4 G . -50.85 -9.56 2.80
O3 SO4 G . -51.03 -10.77 0.78
O4 SO4 G . -48.92 -10.20 1.66
S SO4 H . -15.44 5.91 -17.91
O1 SO4 H . -14.91 5.44 -16.64
O2 SO4 H . -16.87 6.16 -17.82
O3 SO4 H . -14.81 7.16 -18.27
O4 SO4 H . -15.18 4.94 -18.93
C1 GOL I . 12.78 17.70 19.26
O1 GOL I . 12.10 18.05 20.46
C2 GOL I . 12.27 16.39 18.68
O2 GOL I . 12.49 15.29 19.58
C3 GOL I . 12.97 16.13 17.37
O3 GOL I . 12.57 17.08 16.37
S SO4 J . 21.38 7.97 29.31
O1 SO4 J . 21.95 6.76 29.80
O2 SO4 J . 19.96 7.84 29.23
O3 SO4 J . 21.94 8.27 28.01
O4 SO4 J . 21.67 9.05 30.20
S SO4 K . 2.31 26.47 -15.38
O1 SO4 K . 3.56 25.88 -14.95
O2 SO4 K . 1.37 26.57 -14.30
O3 SO4 K . 1.76 25.65 -16.41
O4 SO4 K . 2.59 27.78 -15.90
S SO4 L . 22.69 7.82 3.22
O1 SO4 L . 23.97 7.44 3.78
O2 SO4 L . 21.71 6.74 3.32
O3 SO4 L . 22.21 8.94 3.97
O4 SO4 L . 22.87 8.15 1.83
S SO4 M . 40.03 1.19 12.74
O1 SO4 M . 39.05 1.37 13.79
O2 SO4 M . 39.83 -0.10 12.12
O3 SO4 M . 41.37 1.24 13.30
O4 SO4 M . 39.88 2.23 11.76
S SO4 N . 32.90 -21.75 33.30
O1 SO4 N . 33.09 -21.23 34.64
O2 SO4 N . 32.07 -22.90 33.33
O3 SO4 N . 32.26 -20.74 32.52
O4 SO4 N . 34.18 -22.10 32.71
S SO4 O . -16.14 -7.05 21.98
O1 SO4 O . -15.61 -6.95 23.32
O2 SO4 O . -16.31 -8.45 21.65
O3 SO4 O . -17.39 -6.35 21.90
O4 SO4 O . -15.20 -6.45 21.05
S SO4 P . 25.16 21.51 2.10
O1 SO4 P . 24.22 22.10 2.97
O2 SO4 P . 25.41 20.20 2.53
O3 SO4 P . 26.38 22.23 2.14
O4 SO4 P . 24.63 21.50 0.77
#